data_5GJA
#
_entry.id   5GJA
#
_cell.length_a   69.455
_cell.length_b   95.343
_cell.length_c   95.892
_cell.angle_alpha   90.06
_cell.angle_beta   89.48
_cell.angle_gamma   89.99
#
_symmetry.space_group_name_H-M   'P 1'
#
loop_
_entity.id
_entity.type
_entity.pdbx_description
1 polymer '1-aminocyclopropane-1-carboxylate oxidase 2'
2 non-polymer 'ZINC ION'
3 non-polymer 'PYRIDINE-2-CARBOXYLIC ACID'
4 water water
#
_entity_poly.entity_id   1
_entity_poly.type   'polypeptide(L)'
_entity_poly.pdbx_seq_one_letter_code
;MEKNMKFPVVDLSKLNGEERDQTMALINEACENWGFFEIVNHGLPHDLMDKIEKMTKDHYKTCQEQKFNDMLKSKGLDNL
ETEVEDVDWESTFYVRHLPQSNLNDISDVSDEYRTAMKDFGKRLENLAEDLLDLLCENLGLEKGYLKKVFHGTKGPTFGT
KVSNYPPCPKPEMIKGLRAHTDAGGIILLFQDDKVSGLQLLKDGDWIDVPPLNHSIVINLGDQLEVITNGKYKSVLHRVV
TQQEGNRMSVASFYNPGSDAEISPATSLVEKDSEYPSFVFDDYMKLYAGVKFQPKEPRFAAMK
;
_entity_poly.pdbx_strand_id   A,B,C,D,E,F,G,H
#
loop_
_chem_comp.id
_chem_comp.type
_chem_comp.name
_chem_comp.formula
6PC non-polymer 'PYRIDINE-2-CARBOXYLIC ACID' 'C6 H5 N O2'
ZN non-polymer 'ZINC ION' 'Zn 2'
#
# COMPACT_ATOMS: atom_id res chain seq x y z
N MET A 5 -16.66 -10.61 -21.20
CA MET A 5 -16.78 -9.33 -21.88
C MET A 5 -17.44 -9.44 -23.26
N LYS A 6 -18.19 -10.53 -23.45
CA LYS A 6 -18.99 -10.67 -24.66
C LYS A 6 -20.29 -9.87 -24.48
N PHE A 7 -20.63 -9.10 -25.51
CA PHE A 7 -21.85 -8.32 -25.45
C PHE A 7 -23.06 -9.25 -25.33
N PRO A 8 -23.98 -8.99 -24.41
CA PRO A 8 -25.09 -9.93 -24.18
C PRO A 8 -26.10 -9.99 -25.33
N VAL A 9 -26.35 -11.20 -25.82
CA VAL A 9 -27.40 -11.48 -26.80
C VAL A 9 -28.37 -12.48 -26.18
N VAL A 10 -29.64 -12.10 -26.07
CA VAL A 10 -30.66 -12.91 -25.40
C VAL A 10 -31.64 -13.44 -26.44
N ASP A 11 -31.89 -14.75 -26.38
CA ASP A 11 -32.84 -15.41 -27.27
C ASP A 11 -34.20 -15.45 -26.56
N LEU A 12 -35.12 -14.57 -26.99
CA LEU A 12 -36.39 -14.47 -26.27
C LEU A 12 -37.29 -15.68 -26.50
N SER A 13 -37.05 -16.46 -27.56
CA SER A 13 -37.86 -17.65 -27.76
C SER A 13 -37.58 -18.69 -26.68
N LYS A 14 -36.45 -18.59 -26.00
CA LYS A 14 -36.16 -19.56 -24.95
C LYS A 14 -36.92 -19.26 -23.67
N LEU A 15 -37.80 -18.25 -23.68
CA LEU A 15 -38.67 -18.05 -22.54
C LEU A 15 -39.91 -18.94 -22.60
N ASN A 16 -40.15 -19.61 -23.73
CA ASN A 16 -41.40 -20.31 -23.96
C ASN A 16 -41.32 -21.77 -23.53
N GLY A 17 -40.24 -22.15 -22.88
CA GLY A 17 -39.85 -23.55 -22.78
C GLY A 17 -39.10 -23.82 -21.50
N GLU A 18 -38.40 -24.95 -21.47
CA GLU A 18 -37.70 -25.37 -20.26
C GLU A 18 -36.55 -24.44 -19.87
N GLU A 19 -36.07 -23.59 -20.78
CA GLU A 19 -34.92 -22.73 -20.50
C GLU A 19 -35.33 -21.33 -20.10
N ARG A 20 -36.56 -21.17 -19.59
CA ARG A 20 -37.02 -19.83 -19.28
C ARG A 20 -36.28 -19.26 -18.08
N ASP A 21 -35.99 -20.11 -17.08
CA ASP A 21 -35.24 -19.65 -15.90
C ASP A 21 -33.85 -19.19 -16.27
N GLN A 22 -33.15 -19.97 -17.10
CA GLN A 22 -31.80 -19.60 -17.51
C GLN A 22 -31.81 -18.30 -18.31
N THR A 23 -32.81 -18.13 -19.16
CA THR A 23 -32.94 -16.91 -19.95
C THR A 23 -33.22 -15.70 -19.06
N MET A 24 -34.14 -15.85 -18.10
CA MET A 24 -34.44 -14.74 -17.19
C MET A 24 -33.19 -14.32 -16.42
N ALA A 25 -32.40 -15.28 -15.97
CA ALA A 25 -31.16 -14.98 -15.26
C ALA A 25 -30.18 -14.21 -16.16
N LEU A 26 -30.11 -14.56 -17.45
CA LEU A 26 -29.24 -13.83 -18.38
C LEU A 26 -29.70 -12.40 -18.56
N ILE A 27 -31.02 -12.20 -18.71
CA ILE A 27 -31.58 -10.86 -18.83
C ILE A 27 -31.23 -10.04 -17.60
N ASN A 28 -31.35 -10.64 -16.42
CA ASN A 28 -31.08 -9.91 -15.18
C ASN A 28 -29.61 -9.54 -15.06
N GLU A 29 -28.71 -10.43 -15.50
CA GLU A 29 -27.29 -10.10 -15.46
C GLU A 29 -26.96 -8.94 -16.39
N ALA A 30 -27.56 -8.92 -17.59
CA ALA A 30 -27.33 -7.81 -18.52
C ALA A 30 -27.87 -6.50 -17.94
N CYS A 31 -29.03 -6.55 -17.29
CA CYS A 31 -29.59 -5.32 -16.69
C CYS A 31 -28.69 -4.77 -15.59
N GLU A 32 -28.07 -5.64 -14.80
CA GLU A 32 -27.22 -5.18 -13.71
C GLU A 32 -25.86 -4.71 -14.19
N ASN A 33 -25.28 -5.41 -15.17
CA ASN A 33 -23.87 -5.24 -15.47
C ASN A 33 -23.59 -4.55 -16.78
N TRP A 34 -24.53 -4.54 -17.71
CA TRP A 34 -24.35 -3.89 -18.99
C TRP A 34 -25.25 -2.69 -19.21
N GLY A 35 -26.50 -2.75 -18.72
CA GLY A 35 -27.49 -1.74 -19.02
C GLY A 35 -27.99 -1.77 -20.43
N PHE A 36 -27.47 -2.67 -21.25
CA PHE A 36 -27.80 -2.86 -22.65
C PHE A 36 -27.88 -4.36 -22.90
N PHE A 37 -28.73 -4.77 -23.82
CA PHE A 37 -28.59 -6.13 -24.36
C PHE A 37 -29.34 -6.20 -25.69
N GLU A 38 -28.91 -7.14 -26.52
CA GLU A 38 -29.58 -7.43 -27.78
C GLU A 38 -30.54 -8.59 -27.58
N ILE A 39 -31.67 -8.55 -28.27
CA ILE A 39 -32.63 -9.65 -28.25
C ILE A 39 -32.79 -10.17 -29.67
N VAL A 40 -32.90 -11.50 -29.78
CA VAL A 40 -33.22 -12.19 -31.02
C VAL A 40 -34.48 -13.02 -30.81
N ASN A 41 -35.12 -13.40 -31.92
CA ASN A 41 -36.37 -14.16 -31.91
C ASN A 41 -37.40 -13.46 -31.02
N HIS A 42 -37.55 -12.17 -31.28
CA HIS A 42 -38.35 -11.25 -30.47
C HIS A 42 -39.79 -11.11 -30.92
N GLY A 43 -40.17 -11.75 -32.02
CA GLY A 43 -41.53 -11.68 -32.51
C GLY A 43 -41.83 -10.59 -33.50
N LEU A 44 -40.89 -9.70 -33.79
CA LEU A 44 -41.21 -8.71 -34.83
C LEU A 44 -40.90 -9.30 -36.21
N PRO A 45 -41.84 -9.22 -37.15
CA PRO A 45 -41.63 -9.88 -38.45
C PRO A 45 -40.39 -9.35 -39.15
N HIS A 46 -39.55 -10.28 -39.62
CA HIS A 46 -38.31 -9.87 -40.26
C HIS A 46 -38.58 -9.07 -41.52
N ASP A 47 -39.72 -9.33 -42.18
CA ASP A 47 -40.05 -8.56 -43.36
C ASP A 47 -40.47 -7.13 -43.02
N LEU A 48 -41.09 -6.93 -41.85
CA LEU A 48 -41.40 -5.56 -41.45
C LEU A 48 -40.13 -4.78 -41.10
N MET A 49 -39.19 -5.41 -40.39
CA MET A 49 -37.90 -4.75 -40.14
C MET A 49 -37.20 -4.39 -41.45
N ASP A 50 -37.24 -5.29 -42.45
CA ASP A 50 -36.57 -5.00 -43.71
C ASP A 50 -37.19 -3.80 -44.41
N LYS A 51 -38.53 -3.67 -44.37
CA LYS A 51 -39.17 -2.52 -45.01
C LYS A 51 -38.88 -1.22 -44.27
N ILE A 52 -38.97 -1.25 -42.95
CA ILE A 52 -38.59 -0.07 -42.16
C ILE A 52 -37.18 0.36 -42.52
N GLU A 53 -36.25 -0.59 -42.56
CA GLU A 53 -34.87 -0.22 -42.86
C GLU A 53 -34.76 0.38 -44.26
N LYS A 54 -35.34 -0.30 -45.25
CA LYS A 54 -35.32 0.20 -46.62
C LYS A 54 -35.95 1.59 -46.72
N MET A 55 -37.13 1.77 -46.15
CA MET A 55 -37.81 3.06 -46.28
C MET A 55 -37.13 4.15 -45.46
N THR A 56 -36.53 3.81 -44.32
CA THR A 56 -35.77 4.80 -43.58
C THR A 56 -34.59 5.28 -44.41
N LYS A 57 -33.83 4.34 -44.99
CA LYS A 57 -32.65 4.71 -45.76
C LYS A 57 -33.03 5.49 -47.02
N ASP A 58 -34.13 5.13 -47.68
CA ASP A 58 -34.51 5.88 -48.87
C ASP A 58 -35.08 7.25 -48.51
N HIS A 59 -35.74 7.38 -47.35
CA HIS A 59 -36.22 8.70 -46.95
C HIS A 59 -35.07 9.62 -46.57
N TYR A 60 -33.98 9.08 -46.02
CA TYR A 60 -32.80 9.91 -45.83
C TYR A 60 -32.31 10.46 -47.16
N LYS A 61 -32.10 9.58 -48.13
CA LYS A 61 -31.49 9.94 -49.41
C LYS A 61 -32.33 10.96 -50.17
N THR A 62 -33.65 10.82 -50.14
CA THR A 62 -34.49 11.73 -50.91
C THR A 62 -34.85 13.00 -50.13
N CYS A 63 -35.02 12.91 -48.82
CA CYS A 63 -35.59 14.03 -48.10
C CYS A 63 -34.67 14.61 -47.03
N GLN A 64 -33.81 13.81 -46.39
CA GLN A 64 -33.00 14.33 -45.29
C GLN A 64 -31.60 14.71 -45.72
N GLU A 65 -31.05 14.07 -46.75
CA GLU A 65 -29.63 14.26 -47.06
C GLU A 65 -29.36 15.68 -47.53
N GLN A 66 -30.25 16.24 -48.35
CA GLN A 66 -30.09 17.64 -48.76
C GLN A 66 -30.16 18.57 -47.57
N LYS A 67 -31.08 18.32 -46.63
CA LYS A 67 -31.16 19.16 -45.43
C LYS A 67 -29.90 19.04 -44.59
N PHE A 68 -29.33 17.83 -44.51
CA PHE A 68 -28.15 17.63 -43.68
C PHE A 68 -26.95 18.39 -44.24
N ASN A 69 -26.67 18.25 -45.53
CA ASN A 69 -25.64 19.07 -46.16
C ASN A 69 -25.92 20.55 -45.98
N ASP A 70 -27.18 20.96 -46.10
CA ASP A 70 -27.53 22.35 -45.84
C ASP A 70 -27.41 22.71 -44.37
N MET A 71 -27.50 21.73 -43.46
CA MET A 71 -27.28 22.07 -42.06
C MET A 71 -25.82 22.38 -41.81
N LEU A 72 -24.91 21.57 -42.34
CA LEU A 72 -23.48 21.85 -42.20
C LEU A 72 -23.14 23.22 -42.74
N LYS A 73 -23.61 23.51 -43.96
CA LYS A 73 -23.35 24.80 -44.59
C LYS A 73 -23.70 25.96 -43.66
N SER A 74 -24.84 25.86 -42.96
CA SER A 74 -25.28 26.96 -42.12
C SER A 74 -24.45 27.08 -40.85
N LYS A 75 -23.88 25.96 -40.38
CA LYS A 75 -23.04 25.95 -39.18
C LYS A 75 -21.55 25.89 -39.52
N GLY A 76 -21.20 25.90 -40.80
CA GLY A 76 -19.80 25.87 -41.19
C GLY A 76 -19.08 24.61 -40.76
N LEU A 77 -19.79 23.48 -40.74
CA LEU A 77 -19.18 22.19 -40.47
C LEU A 77 -18.76 21.46 -41.74
N ASP A 78 -18.65 22.18 -42.85
CA ASP A 78 -17.94 21.64 -44.01
C ASP A 78 -16.47 21.44 -43.70
N ASN A 79 -15.93 22.22 -42.78
CA ASN A 79 -14.50 22.30 -42.54
C ASN A 79 -14.27 21.94 -41.08
N LEU A 80 -13.95 20.66 -40.86
CA LEU A 80 -13.64 20.14 -39.52
C LEU A 80 -12.17 20.45 -39.18
N GLU A 81 -11.89 21.74 -39.00
CA GLU A 81 -10.55 22.15 -38.61
C GLU A 81 -10.21 21.73 -37.18
N THR A 82 -11.19 21.73 -36.28
CA THR A 82 -10.93 21.44 -34.88
C THR A 82 -12.11 20.68 -34.30
N GLU A 83 -11.90 20.14 -33.09
CA GLU A 83 -12.88 19.27 -32.47
C GLU A 83 -14.16 20.05 -32.17
N VAL A 84 -15.28 19.42 -32.49
CA VAL A 84 -16.61 19.95 -32.24
C VAL A 84 -17.20 19.13 -31.10
N GLU A 85 -17.45 19.78 -29.97
CA GLU A 85 -17.95 19.08 -28.79
C GLU A 85 -19.40 19.43 -28.47
N ASP A 86 -20.02 20.30 -29.26
CA ASP A 86 -21.34 20.84 -28.95
C ASP A 86 -22.34 20.60 -30.07
N VAL A 87 -22.00 19.77 -31.04
CA VAL A 87 -22.88 19.43 -32.14
C VAL A 87 -22.81 17.93 -32.36
N ASP A 88 -23.94 17.36 -32.76
CA ASP A 88 -24.03 15.94 -33.11
C ASP A 88 -24.05 15.82 -34.63
N TRP A 89 -23.21 14.93 -35.16
CA TRP A 89 -23.14 14.65 -36.60
C TRP A 89 -24.27 13.66 -36.91
N GLU A 90 -25.49 14.21 -37.01
CA GLU A 90 -26.69 13.41 -36.92
C GLU A 90 -27.82 14.05 -37.72
N SER A 91 -28.58 13.21 -38.39
CA SER A 91 -29.78 13.61 -39.12
C SER A 91 -30.96 12.84 -38.53
N THR A 92 -31.96 13.57 -38.04
CA THR A 92 -33.03 12.95 -37.25
C THR A 92 -34.38 13.61 -37.51
N PHE A 93 -35.44 12.82 -37.32
CA PHE A 93 -36.76 13.34 -37.03
C PHE A 93 -37.40 12.44 -36.00
N TYR A 94 -38.43 12.94 -35.34
CA TYR A 94 -39.08 12.26 -34.24
C TYR A 94 -40.54 11.98 -34.56
N VAL A 95 -41.00 10.79 -34.20
CA VAL A 95 -42.39 10.36 -34.36
C VAL A 95 -42.98 10.12 -32.98
N ARG A 96 -44.03 10.85 -32.65
CA ARG A 96 -44.76 10.63 -31.40
C ARG A 96 -45.91 9.64 -31.63
N HIS A 97 -45.93 8.55 -30.85
CA HIS A 97 -47.04 7.61 -30.92
C HIS A 97 -48.05 7.82 -29.79
N LEU A 98 -47.57 7.91 -28.56
CA LEU A 98 -48.42 8.08 -27.37
C LEU A 98 -47.89 9.17 -26.46
N PRO A 99 -48.78 9.89 -25.77
CA PRO A 99 -50.24 9.67 -25.71
C PRO A 99 -50.98 10.12 -26.96
N GLN A 100 -50.35 10.96 -27.79
CA GLN A 100 -51.01 11.49 -28.97
C GLN A 100 -50.10 11.31 -30.17
N SER A 101 -50.60 10.67 -31.20
CA SER A 101 -49.79 10.36 -32.37
C SER A 101 -49.74 11.60 -33.26
N ASN A 102 -48.55 11.93 -33.75
CA ASN A 102 -48.41 12.95 -34.78
C ASN A 102 -47.97 12.35 -36.11
N LEU A 103 -48.09 11.03 -36.25
CA LEU A 103 -47.60 10.35 -37.45
C LEU A 103 -48.22 10.92 -38.72
N ASN A 104 -49.54 11.20 -38.69
CA ASN A 104 -50.22 11.73 -39.87
C ASN A 104 -49.97 13.22 -40.07
N ASP A 105 -49.02 13.79 -39.33
CA ASP A 105 -48.70 15.20 -39.45
C ASP A 105 -47.30 15.45 -39.97
N ILE A 106 -46.46 14.42 -40.04
CA ILE A 106 -45.16 14.54 -40.72
C ILE A 106 -45.41 14.56 -42.22
N SER A 107 -45.03 15.66 -42.87
CA SER A 107 -45.45 15.93 -44.24
C SER A 107 -44.71 15.10 -45.29
N ASP A 108 -43.42 14.83 -45.06
CA ASP A 108 -42.53 14.33 -46.10
C ASP A 108 -42.38 12.81 -46.11
N VAL A 109 -43.28 12.08 -45.46
CA VAL A 109 -43.21 10.63 -45.42
C VAL A 109 -44.29 10.05 -46.31
N SER A 110 -43.98 8.92 -46.94
CA SER A 110 -44.97 8.28 -47.79
C SER A 110 -46.01 7.56 -46.93
N ASP A 111 -47.17 7.31 -47.55
CA ASP A 111 -48.23 6.56 -46.89
C ASP A 111 -47.76 5.16 -46.48
N GLU A 112 -46.96 4.52 -47.32
CA GLU A 112 -46.44 3.20 -46.99
C GLU A 112 -45.47 3.26 -45.81
N TYR A 113 -44.62 4.28 -45.76
CA TYR A 113 -43.72 4.43 -44.61
C TYR A 113 -44.52 4.73 -43.34
N ARG A 114 -45.52 5.59 -43.44
CA ARG A 114 -46.33 5.94 -42.29
C ARG A 114 -47.10 4.72 -41.77
N THR A 115 -47.62 3.90 -42.68
CA THR A 115 -48.34 2.69 -42.25
C THR A 115 -47.39 1.68 -41.62
N ALA A 116 -46.22 1.47 -42.21
CA ALA A 116 -45.26 0.56 -41.59
C ALA A 116 -44.78 1.09 -40.24
N MET A 117 -44.57 2.40 -40.13
CA MET A 117 -44.09 2.96 -38.87
C MET A 117 -45.12 2.77 -37.76
N LYS A 118 -46.42 2.93 -38.10
CA LYS A 118 -47.48 2.74 -37.11
C LYS A 118 -47.52 1.28 -36.64
N ASP A 119 -47.35 0.34 -37.58
CA ASP A 119 -47.38 -1.08 -37.25
C ASP A 119 -46.15 -1.46 -36.42
N PHE A 120 -44.98 -0.96 -36.84
CA PHE A 120 -43.74 -1.22 -36.13
C PHE A 120 -43.81 -0.71 -34.70
N GLY A 121 -44.29 0.52 -34.52
CA GLY A 121 -44.35 1.10 -33.18
C GLY A 121 -45.30 0.37 -32.26
N LYS A 122 -46.45 -0.07 -32.81
CA LYS A 122 -47.38 -0.83 -31.99
C LYS A 122 -46.75 -2.14 -31.52
N ARG A 123 -46.05 -2.84 -32.41
CA ARG A 123 -45.41 -4.08 -31.97
C ARG A 123 -44.31 -3.79 -30.96
N LEU A 124 -43.58 -2.68 -31.14
CA LEU A 124 -42.52 -2.36 -30.19
C LEU A 124 -43.10 -1.94 -28.85
N GLU A 125 -44.25 -1.27 -28.86
CA GLU A 125 -44.88 -0.91 -27.59
C GLU A 125 -45.31 -2.15 -26.83
N ASN A 126 -45.86 -3.13 -27.54
CA ASN A 126 -46.21 -4.40 -26.90
C ASN A 126 -44.97 -5.14 -26.42
N LEU A 127 -43.87 -5.07 -27.19
CA LEU A 127 -42.66 -5.73 -26.75
C LEU A 127 -42.03 -4.99 -25.55
N ALA A 128 -42.11 -3.66 -25.52
CA ALA A 128 -41.63 -2.91 -24.35
C ALA A 128 -42.35 -3.35 -23.09
N GLU A 129 -43.67 -3.47 -23.15
CA GLU A 129 -44.41 -3.88 -21.97
C GLU A 129 -44.13 -5.33 -21.61
N ASP A 130 -43.89 -6.21 -22.59
CA ASP A 130 -43.50 -7.56 -22.25
C ASP A 130 -42.16 -7.57 -21.50
N LEU A 131 -41.20 -6.76 -21.98
CA LEU A 131 -39.89 -6.70 -21.33
C LEU A 131 -39.98 -6.09 -19.93
N LEU A 132 -40.80 -5.05 -19.75
CA LEU A 132 -40.96 -4.49 -18.41
C LEU A 132 -41.48 -5.53 -17.45
N ASP A 133 -42.34 -6.44 -17.92
CA ASP A 133 -42.83 -7.48 -17.04
C ASP A 133 -41.74 -8.50 -16.69
N LEU A 134 -40.79 -8.75 -17.60
CA LEU A 134 -39.67 -9.62 -17.26
C LEU A 134 -38.79 -8.96 -16.18
N LEU A 135 -38.53 -7.66 -16.32
CA LEU A 135 -37.81 -6.94 -15.28
C LEU A 135 -38.53 -7.05 -13.93
N CYS A 136 -39.86 -6.86 -13.93
CA CYS A 136 -40.63 -6.99 -12.68
C CYS A 136 -40.40 -8.34 -12.03
N GLU A 137 -40.47 -9.41 -12.82
CA GLU A 137 -40.24 -10.74 -12.27
C GLU A 137 -38.83 -10.85 -11.70
N ASN A 138 -37.83 -10.39 -12.45
CA ASN A 138 -36.44 -10.47 -11.98
C ASN A 138 -36.20 -9.62 -10.74
N LEU A 139 -36.90 -8.48 -10.60
CA LEU A 139 -36.77 -7.58 -9.45
C LEU A 139 -37.61 -8.00 -8.25
N GLY A 140 -38.45 -9.02 -8.39
CA GLY A 140 -39.36 -9.38 -7.32
C GLY A 140 -40.58 -8.49 -7.18
N LEU A 141 -40.89 -7.70 -8.19
CA LEU A 141 -42.08 -6.85 -8.19
C LEU A 141 -43.28 -7.59 -8.79
N GLU A 142 -44.47 -7.10 -8.46
CA GLU A 142 -45.70 -7.66 -8.99
C GLU A 142 -45.80 -7.44 -10.49
N LYS A 143 -46.40 -8.40 -11.19
CA LYS A 143 -46.67 -8.26 -12.62
C LYS A 143 -47.41 -6.95 -12.90
N GLY A 144 -46.95 -6.24 -13.93
CA GLY A 144 -47.54 -4.97 -14.28
C GLY A 144 -47.12 -3.79 -13.43
N TYR A 145 -46.23 -4.00 -12.45
CA TYR A 145 -45.85 -2.90 -11.56
C TYR A 145 -45.29 -1.72 -12.34
N LEU A 146 -44.35 -1.98 -13.26
CA LEU A 146 -43.71 -0.87 -13.96
C LEU A 146 -44.67 -0.22 -14.96
N LYS A 147 -45.51 -1.03 -15.63
CA LYS A 147 -46.49 -0.43 -16.53
C LYS A 147 -47.45 0.48 -15.75
N LYS A 148 -47.84 0.07 -14.54
CA LYS A 148 -48.75 0.86 -13.72
C LYS A 148 -48.09 2.17 -13.28
N VAL A 149 -46.85 2.08 -12.80
CA VAL A 149 -46.08 3.27 -12.46
C VAL A 149 -45.95 4.22 -13.65
N PHE A 150 -45.72 3.68 -14.85
CA PHE A 150 -45.50 4.54 -16.01
C PHE A 150 -46.78 5.20 -16.52
N HIS A 151 -47.96 4.78 -16.07
CA HIS A 151 -49.18 5.20 -16.76
C HIS A 151 -49.51 6.66 -16.51
N GLY A 152 -49.33 7.15 -15.29
CA GLY A 152 -49.73 8.53 -15.04
C GLY A 152 -51.23 8.69 -15.25
N THR A 153 -51.63 9.83 -15.80
CA THR A 153 -53.03 10.05 -16.12
C THR A 153 -53.39 9.63 -17.55
N LYS A 154 -52.58 9.96 -18.54
CA LYS A 154 -52.95 9.67 -19.92
C LYS A 154 -52.22 8.47 -20.53
N GLY A 155 -51.54 7.66 -19.72
CA GLY A 155 -50.80 6.53 -20.23
C GLY A 155 -49.34 6.89 -20.47
N PRO A 156 -48.54 5.89 -20.84
CA PRO A 156 -47.10 6.12 -21.07
C PRO A 156 -46.89 7.08 -22.24
N THR A 157 -45.70 7.66 -22.29
CA THR A 157 -45.24 8.39 -23.47
C THR A 157 -44.39 7.47 -24.35
N PHE A 158 -44.71 7.39 -25.64
CA PHE A 158 -44.00 6.48 -26.54
C PHE A 158 -43.76 7.21 -27.85
N GLY A 159 -42.48 7.30 -28.26
CA GLY A 159 -42.10 7.96 -29.49
C GLY A 159 -40.90 7.26 -30.10
N THR A 160 -40.64 7.59 -31.36
CA THR A 160 -39.57 6.93 -32.11
C THR A 160 -38.66 7.97 -32.72
N LYS A 161 -37.36 7.86 -32.45
CA LYS A 161 -36.36 8.73 -33.04
C LYS A 161 -35.74 8.00 -34.23
N VAL A 162 -35.93 8.55 -35.44
CA VAL A 162 -35.44 7.95 -36.67
C VAL A 162 -34.21 8.75 -37.09
N SER A 163 -33.02 8.16 -36.97
CA SER A 163 -31.78 8.88 -37.20
C SER A 163 -30.91 8.20 -38.25
N ASN A 164 -30.11 9.01 -38.93
CA ASN A 164 -29.02 8.55 -39.77
C ASN A 164 -27.74 9.29 -39.38
N TYR A 165 -26.62 8.57 -39.39
CA TYR A 165 -25.30 9.12 -39.10
C TYR A 165 -24.50 9.05 -40.38
N PRO A 166 -24.54 10.09 -41.21
CA PRO A 166 -23.92 10.04 -42.54
C PRO A 166 -22.40 10.00 -42.41
N PRO A 167 -21.72 9.62 -43.48
CA PRO A 167 -20.25 9.59 -43.45
C PRO A 167 -19.69 10.95 -43.04
N CYS A 168 -18.60 10.91 -42.29
CA CYS A 168 -17.96 12.11 -41.82
C CYS A 168 -16.50 12.09 -42.27
N PRO A 169 -16.03 13.07 -43.03
CA PRO A 169 -14.62 13.05 -43.48
C PRO A 169 -13.61 12.92 -42.35
N LYS A 170 -13.85 13.56 -41.20
CA LYS A 170 -12.89 13.59 -40.09
C LYS A 170 -13.59 13.16 -38.80
N PRO A 171 -13.77 11.85 -38.60
CA PRO A 171 -14.57 11.39 -37.45
C PRO A 171 -14.00 11.77 -36.11
N GLU A 172 -12.68 11.92 -36.00
CA GLU A 172 -12.07 12.25 -34.73
C GLU A 172 -12.41 13.67 -34.27
N MET A 173 -13.01 14.48 -35.13
CA MET A 173 -13.41 15.84 -34.78
C MET A 173 -14.80 15.94 -34.19
N ILE A 174 -15.72 15.01 -34.48
CA ILE A 174 -17.10 15.19 -34.07
C ILE A 174 -17.76 13.84 -33.85
N LYS A 175 -18.66 13.77 -32.87
CA LYS A 175 -19.37 12.53 -32.61
C LYS A 175 -20.66 12.54 -33.42
N GLY A 176 -21.13 11.33 -33.78
CA GLY A 176 -22.47 11.21 -34.31
C GLY A 176 -23.50 11.60 -33.27
N LEU A 177 -23.24 11.22 -32.02
CA LEU A 177 -24.10 11.62 -30.90
C LEU A 177 -23.28 11.56 -29.61
N ARG A 178 -23.23 12.66 -28.89
CA ARG A 178 -22.36 12.76 -27.73
C ARG A 178 -22.82 11.81 -26.62
N ALA A 179 -21.88 11.48 -25.73
CA ALA A 179 -22.18 10.57 -24.64
C ALA A 179 -23.28 11.14 -23.75
N HIS A 180 -24.21 10.28 -23.34
CA HIS A 180 -25.34 10.64 -22.51
C HIS A 180 -25.95 9.35 -21.96
N THR A 181 -26.80 9.50 -20.95
CA THR A 181 -27.72 8.45 -20.56
C THR A 181 -29.13 8.88 -21.00
N ASP A 182 -29.99 7.90 -21.23
CA ASP A 182 -31.36 8.19 -21.65
C ASP A 182 -32.22 8.50 -20.44
N ALA A 183 -33.14 9.46 -20.61
CA ALA A 183 -33.93 10.00 -19.50
C ALA A 183 -35.02 9.04 -19.06
N GLY A 184 -35.50 8.19 -19.98
CA GLY A 184 -36.78 7.52 -19.82
C GLY A 184 -36.76 6.13 -19.21
N GLY A 185 -37.66 5.27 -19.70
CA GLY A 185 -37.82 3.96 -19.10
C GLY A 185 -37.01 2.89 -19.80
N ILE A 186 -37.54 2.39 -20.91
CA ILE A 186 -36.89 1.33 -21.65
C ILE A 186 -36.80 1.76 -23.11
N ILE A 187 -35.65 1.54 -23.73
CA ILE A 187 -35.36 2.00 -25.08
C ILE A 187 -35.15 0.78 -25.96
N LEU A 188 -35.84 0.73 -27.09
CA LEU A 188 -35.82 -0.42 -27.99
C LEU A 188 -35.33 0.07 -29.34
N LEU A 189 -34.14 -0.38 -29.73
CA LEU A 189 -33.42 0.16 -30.88
C LEU A 189 -33.30 -0.88 -31.99
N PHE A 190 -33.77 -0.51 -33.19
CA PHE A 190 -33.49 -1.21 -34.44
C PHE A 190 -32.40 -0.42 -35.18
N GLN A 191 -31.17 -0.93 -35.16
CA GLN A 191 -30.04 -0.21 -35.73
C GLN A 191 -29.53 -0.92 -36.99
N ASP A 192 -28.75 -0.20 -37.77
CA ASP A 192 -28.08 -0.73 -38.95
C ASP A 192 -27.44 -2.09 -38.65
N ASP A 193 -27.61 -3.03 -39.57
CA ASP A 193 -26.99 -4.33 -39.39
C ASP A 193 -25.61 -4.44 -40.04
N LYS A 194 -25.17 -3.40 -40.75
CA LYS A 194 -23.84 -3.38 -41.36
C LYS A 194 -22.92 -2.32 -40.76
N VAL A 195 -23.43 -1.11 -40.57
CA VAL A 195 -22.63 0.05 -40.18
C VAL A 195 -22.64 0.18 -38.67
N SER A 196 -21.49 0.04 -38.02
CA SER A 196 -21.45 0.16 -36.57
C SER A 196 -21.35 1.63 -36.14
N GLY A 197 -21.37 1.86 -34.83
CA GLY A 197 -21.28 3.24 -34.36
C GLY A 197 -21.72 3.46 -32.93
N LEU A 198 -22.76 2.74 -32.49
CA LEU A 198 -23.25 2.86 -31.12
C LEU A 198 -22.29 2.14 -30.17
N GLN A 199 -21.88 2.82 -29.11
CA GLN A 199 -20.97 2.27 -28.11
C GLN A 199 -21.51 2.58 -26.72
N LEU A 200 -21.25 1.68 -25.77
CA LEU A 200 -21.59 1.93 -24.37
C LEU A 200 -20.30 1.93 -23.54
N LEU A 201 -20.37 2.59 -22.39
CA LEU A 201 -19.22 2.66 -21.50
C LEU A 201 -19.38 1.57 -20.45
N LYS A 202 -18.41 0.66 -20.38
CA LYS A 202 -18.44 -0.40 -19.38
C LYS A 202 -17.04 -0.59 -18.83
N ASP A 203 -16.92 -0.53 -17.51
CA ASP A 203 -15.65 -0.76 -16.82
C ASP A 203 -14.50 0.07 -17.40
N GLY A 204 -14.80 1.32 -17.75
CA GLY A 204 -13.76 2.24 -18.22
C GLY A 204 -13.31 2.06 -19.65
N ASP A 205 -14.10 1.38 -20.48
CA ASP A 205 -13.81 1.19 -21.91
C ASP A 205 -15.08 1.43 -22.71
N TRP A 206 -14.93 2.02 -23.90
CA TRP A 206 -16.05 2.09 -24.84
C TRP A 206 -16.21 0.75 -25.55
N ILE A 207 -17.42 0.19 -25.50
CA ILE A 207 -17.69 -1.13 -26.06
C ILE A 207 -18.69 -0.96 -27.21
N ASP A 208 -18.36 -1.50 -28.36
CA ASP A 208 -19.29 -1.42 -29.48
C ASP A 208 -20.51 -2.27 -29.20
N VAL A 209 -21.68 -1.74 -29.56
CA VAL A 209 -22.91 -2.53 -29.56
C VAL A 209 -22.99 -3.09 -30.97
N PRO A 210 -22.63 -4.37 -31.17
CA PRO A 210 -22.32 -4.88 -32.51
C PRO A 210 -23.57 -4.96 -33.37
N PRO A 211 -23.54 -4.45 -34.59
CA PRO A 211 -24.68 -4.64 -35.49
C PRO A 211 -24.98 -6.12 -35.68
N LEU A 212 -26.27 -6.47 -35.58
CA LEU A 212 -26.68 -7.87 -35.70
C LEU A 212 -28.03 -7.92 -36.41
N ASN A 213 -28.06 -8.64 -37.53
CA ASN A 213 -29.21 -8.60 -38.42
C ASN A 213 -30.48 -9.08 -37.70
N HIS A 214 -31.58 -8.36 -37.96
CA HIS A 214 -32.90 -8.57 -37.33
C HIS A 214 -32.84 -8.69 -35.81
N SER A 215 -31.97 -7.94 -35.16
CA SER A 215 -31.98 -7.89 -33.70
C SER A 215 -32.57 -6.57 -33.23
N ILE A 216 -32.96 -6.53 -31.97
CA ILE A 216 -33.36 -5.30 -31.29
C ILE A 216 -32.40 -5.05 -30.13
N VAL A 217 -31.89 -3.84 -30.02
CA VAL A 217 -31.04 -3.46 -28.89
C VAL A 217 -31.95 -2.85 -27.82
N ILE A 218 -31.83 -3.35 -26.60
CA ILE A 218 -32.58 -2.84 -25.45
C ILE A 218 -31.62 -2.10 -24.54
N ASN A 219 -32.04 -0.95 -24.02
CA ASN A 219 -31.31 -0.37 -22.91
C ASN A 219 -32.27 0.34 -21.97
N LEU A 220 -31.81 0.53 -20.74
CA LEU A 220 -32.63 1.09 -19.66
C LEU A 220 -32.26 2.54 -19.41
N GLY A 221 -33.27 3.36 -19.13
CA GLY A 221 -33.08 4.78 -18.91
C GLY A 221 -33.03 5.15 -17.43
N ASP A 222 -32.91 6.46 -17.20
CA ASP A 222 -32.74 6.99 -15.84
C ASP A 222 -33.90 6.62 -14.91
N GLN A 223 -35.14 6.53 -15.44
CA GLN A 223 -36.30 6.27 -14.60
C GLN A 223 -36.25 4.88 -13.99
N LEU A 224 -35.74 3.89 -14.73
CA LEU A 224 -35.62 2.55 -14.15
C LEU A 224 -34.49 2.48 -13.15
N GLU A 225 -33.45 3.33 -13.28
CA GLU A 225 -32.46 3.37 -12.22
C GLU A 225 -33.07 3.86 -10.93
N VAL A 226 -33.92 4.90 -11.00
CA VAL A 226 -34.62 5.37 -9.81
C VAL A 226 -35.49 4.26 -9.22
N ILE A 227 -36.33 3.63 -10.05
CA ILE A 227 -37.31 2.68 -9.53
C ILE A 227 -36.63 1.45 -8.94
N THR A 228 -35.52 0.99 -9.53
CA THR A 228 -34.82 -0.18 -8.99
C THR A 228 -33.86 0.18 -7.87
N ASN A 229 -33.85 1.44 -7.43
CA ASN A 229 -32.98 1.91 -6.35
C ASN A 229 -31.52 1.62 -6.68
N GLY A 230 -31.15 1.82 -7.95
CA GLY A 230 -29.79 1.65 -8.41
C GLY A 230 -29.40 0.25 -8.80
N LYS A 231 -30.29 -0.73 -8.67
CA LYS A 231 -29.92 -2.11 -9.02
C LYS A 231 -29.68 -2.23 -10.53
N TYR A 232 -30.48 -1.54 -11.35
CA TYR A 232 -30.26 -1.42 -12.79
C TYR A 232 -29.91 0.03 -13.09
N LYS A 233 -28.65 0.29 -13.47
CA LYS A 233 -28.24 1.67 -13.68
C LYS A 233 -28.40 2.02 -15.17
N SER A 234 -28.66 3.29 -15.42
CA SER A 234 -28.69 3.82 -16.78
C SER A 234 -27.26 4.06 -17.25
N VAL A 235 -26.88 3.50 -18.40
CA VAL A 235 -25.50 3.45 -18.85
C VAL A 235 -25.23 4.50 -19.91
N LEU A 236 -24.05 5.13 -19.83
CA LEU A 236 -23.60 6.09 -20.83
C LEU A 236 -23.34 5.41 -22.16
N HIS A 237 -23.75 6.10 -23.24
CA HIS A 237 -23.57 5.57 -24.57
C HIS A 237 -23.38 6.74 -25.52
N ARG A 238 -22.80 6.44 -26.68
CA ARG A 238 -22.55 7.46 -27.68
C ARG A 238 -22.64 6.81 -29.06
N VAL A 239 -22.67 7.64 -30.10
CA VAL A 239 -22.53 7.16 -31.48
C VAL A 239 -21.33 7.86 -32.10
N VAL A 240 -20.36 7.08 -32.57
CA VAL A 240 -19.20 7.62 -33.28
C VAL A 240 -19.44 7.54 -34.78
N THR A 241 -18.88 8.50 -35.50
CA THR A 241 -18.92 8.55 -36.95
C THR A 241 -17.78 7.72 -37.57
N GLN A 242 -17.86 7.54 -38.89
CA GLN A 242 -16.79 6.96 -39.70
C GLN A 242 -16.74 7.67 -41.03
N GLN A 243 -15.66 7.45 -41.77
CA GLN A 243 -15.45 8.17 -43.03
C GLN A 243 -16.38 7.70 -44.14
N GLU A 244 -16.76 6.42 -44.14
CA GLU A 244 -17.78 5.95 -45.07
C GLU A 244 -18.66 4.91 -44.37
N GLY A 245 -19.93 4.89 -44.77
CA GLY A 245 -20.96 4.18 -44.08
C GLY A 245 -21.93 5.17 -43.46
N ASN A 246 -23.22 4.94 -43.64
CA ASN A 246 -24.26 5.81 -43.12
C ASN A 246 -25.09 4.90 -42.19
N ARG A 247 -24.90 5.04 -40.87
CA ARG A 247 -25.58 4.14 -39.96
C ARG A 247 -27.02 4.60 -39.72
N MET A 248 -27.97 3.70 -39.95
CA MET A 248 -29.38 3.99 -39.69
C MET A 248 -29.71 3.63 -38.24
N SER A 249 -30.66 4.37 -37.66
CA SER A 249 -31.06 4.16 -36.27
C SER A 249 -32.54 4.47 -36.12
N VAL A 250 -33.33 3.47 -35.70
CA VAL A 250 -34.75 3.62 -35.41
C VAL A 250 -34.93 3.22 -33.95
N ALA A 251 -35.03 4.21 -33.06
CA ALA A 251 -35.01 4.00 -31.61
C ALA A 251 -36.31 4.46 -30.98
N SER A 252 -36.97 3.57 -30.25
CA SER A 252 -38.27 3.86 -29.65
C SER A 252 -38.11 3.96 -28.14
N PHE A 253 -38.72 4.98 -27.54
CA PHE A 253 -38.53 5.32 -26.13
C PHE A 253 -39.87 5.14 -25.40
N TYR A 254 -39.95 4.15 -24.52
CA TYR A 254 -41.14 3.91 -23.71
C TYR A 254 -40.93 4.58 -22.36
N ASN A 255 -41.62 5.71 -22.13
CA ASN A 255 -41.40 6.60 -20.98
C ASN A 255 -42.67 6.72 -20.14
N PRO A 256 -42.54 7.02 -18.84
CA PRO A 256 -43.74 7.27 -18.02
C PRO A 256 -44.52 8.45 -18.58
N GLY A 257 -45.81 8.46 -18.27
CA GLY A 257 -46.61 9.64 -18.56
C GLY A 257 -46.08 10.86 -17.84
N SER A 258 -46.43 12.03 -18.35
CA SER A 258 -45.84 13.27 -17.85
C SER A 258 -46.10 13.47 -16.37
N ASP A 259 -47.27 13.10 -15.86
CA ASP A 259 -47.58 13.32 -14.46
C ASP A 259 -47.42 12.05 -13.61
N ALA A 260 -46.70 11.06 -14.12
CA ALA A 260 -46.40 9.86 -13.35
C ALA A 260 -45.48 10.21 -12.18
N GLU A 261 -45.76 9.61 -11.02
CA GLU A 261 -44.91 9.73 -9.84
C GLU A 261 -43.87 8.61 -9.85
N ILE A 262 -42.59 9.00 -9.88
CA ILE A 262 -41.47 8.06 -9.97
C ILE A 262 -40.73 8.04 -8.64
N SER A 263 -40.53 6.86 -8.08
CA SER A 263 -39.80 6.72 -6.82
C SER A 263 -39.25 5.31 -6.74
N PRO A 264 -38.24 5.07 -5.90
CA PRO A 264 -37.73 3.71 -5.69
C PRO A 264 -38.81 2.79 -5.14
N ALA A 265 -38.98 1.63 -5.76
CA ALA A 265 -39.95 0.66 -5.30
C ALA A 265 -39.70 0.28 -3.85
N THR A 266 -40.79 0.26 -3.05
CA THR A 266 -40.66 0.15 -1.60
C THR A 266 -40.02 -1.16 -1.16
N SER A 267 -40.25 -2.25 -1.90
CA SER A 267 -39.65 -3.53 -1.52
C SER A 267 -38.16 -3.61 -1.81
N LEU A 268 -37.60 -2.67 -2.56
CA LEU A 268 -36.17 -2.63 -2.83
C LEU A 268 -35.42 -1.66 -1.94
N VAL A 269 -36.08 -1.07 -0.94
CA VAL A 269 -35.52 0.01 -0.13
C VAL A 269 -35.49 -0.49 1.31
N GLU A 270 -34.34 -1.04 1.72
CA GLU A 270 -34.15 -1.50 3.09
C GLU A 270 -33.54 -0.44 4.00
N LYS A 271 -32.92 0.59 3.43
CA LYS A 271 -32.45 1.75 4.18
C LYS A 271 -32.68 2.96 3.28
N ASP A 272 -32.46 4.16 3.82
CA ASP A 272 -32.81 5.36 3.06
C ASP A 272 -32.15 5.37 1.68
N SER A 273 -32.95 5.64 0.66
CA SER A 273 -32.48 5.67 -0.71
C SER A 273 -31.66 6.93 -0.99
N GLU A 274 -30.65 6.80 -1.85
CA GLU A 274 -29.98 7.99 -2.35
C GLU A 274 -30.72 8.64 -3.50
N TYR A 275 -31.77 7.98 -4.04
CA TYR A 275 -32.53 8.41 -5.20
C TYR A 275 -33.78 9.16 -4.79
N PRO A 276 -34.15 10.18 -5.57
CA PRO A 276 -35.29 11.02 -5.22
C PRO A 276 -36.62 10.40 -5.63
N SER A 277 -37.69 11.02 -5.14
CA SER A 277 -39.06 10.77 -5.59
C SER A 277 -39.60 12.06 -6.22
N PHE A 278 -40.14 11.95 -7.43
CA PHE A 278 -40.46 13.14 -8.20
C PHE A 278 -41.57 12.79 -9.20
N VAL A 279 -42.02 13.78 -9.96
CA VAL A 279 -42.96 13.60 -11.04
C VAL A 279 -42.17 13.65 -12.34
N PHE A 280 -42.46 12.73 -13.27
CA PHE A 280 -41.57 12.49 -14.41
C PHE A 280 -41.35 13.75 -15.23
N ASP A 281 -42.39 14.57 -15.43
CA ASP A 281 -42.23 15.72 -16.32
C ASP A 281 -41.24 16.74 -15.76
N ASP A 282 -41.09 16.82 -14.42
CA ASP A 282 -40.07 17.70 -13.86
C ASP A 282 -38.67 17.22 -14.20
N TYR A 283 -38.46 15.90 -14.16
CA TYR A 283 -37.19 15.35 -14.63
C TYR A 283 -36.96 15.66 -16.10
N MET A 284 -38.00 15.54 -16.94
CA MET A 284 -37.79 15.74 -18.37
C MET A 284 -37.51 17.18 -18.72
N LYS A 285 -38.21 18.13 -18.09
CA LYS A 285 -37.93 19.54 -18.34
C LYS A 285 -36.48 19.89 -18.02
N LEU A 286 -35.95 19.32 -16.94
CA LEU A 286 -34.55 19.58 -16.58
C LEU A 286 -33.63 18.88 -17.57
N TYR A 287 -33.91 17.61 -17.88
CA TYR A 287 -33.04 16.80 -18.75
C TYR A 287 -32.82 17.45 -20.10
N ALA A 288 -33.86 18.03 -20.71
CA ALA A 288 -33.73 18.59 -22.04
C ALA A 288 -32.57 19.58 -22.12
N GLY A 289 -32.34 20.34 -21.05
CA GLY A 289 -31.29 21.34 -21.05
C GLY A 289 -29.91 20.83 -20.66
N VAL A 290 -29.79 19.67 -20.01
CA VAL A 290 -28.52 19.23 -19.46
C VAL A 290 -28.21 17.79 -19.87
N LYS A 291 -28.71 17.40 -21.05
CA LYS A 291 -28.67 16.01 -21.50
C LYS A 291 -27.23 15.49 -21.62
N PHE A 292 -26.30 16.34 -22.02
CA PHE A 292 -24.92 15.89 -22.23
C PHE A 292 -24.01 16.22 -21.06
N GLN A 293 -24.56 16.66 -19.94
CA GLN A 293 -23.85 16.83 -18.68
C GLN A 293 -24.04 15.60 -17.81
N PRO A 294 -23.30 15.48 -16.70
CA PRO A 294 -23.37 14.26 -15.90
C PRO A 294 -24.78 13.94 -15.42
N LYS A 295 -25.05 12.64 -15.27
CA LYS A 295 -26.34 12.15 -14.83
C LYS A 295 -26.62 12.48 -13.36
N GLU A 296 -25.62 12.24 -12.51
CA GLU A 296 -25.87 12.28 -11.06
C GLU A 296 -26.42 13.61 -10.56
N PRO A 297 -26.01 14.78 -11.07
CA PRO A 297 -26.67 16.03 -10.63
C PRO A 297 -28.16 16.07 -10.93
N ARG A 298 -28.64 15.34 -11.95
CA ARG A 298 -30.07 15.39 -12.25
C ARG A 298 -30.89 14.69 -11.17
N PHE A 299 -30.39 13.59 -10.61
CA PHE A 299 -31.06 12.97 -9.47
C PHE A 299 -31.05 13.90 -8.27
N ALA A 300 -29.91 14.54 -7.99
CA ALA A 300 -29.82 15.46 -6.85
C ALA A 300 -30.78 16.65 -7.03
N ALA A 301 -30.98 17.11 -8.27
CA ALA A 301 -31.86 18.25 -8.52
C ALA A 301 -33.32 17.93 -8.25
N MET A 302 -33.69 16.65 -8.16
CA MET A 302 -35.08 16.31 -7.92
C MET A 302 -35.44 16.28 -6.44
N LYS A 303 -34.48 16.48 -5.56
CA LYS A 303 -34.76 16.53 -4.13
C LYS A 303 -35.07 17.95 -3.67
N LYS B 6 24.33 -38.46 9.50
CA LYS B 6 23.38 -38.69 8.41
C LYS B 6 22.04 -38.02 8.64
N PHE B 7 21.60 -37.23 7.67
CA PHE B 7 20.40 -36.42 7.85
C PHE B 7 19.17 -37.33 7.94
N PRO B 8 18.28 -37.08 8.90
CA PRO B 8 17.14 -38.01 9.10
C PRO B 8 16.14 -37.98 7.94
N VAL B 9 15.87 -39.16 7.38
CA VAL B 9 14.83 -39.38 6.39
C VAL B 9 13.84 -40.37 6.98
N VAL B 10 12.58 -39.97 7.06
CA VAL B 10 11.54 -40.77 7.69
C VAL B 10 10.57 -41.28 6.62
N ASP B 11 10.33 -42.58 6.60
CA ASP B 11 9.37 -43.16 5.67
C ASP B 11 8.04 -43.22 6.41
N LEU B 12 7.12 -42.32 6.04
CA LEU B 12 5.85 -42.24 6.75
C LEU B 12 4.96 -43.44 6.50
N SER B 13 5.18 -44.17 5.40
CA SER B 13 4.36 -45.35 5.16
C SER B 13 4.64 -46.44 6.18
N LYS B 14 5.76 -46.37 6.90
CA LYS B 14 6.05 -47.38 7.91
C LYS B 14 5.31 -47.11 9.21
N LEU B 15 4.44 -46.09 9.23
CA LEU B 15 3.57 -45.87 10.38
C LEU B 15 2.31 -46.73 10.33
N ASN B 16 2.04 -47.40 9.20
CA ASN B 16 0.79 -48.11 9.01
C ASN B 16 0.89 -49.59 9.39
N GLY B 17 1.99 -50.00 10.03
CA GLY B 17 2.22 -51.39 10.34
C GLY B 17 3.00 -51.58 11.63
N GLU B 18 3.66 -52.72 11.81
CA GLU B 18 4.38 -52.99 13.05
C GLU B 18 5.78 -52.38 13.09
N GLU B 19 6.20 -51.66 12.06
CA GLU B 19 7.38 -50.80 12.11
C GLU B 19 7.05 -49.40 12.62
N ARG B 20 5.83 -49.19 13.12
CA ARG B 20 5.41 -47.84 13.44
C ARG B 20 6.15 -47.30 14.65
N ASP B 21 6.41 -48.16 15.65
CA ASP B 21 7.14 -47.71 16.84
C ASP B 21 8.52 -47.20 16.48
N GLN B 22 9.23 -47.94 15.60
CA GLN B 22 10.55 -47.50 15.17
C GLN B 22 10.48 -46.21 14.38
N THR B 23 9.44 -46.05 13.56
CA THR B 23 9.28 -44.78 12.86
C THR B 23 9.05 -43.63 13.84
N MET B 24 8.20 -43.85 14.86
CA MET B 24 7.97 -42.81 15.86
C MET B 24 9.26 -42.46 16.60
N ALA B 25 10.06 -43.47 16.94
CA ALA B 25 11.32 -43.21 17.61
C ALA B 25 12.28 -42.39 16.74
N LEU B 26 12.28 -42.65 15.43
CA LEU B 26 13.11 -41.83 14.53
C LEU B 26 12.60 -40.39 14.49
N ILE B 27 11.29 -40.20 14.41
CA ILE B 27 10.72 -38.86 14.41
C ILE B 27 11.10 -38.12 15.69
N ASN B 28 10.99 -38.81 16.83
CA ASN B 28 11.27 -38.14 18.09
C ASN B 28 12.73 -37.73 18.21
N GLU B 29 13.64 -38.57 17.74
CA GLU B 29 15.05 -38.22 17.90
C GLU B 29 15.48 -37.15 16.90
N ALA B 30 14.87 -37.10 15.71
CA ALA B 30 15.07 -35.95 14.84
C ALA B 30 14.55 -34.67 15.50
N CYS B 31 13.38 -34.74 16.15
CA CYS B 31 12.82 -33.57 16.80
C CYS B 31 13.72 -33.07 17.94
N GLU B 32 14.34 -33.99 18.67
CA GLU B 32 15.18 -33.60 19.79
C GLU B 32 16.54 -33.10 19.35
N ASN B 33 17.15 -33.75 18.33
CA ASN B 33 18.57 -33.54 18.09
C ASN B 33 18.88 -32.82 16.80
N TRP B 34 17.94 -32.80 15.85
CA TRP B 34 18.13 -32.14 14.58
C TRP B 34 17.26 -30.92 14.38
N GLY B 35 16.02 -30.94 14.90
CA GLY B 35 15.06 -29.91 14.61
C GLY B 35 14.49 -29.96 13.21
N PHE B 36 15.01 -30.88 12.38
CA PHE B 36 14.66 -31.05 10.98
C PHE B 36 14.57 -32.53 10.70
N PHE B 37 13.75 -32.89 9.72
CA PHE B 37 13.85 -34.20 9.11
C PHE B 37 13.14 -34.17 7.77
N GLU B 38 13.54 -35.06 6.89
CA GLU B 38 12.84 -35.26 5.62
C GLU B 38 11.83 -36.39 5.74
N ILE B 39 10.73 -36.28 5.01
CA ILE B 39 9.76 -37.37 4.93
C ILE B 39 9.60 -37.82 3.49
N VAL B 40 9.51 -39.15 3.31
CA VAL B 40 9.20 -39.78 2.03
C VAL B 40 7.94 -40.63 2.23
N ASN B 41 7.29 -40.96 1.11
CA ASN B 41 6.04 -41.74 1.12
C ASN B 41 5.01 -41.09 2.05
N HIS B 42 4.84 -39.78 1.86
CA HIS B 42 4.04 -38.91 2.70
C HIS B 42 2.61 -38.76 2.22
N GLY B 43 2.25 -39.41 1.12
CA GLY B 43 0.91 -39.33 0.59
C GLY B 43 0.67 -38.22 -0.42
N LEU B 44 1.63 -37.31 -0.64
CA LEU B 44 1.31 -36.30 -1.65
C LEU B 44 1.62 -36.83 -3.04
N PRO B 45 0.70 -36.72 -3.99
CA PRO B 45 0.92 -37.34 -5.30
C PRO B 45 2.15 -36.75 -5.96
N HIS B 46 3.00 -37.64 -6.50
CA HIS B 46 4.23 -37.18 -7.13
C HIS B 46 3.90 -36.33 -8.35
N ASP B 47 2.76 -36.60 -8.97
CA ASP B 47 2.26 -35.80 -10.09
C ASP B 47 1.95 -34.38 -9.65
N LEU B 48 1.46 -34.20 -8.43
CA LEU B 48 1.17 -32.86 -7.95
C LEU B 48 2.46 -32.11 -7.61
N MET B 49 3.41 -32.77 -6.96
CA MET B 49 4.70 -32.14 -6.70
C MET B 49 5.39 -31.71 -8.00
N ASP B 50 5.34 -32.57 -9.04
CA ASP B 50 6.00 -32.25 -10.30
C ASP B 50 5.38 -31.01 -10.96
N LYS B 51 4.06 -30.86 -10.93
CA LYS B 51 3.49 -29.67 -11.55
C LYS B 51 3.67 -28.44 -10.66
N ILE B 52 3.52 -28.56 -9.33
CA ILE B 52 3.91 -27.45 -8.44
C ILE B 52 5.33 -27.00 -8.76
N GLU B 53 6.24 -27.95 -8.91
CA GLU B 53 7.62 -27.60 -9.23
C GLU B 53 7.73 -26.87 -10.57
N LYS B 54 7.05 -27.38 -11.63
CA LYS B 54 7.20 -26.77 -12.94
C LYS B 54 6.53 -25.41 -12.98
N MET B 55 5.30 -25.31 -12.48
CA MET B 55 4.66 -23.99 -12.49
C MET B 55 5.33 -22.99 -11.55
N THR B 56 5.94 -23.44 -10.44
CA THR B 56 6.70 -22.48 -9.63
C THR B 56 7.86 -21.90 -10.43
N LYS B 57 8.64 -22.77 -11.10
CA LYS B 57 9.78 -22.29 -11.88
C LYS B 57 9.35 -21.45 -13.07
N ASP B 58 8.24 -21.81 -13.73
CA ASP B 58 7.82 -20.98 -14.86
C ASP B 58 7.23 -19.65 -14.40
N HIS B 59 6.60 -19.64 -13.22
CA HIS B 59 6.09 -18.38 -12.69
C HIS B 59 7.24 -17.46 -12.27
N TYR B 60 8.38 -18.04 -11.88
CA TYR B 60 9.57 -17.21 -11.64
C TYR B 60 10.00 -16.45 -12.89
N LYS B 61 10.23 -17.17 -14.00
CA LYS B 61 10.64 -16.49 -15.23
C LYS B 61 9.57 -15.51 -15.70
N THR B 62 8.31 -15.88 -15.53
CA THR B 62 7.20 -15.06 -16.02
C THR B 62 6.98 -13.83 -15.16
N CYS B 63 7.07 -13.99 -13.86
CA CYS B 63 6.60 -12.98 -12.94
C CYS B 63 7.62 -12.50 -11.92
N GLN B 64 8.52 -13.35 -11.43
CA GLN B 64 9.37 -12.97 -10.31
C GLN B 64 10.77 -12.52 -10.73
N GLU B 65 11.27 -12.98 -11.87
CA GLU B 65 12.66 -12.70 -12.21
C GLU B 65 12.86 -11.21 -12.44
N GLN B 66 11.88 -10.54 -13.05
CA GLN B 66 11.99 -9.12 -13.29
C GLN B 66 11.92 -8.33 -11.98
N LYS B 67 11.02 -8.72 -11.08
CA LYS B 67 11.01 -8.11 -9.75
C LYS B 67 12.33 -8.31 -9.03
N PHE B 68 12.94 -9.50 -9.20
CA PHE B 68 14.19 -9.78 -8.51
C PHE B 68 15.31 -8.86 -8.99
N ASN B 69 15.47 -8.73 -10.31
CA ASN B 69 16.51 -7.83 -10.82
C ASN B 69 16.20 -6.39 -10.47
N ASP B 70 14.93 -6.00 -10.52
CA ASP B 70 14.50 -4.69 -10.03
C ASP B 70 15.01 -4.44 -8.61
N MET B 71 15.06 -5.49 -7.79
CA MET B 71 15.49 -5.33 -6.40
C MET B 71 17.01 -5.14 -6.32
N LEU B 72 17.76 -5.88 -7.14
CA LEU B 72 19.22 -5.77 -7.11
C LEU B 72 19.68 -4.41 -7.60
N LYS B 73 19.01 -3.87 -8.61
CA LYS B 73 19.28 -2.51 -9.05
C LYS B 73 18.94 -1.51 -7.95
N SER B 74 17.83 -1.74 -7.25
CA SER B 74 17.33 -0.78 -6.28
C SER B 74 18.15 -0.75 -4.99
N LYS B 75 19.05 -1.71 -4.78
CA LYS B 75 19.89 -1.75 -3.59
C LYS B 75 21.37 -1.86 -3.93
N GLY B 76 21.74 -1.70 -5.20
CA GLY B 76 23.14 -1.72 -5.57
C GLY B 76 23.78 -3.09 -5.56
N LEU B 77 22.99 -4.16 -5.52
CA LEU B 77 23.53 -5.52 -5.50
C LEU B 77 23.91 -6.02 -6.91
N ASP B 78 23.89 -5.12 -7.90
CA ASP B 78 24.49 -5.38 -9.21
C ASP B 78 25.88 -5.99 -9.06
N ASN B 79 26.66 -5.48 -8.11
CA ASN B 79 28.10 -5.65 -8.07
C ASN B 79 28.52 -5.84 -6.61
N LEU B 80 28.93 -7.05 -6.27
CA LEU B 80 29.15 -7.46 -4.88
C LEU B 80 30.64 -7.44 -4.59
N GLU B 81 31.14 -6.29 -4.14
CA GLU B 81 32.55 -6.22 -3.84
C GLU B 81 32.86 -6.36 -2.35
N THR B 82 31.89 -6.13 -1.47
CA THR B 82 32.07 -6.44 -0.06
C THR B 82 30.84 -7.19 0.45
N GLU B 83 31.01 -7.79 1.63
CA GLU B 83 30.00 -8.68 2.18
C GLU B 83 28.72 -7.92 2.48
N VAL B 84 27.59 -8.51 2.11
CA VAL B 84 26.27 -7.96 2.38
C VAL B 84 25.61 -8.84 3.42
N GLU B 85 25.41 -8.32 4.62
CA GLU B 85 24.80 -9.08 5.70
C GLU B 85 23.44 -8.53 6.12
N ASP B 86 22.88 -7.60 5.35
CA ASP B 86 21.60 -7.00 5.69
C ASP B 86 20.53 -7.22 4.63
N VAL B 87 20.80 -8.04 3.61
CA VAL B 87 19.78 -8.36 2.60
C VAL B 87 19.92 -9.83 2.21
N ASP B 88 18.80 -10.42 1.81
CA ASP B 88 18.74 -11.80 1.34
C ASP B 88 18.67 -11.82 -0.18
N TRP B 89 19.49 -12.67 -0.80
CA TRP B 89 19.51 -12.88 -2.25
C TRP B 89 18.37 -13.85 -2.58
N GLU B 90 17.15 -13.32 -2.64
CA GLU B 90 15.96 -14.15 -2.56
C GLU B 90 14.81 -13.47 -3.31
N SER B 91 14.02 -14.29 -3.99
CA SER B 91 12.80 -13.82 -4.63
C SER B 91 11.63 -14.59 -4.04
N THR B 92 10.65 -13.87 -3.50
CA THR B 92 9.56 -14.49 -2.77
C THR B 92 8.24 -13.79 -3.07
N PHE B 93 7.17 -14.58 -2.99
CA PHE B 93 5.81 -14.09 -2.77
C PHE B 93 5.14 -15.06 -1.82
N TYR B 94 4.08 -14.57 -1.16
CA TYR B 94 3.42 -15.32 -0.10
C TYR B 94 1.97 -15.63 -0.48
N VAL B 95 1.53 -16.85 -0.17
CA VAL B 95 0.16 -17.30 -0.40
C VAL B 95 -0.46 -17.59 0.96
N ARG B 96 -1.58 -16.96 1.26
CA ARG B 96 -2.30 -17.21 2.49
C ARG B 96 -3.42 -18.21 2.23
N HIS B 97 -3.46 -19.26 3.04
CA HIS B 97 -4.53 -20.27 3.00
C HIS B 97 -5.52 -20.08 4.14
N LEU B 98 -5.03 -19.96 5.36
CA LEU B 98 -5.86 -19.84 6.55
C LEU B 98 -5.42 -18.70 7.48
N PRO B 99 -6.38 -18.06 8.17
CA PRO B 99 -7.80 -18.43 8.18
C PRO B 99 -8.58 -18.01 6.92
N GLN B 100 -8.04 -17.11 6.12
CA GLN B 100 -8.73 -16.62 4.92
C GLN B 100 -7.75 -16.61 3.75
N SER B 101 -8.16 -17.24 2.65
CA SER B 101 -7.30 -17.44 1.50
C SER B 101 -7.26 -16.20 0.62
N ASN B 102 -6.07 -15.82 0.16
CA ASN B 102 -5.92 -14.78 -0.84
C ASN B 102 -5.45 -15.34 -2.18
N LEU B 103 -5.52 -16.67 -2.35
CA LEU B 103 -5.02 -17.29 -3.56
C LEU B 103 -5.72 -16.73 -4.80
N ASN B 104 -7.04 -16.52 -4.75
CA ASN B 104 -7.77 -16.01 -5.90
C ASN B 104 -7.60 -14.51 -6.10
N ASP B 105 -6.71 -13.87 -5.34
CA ASP B 105 -6.48 -12.45 -5.48
C ASP B 105 -5.08 -12.10 -5.93
N ILE B 106 -4.17 -13.07 -5.96
CA ILE B 106 -2.85 -12.88 -6.55
C ILE B 106 -3.01 -12.79 -8.06
N SER B 107 -2.67 -11.63 -8.63
CA SER B 107 -3.09 -11.33 -10.00
C SER B 107 -2.27 -12.11 -11.02
N ASP B 108 -0.99 -12.33 -10.74
CA ASP B 108 -0.03 -12.80 -11.74
C ASP B 108 0.17 -14.33 -11.73
N VAL B 109 -0.71 -15.08 -11.07
CA VAL B 109 -0.60 -16.54 -11.06
C VAL B 109 -1.71 -17.08 -11.96
N SER B 110 -1.41 -18.20 -12.64
CA SER B 110 -2.33 -18.80 -13.58
C SER B 110 -3.46 -19.56 -12.87
N ASP B 111 -4.53 -19.81 -13.63
CA ASP B 111 -5.68 -20.58 -13.11
C ASP B 111 -5.25 -21.96 -12.64
N GLU B 112 -4.52 -22.69 -13.47
CA GLU B 112 -4.08 -24.04 -13.10
C GLU B 112 -3.05 -24.01 -11.97
N TYR B 113 -2.19 -22.98 -11.90
CA TYR B 113 -1.29 -22.86 -10.76
C TYR B 113 -2.08 -22.65 -9.47
N ARG B 114 -3.09 -21.80 -9.53
CA ARG B 114 -3.91 -21.56 -8.36
C ARG B 114 -4.64 -22.83 -7.94
N THR B 115 -5.11 -23.62 -8.92
CA THR B 115 -5.77 -24.88 -8.59
C THR B 115 -4.80 -25.90 -8.01
N ALA B 116 -3.59 -26.00 -8.58
CA ALA B 116 -2.60 -26.89 -7.97
C ALA B 116 -2.20 -26.40 -6.57
N MET B 117 -2.03 -25.08 -6.40
CA MET B 117 -1.61 -24.60 -5.08
C MET B 117 -2.68 -24.85 -4.02
N LYS B 118 -3.96 -24.70 -4.39
CA LYS B 118 -5.02 -24.98 -3.43
C LYS B 118 -5.01 -26.44 -3.02
N ASP B 119 -4.81 -27.35 -3.97
CA ASP B 119 -4.80 -28.77 -3.64
C ASP B 119 -3.58 -29.11 -2.81
N PHE B 120 -2.42 -28.57 -3.22
CA PHE B 120 -1.19 -28.79 -2.47
C PHE B 120 -1.31 -28.26 -1.04
N GLY B 121 -1.88 -27.07 -0.88
CA GLY B 121 -2.00 -26.50 0.45
C GLY B 121 -2.89 -27.31 1.37
N LYS B 122 -4.02 -27.78 0.84
CA LYS B 122 -4.93 -28.61 1.65
C LYS B 122 -4.27 -29.90 2.10
N ARG B 123 -3.53 -30.57 1.19
CA ARG B 123 -2.86 -31.81 1.59
C ARG B 123 -1.77 -31.54 2.63
N LEU B 124 -1.03 -30.44 2.49
CA LEU B 124 0.01 -30.12 3.48
C LEU B 124 -0.60 -29.70 4.82
N GLU B 125 -1.77 -29.08 4.79
CA GLU B 125 -2.43 -28.75 6.06
C GLU B 125 -2.84 -30.02 6.80
N ASN B 126 -3.39 -31.02 6.08
CA ASN B 126 -3.70 -32.28 6.73
C ASN B 126 -2.44 -33.01 7.16
N LEU B 127 -1.35 -32.90 6.41
CA LEU B 127 -0.15 -33.59 6.85
C LEU B 127 0.47 -32.91 8.06
N ALA B 128 0.41 -31.57 8.13
CA ALA B 128 0.86 -30.85 9.33
C ALA B 128 0.12 -31.34 10.57
N GLU B 129 -1.21 -31.47 10.47
CA GLU B 129 -1.98 -31.91 11.62
C GLU B 129 -1.72 -33.37 11.96
N ASP B 130 -1.50 -34.22 10.94
CA ASP B 130 -1.10 -35.60 11.22
C ASP B 130 0.25 -35.63 11.94
N LEU B 131 1.20 -34.81 11.49
CA LEU B 131 2.52 -34.78 12.13
C LEU B 131 2.45 -34.23 13.56
N LEU B 132 1.63 -33.20 13.79
CA LEU B 132 1.47 -32.69 15.15
C LEU B 132 0.94 -33.76 16.09
N ASP B 133 0.09 -34.67 15.60
CA ASP B 133 -0.40 -35.75 16.45
C ASP B 133 0.69 -36.77 16.76
N LEU B 134 1.60 -37.01 15.83
CA LEU B 134 2.74 -37.87 16.12
C LEU B 134 3.62 -37.23 17.18
N LEU B 135 3.83 -35.92 17.07
CA LEU B 135 4.56 -35.18 18.10
C LEU B 135 3.88 -35.34 19.46
N CYS B 136 2.56 -35.17 19.49
CA CYS B 136 1.81 -35.35 20.73
C CYS B 136 2.05 -36.71 21.34
N GLU B 137 1.96 -37.76 20.52
CA GLU B 137 2.19 -39.10 21.02
C GLU B 137 3.60 -39.25 21.56
N ASN B 138 4.59 -38.78 20.79
CA ASN B 138 5.98 -38.87 21.24
C ASN B 138 6.20 -38.08 22.53
N LEU B 139 5.47 -36.98 22.71
CA LEU B 139 5.60 -36.13 23.89
C LEU B 139 4.78 -36.61 25.09
N GLY B 140 3.94 -37.62 24.92
CA GLY B 140 3.08 -38.02 26.00
C GLY B 140 1.90 -37.09 26.19
N LEU B 141 1.59 -36.26 25.20
CA LEU B 141 0.43 -35.38 25.22
C LEU B 141 -0.79 -36.13 24.72
N GLU B 142 -1.97 -35.66 25.13
CA GLU B 142 -3.21 -36.21 24.63
C GLU B 142 -3.36 -35.88 23.14
N LYS B 143 -3.99 -36.80 22.41
CA LYS B 143 -4.19 -36.63 20.98
C LYS B 143 -4.95 -35.33 20.69
N GLY B 144 -4.49 -34.61 19.67
CA GLY B 144 -5.06 -33.34 19.29
C GLY B 144 -4.64 -32.17 20.15
N TYR B 145 -3.77 -32.37 21.14
CA TYR B 145 -3.40 -31.31 22.07
C TYR B 145 -2.83 -30.10 21.33
N LEU B 146 -1.84 -30.33 20.44
CA LEU B 146 -1.18 -29.22 19.77
C LEU B 146 -2.11 -28.53 18.79
N LYS B 147 -2.96 -29.31 18.12
CA LYS B 147 -3.96 -28.72 17.24
C LYS B 147 -4.91 -27.81 18.02
N LYS B 148 -5.33 -28.23 19.22
CA LYS B 148 -6.25 -27.40 19.98
C LYS B 148 -5.58 -26.14 20.52
N VAL B 149 -4.33 -26.25 20.96
CA VAL B 149 -3.56 -25.08 21.36
C VAL B 149 -3.44 -24.10 20.20
N PHE B 150 -3.22 -24.60 18.98
CA PHE B 150 -3.00 -23.71 17.84
C PHE B 150 -4.26 -23.02 17.36
N HIS B 151 -5.45 -23.44 17.82
CA HIS B 151 -6.65 -23.02 17.12
C HIS B 151 -6.99 -21.56 17.39
N GLY B 152 -6.85 -21.09 18.63
CA GLY B 152 -7.29 -19.73 18.90
C GLY B 152 -8.78 -19.56 18.66
N THR B 153 -9.17 -18.38 18.18
CA THR B 153 -10.56 -18.12 17.83
C THR B 153 -10.87 -18.46 16.38
N LYS B 154 -10.00 -18.10 15.44
CA LYS B 154 -10.29 -18.29 14.03
C LYS B 154 -9.62 -19.51 13.41
N GLY B 155 -8.97 -20.36 14.21
CA GLY B 155 -8.27 -21.48 13.64
C GLY B 155 -6.81 -21.15 13.37
N PRO B 156 -6.04 -22.16 12.96
CA PRO B 156 -4.60 -21.95 12.72
C PRO B 156 -4.37 -20.94 11.60
N THR B 157 -3.17 -20.38 11.58
CA THR B 157 -2.71 -19.63 10.42
C THR B 157 -1.86 -20.54 9.53
N PHE B 158 -2.16 -20.58 8.24
CA PHE B 158 -1.47 -21.47 7.31
C PHE B 158 -1.24 -20.71 6.01
N GLY B 159 0.03 -20.60 5.62
CA GLY B 159 0.40 -19.90 4.41
C GLY B 159 1.58 -20.58 3.76
N THR B 160 1.88 -20.17 2.54
CA THR B 160 2.97 -20.79 1.81
C THR B 160 3.90 -19.71 1.29
N LYS B 161 5.17 -19.85 1.60
CA LYS B 161 6.19 -18.97 1.07
C LYS B 161 6.85 -19.63 -0.14
N VAL B 162 6.69 -19.00 -1.30
CA VAL B 162 7.20 -19.50 -2.57
C VAL B 162 8.43 -18.69 -2.93
N SER B 163 9.61 -19.30 -2.82
CA SER B 163 10.84 -18.56 -3.01
C SER B 163 11.70 -19.20 -4.09
N ASN B 164 12.49 -18.36 -4.74
CA ASN B 164 13.58 -18.82 -5.57
C ASN B 164 14.86 -18.09 -5.16
N TYR B 165 15.98 -18.83 -5.15
CA TYR B 165 17.28 -18.26 -4.83
C TYR B 165 18.11 -18.32 -6.11
N PRO B 166 18.10 -17.26 -6.90
CA PRO B 166 18.76 -17.29 -8.21
C PRO B 166 20.27 -17.36 -8.07
N PRO B 167 20.96 -17.74 -9.14
CA PRO B 167 22.42 -17.77 -9.08
C PRO B 167 23.01 -16.44 -8.62
N CYS B 168 24.10 -16.52 -7.87
CA CYS B 168 24.74 -15.34 -7.35
C CYS B 168 26.18 -15.35 -7.85
N PRO B 169 26.63 -14.30 -8.57
CA PRO B 169 28.01 -14.31 -9.08
C PRO B 169 29.06 -14.48 -7.99
N LYS B 170 28.82 -13.93 -6.79
CA LYS B 170 29.81 -13.95 -5.72
C LYS B 170 29.14 -14.51 -4.46
N PRO B 171 28.97 -15.83 -4.37
CA PRO B 171 28.20 -16.41 -3.26
C PRO B 171 28.81 -16.11 -1.90
N GLU B 172 30.13 -15.89 -1.87
CA GLU B 172 30.82 -15.58 -0.63
C GLU B 172 30.31 -14.30 0.02
N MET B 173 29.66 -13.44 -0.75
CA MET B 173 29.37 -12.09 -0.29
C MET B 173 27.96 -11.93 0.28
N ILE B 174 27.02 -12.81 -0.05
CA ILE B 174 25.63 -12.61 0.34
C ILE B 174 24.95 -13.96 0.54
N LYS B 175 24.04 -14.02 1.50
CA LYS B 175 23.31 -15.25 1.72
C LYS B 175 22.02 -15.20 0.91
N GLY B 176 21.56 -16.38 0.49
CA GLY B 176 20.21 -16.45 -0.03
C GLY B 176 19.19 -16.13 1.05
N LEU B 177 19.44 -16.57 2.27
CA LEU B 177 18.59 -16.19 3.40
C LEU B 177 19.41 -16.35 4.66
N ARG B 178 19.52 -15.27 5.44
CA ARG B 178 20.42 -15.25 6.58
C ARG B 178 19.94 -16.21 7.66
N ALA B 179 20.86 -16.59 8.53
CA ALA B 179 20.55 -17.57 9.57
C ALA B 179 19.43 -17.05 10.48
N HIS B 180 18.50 -17.96 10.84
CA HIS B 180 17.34 -17.60 11.67
C HIS B 180 16.71 -18.87 12.21
N THR B 181 15.84 -18.71 13.20
CA THR B 181 14.89 -19.76 13.54
C THR B 181 13.50 -19.29 13.09
N ASP B 182 12.62 -20.25 12.81
CA ASP B 182 11.27 -19.91 12.39
C ASP B 182 10.39 -19.64 13.58
N ALA B 183 9.49 -18.67 13.44
CA ALA B 183 8.70 -18.19 14.57
C ALA B 183 7.59 -19.17 14.94
N GLY B 184 7.14 -19.99 13.99
CA GLY B 184 5.84 -20.65 14.06
C GLY B 184 5.82 -22.05 14.65
N GLY B 185 4.90 -22.85 14.14
CA GLY B 185 4.64 -24.16 14.71
C GLY B 185 5.44 -25.22 13.98
N ILE B 186 4.91 -25.67 12.86
CA ILE B 186 5.56 -26.71 12.06
C ILE B 186 5.66 -26.21 10.62
N ILE B 187 6.81 -26.46 10.00
CA ILE B 187 7.14 -25.97 8.67
C ILE B 187 7.32 -27.17 7.74
N LEU B 188 6.65 -27.14 6.59
CA LEU B 188 6.69 -28.24 5.63
C LEU B 188 7.20 -27.69 4.31
N LEU B 189 8.37 -28.15 3.91
CA LEU B 189 9.12 -27.56 2.80
C LEU B 189 9.17 -28.52 1.63
N PHE B 190 8.73 -28.04 0.46
CA PHE B 190 8.97 -28.71 -0.83
C PHE B 190 10.11 -27.95 -1.49
N GLN B 191 11.32 -28.51 -1.47
CA GLN B 191 12.48 -27.81 -1.99
C GLN B 191 12.98 -28.46 -3.27
N ASP B 192 13.75 -27.67 -4.02
CA ASP B 192 14.43 -28.13 -5.23
C ASP B 192 15.13 -29.46 -4.98
N ASP B 193 14.95 -30.40 -5.92
CA ASP B 193 15.61 -31.70 -5.78
C ASP B 193 16.95 -31.77 -6.50
N LYS B 194 17.38 -30.71 -7.18
CA LYS B 194 18.74 -30.71 -7.73
C LYS B 194 19.65 -29.65 -7.12
N VAL B 195 19.17 -28.42 -6.92
CA VAL B 195 20.02 -27.33 -6.48
C VAL B 195 19.98 -27.28 -4.95
N SER B 196 21.13 -27.51 -4.31
CA SER B 196 21.13 -27.47 -2.85
C SER B 196 21.28 -26.03 -2.34
N GLY B 197 21.25 -25.87 -1.01
CA GLY B 197 21.36 -24.53 -0.45
C GLY B 197 20.90 -24.38 0.99
N LEU B 198 19.86 -25.10 1.38
CA LEU B 198 19.36 -25.00 2.75
C LEU B 198 20.30 -25.77 3.68
N GLN B 199 20.68 -25.12 4.78
CA GLN B 199 21.57 -25.70 5.78
C GLN B 199 21.03 -25.45 7.17
N LEU B 200 21.27 -26.39 8.08
CA LEU B 200 20.95 -26.20 9.49
C LEU B 200 22.24 -26.23 10.31
N LEU B 201 22.19 -25.64 11.49
CA LEU B 201 23.34 -25.61 12.38
C LEU B 201 23.18 -26.73 13.39
N LYS B 202 24.14 -27.65 13.43
CA LYS B 202 24.07 -28.75 14.38
C LYS B 202 25.46 -29.04 14.96
N ASP B 203 25.55 -29.04 16.29
CA ASP B 203 26.79 -29.32 17.01
C ASP B 203 27.98 -28.51 16.47
N GLY B 204 27.73 -27.24 16.16
CA GLY B 204 28.80 -26.36 15.72
C GLY B 204 29.22 -26.50 14.26
N ASP B 205 28.39 -27.10 13.41
CA ASP B 205 28.66 -27.24 11.98
C ASP B 205 27.39 -26.91 11.20
N TRP B 206 27.55 -26.24 10.06
CA TRP B 206 26.46 -26.09 9.10
C TRP B 206 26.31 -27.38 8.30
N ILE B 207 25.11 -27.97 8.30
CA ILE B 207 24.86 -29.24 7.65
C ILE B 207 23.85 -29.06 6.54
N ASP B 208 24.16 -29.55 5.35
CA ASP B 208 23.23 -29.42 4.23
C ASP B 208 21.97 -30.25 4.46
N VAL B 209 20.84 -29.66 4.09
CA VAL B 209 19.56 -30.36 4.03
C VAL B 209 19.47 -30.92 2.61
N PRO B 210 19.73 -32.21 2.42
CA PRO B 210 20.02 -32.72 1.06
C PRO B 210 18.80 -32.69 0.16
N PRO B 211 18.94 -32.18 -1.07
CA PRO B 211 17.84 -32.30 -2.03
C PRO B 211 17.47 -33.76 -2.25
N LEU B 212 16.16 -34.06 -2.22
CA LEU B 212 15.74 -35.45 -2.43
C LEU B 212 14.40 -35.47 -3.16
N ASN B 213 14.33 -36.26 -4.25
CA ASN B 213 13.14 -36.29 -5.11
C ASN B 213 11.89 -36.61 -4.31
N HIS B 214 10.83 -35.83 -4.57
CA HIS B 214 9.51 -36.08 -4.00
C HIS B 214 9.55 -36.23 -2.48
N SER B 215 10.39 -35.44 -1.84
CA SER B 215 10.43 -35.43 -0.39
C SER B 215 9.88 -34.12 0.16
N ILE B 216 9.50 -34.14 1.44
CA ILE B 216 9.13 -32.93 2.17
C ILE B 216 10.09 -32.78 3.34
N VAL B 217 10.62 -31.58 3.52
CA VAL B 217 11.45 -31.27 4.68
C VAL B 217 10.56 -30.67 5.76
N ILE B 218 10.65 -31.22 6.98
CA ILE B 218 9.91 -30.77 8.14
C ILE B 218 10.88 -30.08 9.10
N ASN B 219 10.48 -28.95 9.67
CA ASN B 219 11.22 -28.45 10.82
C ASN B 219 10.27 -27.77 11.80
N LEU B 220 10.73 -27.63 13.04
CA LEU B 220 9.89 -27.10 14.11
C LEU B 220 10.27 -25.65 14.41
N GLY B 221 9.26 -24.82 14.69
CA GLY B 221 9.47 -23.42 14.96
C GLY B 221 9.49 -23.08 16.46
N ASP B 222 9.63 -21.79 16.74
CA ASP B 222 9.77 -21.34 18.13
C ASP B 222 8.60 -21.73 19.02
N GLN B 223 7.37 -21.78 18.48
CA GLN B 223 6.20 -22.05 19.31
C GLN B 223 6.24 -23.47 19.89
N LEU B 224 6.77 -24.42 19.12
CA LEU B 224 6.89 -25.79 19.61
C LEU B 224 8.01 -25.91 20.63
N GLU B 225 9.03 -25.05 20.56
CA GLU B 225 10.01 -25.07 21.64
C GLU B 225 9.37 -24.64 22.95
N VAL B 226 8.53 -23.61 22.93
CA VAL B 226 7.84 -23.16 24.14
C VAL B 226 6.93 -24.26 24.67
N ILE B 227 6.07 -24.81 23.82
CA ILE B 227 5.08 -25.79 24.28
C ILE B 227 5.78 -27.03 24.84
N THR B 228 6.89 -27.45 24.22
CA THR B 228 7.60 -28.63 24.72
C THR B 228 8.57 -28.30 25.85
N ASN B 229 8.56 -27.06 26.36
CA ASN B 229 9.44 -26.65 27.46
C ASN B 229 10.89 -26.92 27.09
N GLY B 230 11.24 -26.65 25.83
CA GLY B 230 12.60 -26.84 25.37
C GLY B 230 12.97 -28.24 24.93
N LYS B 231 12.06 -29.22 25.04
CA LYS B 231 12.42 -30.59 24.67
C LYS B 231 12.69 -30.70 23.17
N TYR B 232 11.92 -30.00 22.35
CA TYR B 232 12.16 -29.87 20.91
C TYR B 232 12.47 -28.40 20.63
N LYS B 233 13.72 -28.10 20.28
CA LYS B 233 14.13 -26.71 20.04
C LYS B 233 14.05 -26.36 18.55
N SER B 234 13.73 -25.10 18.27
CA SER B 234 13.77 -24.62 16.89
C SER B 234 15.22 -24.26 16.56
N VAL B 235 15.69 -24.83 15.45
CA VAL B 235 17.11 -24.84 15.09
C VAL B 235 17.39 -23.77 14.04
N LEU B 236 18.54 -23.14 14.18
CA LEU B 236 19.02 -22.18 13.21
C LEU B 236 19.29 -22.85 11.86
N HIS B 237 18.90 -22.15 10.79
CA HIS B 237 19.02 -22.63 9.42
C HIS B 237 19.23 -21.44 8.51
N ARG B 238 19.79 -21.69 7.33
CA ARG B 238 20.05 -20.62 6.37
C ARG B 238 19.98 -21.20 4.97
N VAL B 239 19.97 -20.32 3.98
CA VAL B 239 20.10 -20.70 2.57
C VAL B 239 21.32 -19.99 2.00
N VAL B 240 22.28 -20.77 1.48
CA VAL B 240 23.44 -20.21 0.81
C VAL B 240 23.19 -20.20 -0.68
N THR B 241 23.75 -19.21 -1.35
CA THR B 241 23.69 -19.09 -2.80
C THR B 241 24.79 -19.94 -3.45
N GLN B 242 24.70 -20.07 -4.78
CA GLN B 242 25.78 -20.60 -5.59
C GLN B 242 25.81 -19.86 -6.91
N GLN B 243 26.90 -20.03 -7.65
CA GLN B 243 27.08 -19.31 -8.91
C GLN B 243 26.19 -19.89 -10.00
N GLU B 244 25.96 -21.20 -10.00
CA GLU B 244 25.17 -21.87 -11.03
C GLU B 244 24.00 -22.58 -10.34
N GLY B 245 22.79 -22.27 -10.79
CA GLY B 245 21.63 -22.92 -10.21
C GLY B 245 20.65 -22.00 -9.50
N ASN B 246 19.36 -22.22 -9.72
CA ASN B 246 18.30 -21.42 -9.13
C ASN B 246 17.50 -22.39 -8.26
N ARG B 247 17.68 -22.32 -6.95
CA ARG B 247 17.03 -23.28 -6.05
C ARG B 247 15.59 -22.83 -5.78
N MET B 248 14.62 -23.72 -6.04
CA MET B 248 13.22 -23.44 -5.79
C MET B 248 12.88 -23.80 -4.34
N SER B 249 11.94 -23.06 -3.75
CA SER B 249 11.56 -23.31 -2.37
C SER B 249 10.07 -23.03 -2.20
N VAL B 250 9.30 -24.06 -1.85
CA VAL B 250 7.87 -23.92 -1.57
C VAL B 250 7.68 -24.39 -0.13
N ALA B 251 7.57 -23.43 0.80
CA ALA B 251 7.59 -23.73 2.23
C ALA B 251 6.28 -23.28 2.87
N SER B 252 5.61 -24.22 3.54
CA SER B 252 4.32 -23.96 4.15
C SER B 252 4.46 -23.90 5.66
N PHE B 253 3.83 -22.90 6.27
CA PHE B 253 3.99 -22.57 7.69
C PHE B 253 2.65 -22.77 8.39
N TYR B 254 2.57 -23.77 9.28
CA TYR B 254 1.39 -24.03 10.10
C TYR B 254 1.62 -23.38 11.46
N ASN B 255 0.94 -22.26 11.71
CA ASN B 255 1.18 -21.43 12.88
C ASN B 255 -0.09 -21.35 13.72
N PRO B 256 0.02 -21.07 15.02
CA PRO B 256 -1.19 -20.84 15.82
C PRO B 256 -1.97 -19.64 15.32
N GLY B 257 -3.26 -19.65 15.62
CA GLY B 257 -4.08 -18.47 15.40
C GLY B 257 -3.57 -17.28 16.17
N SER B 258 -3.99 -16.10 15.72
CA SER B 258 -3.45 -14.85 16.26
C SER B 258 -3.61 -14.74 17.77
N ASP B 259 -4.76 -15.18 18.29
CA ASP B 259 -5.06 -15.03 19.70
C ASP B 259 -4.88 -16.32 20.49
N ALA B 260 -4.15 -17.29 19.93
CA ALA B 260 -3.84 -18.51 20.65
C ALA B 260 -2.93 -18.22 21.84
N GLU B 261 -3.24 -18.85 22.99
CA GLU B 261 -2.40 -18.76 24.18
C GLU B 261 -1.33 -19.86 24.13
N ILE B 262 -0.06 -19.45 24.10
CA ILE B 262 1.06 -20.36 23.97
C ILE B 262 1.78 -20.44 25.31
N SER B 263 1.96 -21.65 25.82
CA SER B 263 2.64 -21.83 27.10
C SER B 263 3.22 -23.24 27.16
N PRO B 264 4.20 -23.48 28.03
CA PRO B 264 4.70 -24.85 28.20
C PRO B 264 3.62 -25.77 28.72
N ALA B 265 3.45 -26.90 28.05
CA ALA B 265 2.51 -27.92 28.49
C ALA B 265 2.84 -28.37 29.91
N THR B 266 1.84 -28.37 30.79
CA THR B 266 2.13 -28.59 32.20
C THR B 266 2.73 -29.97 32.46
N SER B 267 2.33 -30.97 31.68
CA SER B 267 2.88 -32.30 31.88
C SER B 267 4.34 -32.39 31.46
N LEU B 268 4.87 -31.39 30.75
CA LEU B 268 6.28 -31.33 30.37
C LEU B 268 7.10 -30.40 31.25
N VAL B 269 6.51 -29.88 32.32
CA VAL B 269 7.16 -28.93 33.21
C VAL B 269 7.23 -29.55 34.60
N GLU B 270 8.43 -29.60 35.18
CA GLU B 270 8.56 -29.93 36.60
C GLU B 270 9.07 -28.71 37.35
N LYS B 271 10.37 -28.48 37.31
CA LYS B 271 10.91 -27.19 37.73
C LYS B 271 10.25 -26.07 36.92
N ASP B 272 10.05 -24.92 37.56
CA ASP B 272 9.51 -23.74 36.89
C ASP B 272 10.15 -23.57 35.52
N SER B 273 9.33 -23.32 34.52
CA SER B 273 9.84 -23.22 33.17
C SER B 273 10.61 -21.92 32.97
N GLU B 274 11.65 -21.99 32.15
CA GLU B 274 12.33 -20.78 31.69
C GLU B 274 11.62 -20.14 30.50
N TYR B 275 10.65 -20.81 29.92
CA TYR B 275 9.97 -20.27 28.75
C TYR B 275 8.73 -19.49 29.16
N PRO B 276 8.39 -18.43 28.43
CA PRO B 276 7.27 -17.58 28.81
C PRO B 276 5.93 -18.19 28.37
N SER B 277 4.85 -17.60 28.89
CA SER B 277 3.50 -17.83 28.41
C SER B 277 2.98 -16.52 27.82
N PHE B 278 2.43 -16.58 26.61
CA PHE B 278 2.13 -15.35 25.88
C PHE B 278 1.01 -15.65 24.89
N VAL B 279 0.59 -14.63 24.16
CA VAL B 279 -0.36 -14.76 23.07
C VAL B 279 0.42 -14.69 21.77
N PHE B 280 0.12 -15.59 20.83
CA PHE B 280 1.01 -15.78 19.68
C PHE B 280 1.21 -14.49 18.89
N ASP B 281 0.16 -13.68 18.73
CA ASP B 281 0.34 -12.51 17.90
C ASP B 281 1.33 -11.50 18.50
N ASP B 282 1.47 -11.48 19.84
CA ASP B 282 2.49 -10.62 20.43
C ASP B 282 3.88 -11.11 20.07
N TYR B 283 4.07 -12.44 20.05
CA TYR B 283 5.34 -12.98 19.59
C TYR B 283 5.61 -12.62 18.13
N MET B 284 4.59 -12.69 17.26
CA MET B 284 4.82 -12.44 15.83
C MET B 284 5.08 -10.97 15.54
N LYS B 285 4.42 -10.06 16.26
CA LYS B 285 4.73 -8.64 16.09
C LYS B 285 6.20 -8.36 16.35
N LEU B 286 6.73 -8.88 17.46
CA LEU B 286 8.14 -8.69 17.78
C LEU B 286 9.04 -9.37 16.76
N TYR B 287 8.75 -10.64 16.44
CA TYR B 287 9.62 -11.43 15.57
C TYR B 287 9.89 -10.73 14.25
N ALA B 288 8.87 -10.10 13.65
CA ALA B 288 9.02 -9.50 12.33
C ALA B 288 10.21 -8.54 12.28
N GLY B 289 10.43 -7.77 13.34
CA GLY B 289 11.52 -6.80 13.33
C GLY B 289 12.88 -7.34 13.72
N VAL B 290 12.95 -8.52 14.36
CA VAL B 290 14.21 -9.02 14.91
C VAL B 290 14.49 -10.44 14.45
N LYS B 291 13.99 -10.80 13.27
CA LYS B 291 14.04 -12.19 12.82
C LYS B 291 15.47 -12.73 12.70
N PHE B 292 16.42 -11.88 12.34
CA PHE B 292 17.79 -12.34 12.16
C PHE B 292 18.68 -12.02 13.35
N GLN B 293 18.12 -11.56 14.45
CA GLN B 293 18.84 -11.46 15.71
C GLN B 293 18.61 -12.71 16.55
N PRO B 294 19.34 -12.88 17.66
CA PRO B 294 19.24 -14.14 18.40
C PRO B 294 17.82 -14.45 18.84
N LYS B 295 17.56 -15.74 18.95
CA LYS B 295 16.23 -16.22 19.32
C LYS B 295 15.94 -15.97 20.80
N GLU B 296 16.94 -16.20 21.66
CA GLU B 296 16.69 -16.20 23.09
C GLU B 296 16.12 -14.88 23.63
N PRO B 297 16.52 -13.70 23.17
CA PRO B 297 15.86 -12.47 23.67
C PRO B 297 14.36 -12.41 23.35
N ARG B 298 13.88 -13.13 22.32
CA ARG B 298 12.45 -13.07 22.00
C ARG B 298 11.62 -13.80 23.05
N PHE B 299 12.13 -14.91 23.60
CA PHE B 299 11.48 -15.57 24.72
C PHE B 299 11.51 -14.69 25.97
N ALA B 300 12.65 -14.06 26.28
CA ALA B 300 12.72 -13.18 27.45
C ALA B 300 11.76 -12.01 27.30
N ALA B 301 11.60 -11.50 26.09
CA ALA B 301 10.73 -10.36 25.85
C ALA B 301 9.27 -10.67 26.12
N MET B 302 8.87 -11.94 26.15
CA MET B 302 7.48 -12.28 26.40
C MET B 302 7.16 -12.40 27.89
N LYS B 303 8.14 -12.22 28.76
CA LYS B 303 7.90 -12.24 30.20
C LYS B 303 7.67 -10.85 30.74
N LYS C 6 -21.34 15.87 8.83
CA LYS C 6 -20.42 16.96 9.13
C LYS C 6 -19.29 17.05 8.10
N PHE C 7 -19.17 18.21 7.47
CA PHE C 7 -18.14 18.42 6.47
C PHE C 7 -16.76 18.35 7.13
N PRO C 8 -15.80 17.62 6.56
CA PRO C 8 -14.50 17.44 7.23
C PRO C 8 -13.67 18.72 7.30
N VAL C 9 -13.26 19.06 8.53
CA VAL C 9 -12.34 20.16 8.83
C VAL C 9 -11.13 19.54 9.54
N VAL C 10 -9.94 19.73 8.98
CA VAL C 10 -8.71 19.12 9.49
C VAL C 10 -7.83 20.20 10.10
N ASP C 11 -7.37 19.96 11.33
CA ASP C 11 -6.46 20.90 11.99
C ASP C 11 -5.04 20.43 11.69
N LEU C 12 -4.35 21.16 10.81
CA LEU C 12 -3.03 20.69 10.40
C LEU C 12 -1.98 20.83 11.49
N SER C 13 -2.19 21.70 12.48
CA SER C 13 -1.22 21.80 13.56
C SER C 13 -1.16 20.54 14.40
N LYS C 14 -2.16 19.67 14.30
CA LYS C 14 -2.18 18.42 15.07
C LYS C 14 -1.35 17.32 14.41
N LEU C 15 -0.64 17.64 13.34
CA LEU C 15 0.29 16.68 12.77
C LEU C 15 1.65 16.71 13.46
N ASN C 16 1.92 17.71 14.30
CA ASN C 16 3.24 17.90 14.88
C ASN C 16 3.40 17.20 16.21
N GLY C 17 2.44 16.37 16.56
CA GLY C 17 2.33 15.90 17.92
C GLY C 17 1.77 14.49 17.94
N GLU C 18 1.29 14.08 19.10
CA GLU C 18 0.82 12.73 19.32
C GLU C 18 -0.59 12.48 18.76
N GLU C 19 -1.28 13.52 18.31
CA GLU C 19 -2.57 13.40 17.64
C GLU C 19 -2.42 13.23 16.13
N ARG C 20 -1.20 13.03 15.64
CA ARG C 20 -0.97 13.09 14.21
C ARG C 20 -1.64 11.92 13.49
N ASP C 21 -1.65 10.72 14.10
CA ASP C 21 -2.28 9.57 13.46
C ASP C 21 -3.77 9.77 13.21
N GLN C 22 -4.48 10.32 14.21
CA GLN C 22 -5.90 10.58 14.02
C GLN C 22 -6.13 11.66 12.98
N THR C 23 -5.27 12.67 12.94
CA THR C 23 -5.33 13.67 11.88
C THR C 23 -5.14 13.01 10.52
N MET C 24 -4.14 12.13 10.39
CA MET C 24 -3.94 11.43 9.11
C MET C 24 -5.16 10.61 8.74
N ALA C 25 -5.76 9.95 9.72
CA ALA C 25 -6.95 9.14 9.48
C ALA C 25 -8.12 9.99 8.97
N LEU C 26 -8.27 11.21 9.51
CA LEU C 26 -9.31 12.11 9.01
C LEU C 26 -9.03 12.52 7.57
N ILE C 27 -7.76 12.82 7.26
CA ILE C 27 -7.39 13.19 5.90
C ILE C 27 -7.74 12.05 4.94
N ASN C 28 -7.36 10.82 5.31
CA ASN C 28 -7.59 9.69 4.41
C ASN C 28 -9.09 9.43 4.24
N GLU C 29 -9.86 9.62 5.31
CA GLU C 29 -11.31 9.46 5.25
C GLU C 29 -11.95 10.47 4.33
N ALA C 30 -11.55 11.75 4.45
CA ALA C 30 -12.07 12.77 3.55
C ALA C 30 -11.68 12.47 2.10
N CYS C 31 -10.43 12.03 1.88
CA CYS C 31 -9.97 11.74 0.52
C CYS C 31 -10.76 10.60 -0.11
N GLU C 32 -11.12 9.58 0.68
CA GLU C 32 -11.86 8.45 0.14
C GLU C 32 -13.35 8.76 -0.03
N ASN C 33 -13.97 9.48 0.92
CA ASN C 33 -15.43 9.53 0.96
C ASN C 33 -16.02 10.88 0.60
N TRP C 34 -15.24 11.95 0.66
CA TRP C 34 -15.72 13.29 0.34
C TRP C 34 -15.06 13.90 -0.88
N GLY C 35 -13.78 13.61 -1.13
CA GLY C 35 -13.04 14.29 -2.16
C GLY C 35 -12.68 15.72 -1.85
N PHE C 36 -13.12 16.23 -0.70
CA PHE C 36 -12.90 17.60 -0.26
C PHE C 36 -12.59 17.57 1.22
N PHE C 37 -11.83 18.55 1.68
CA PHE C 37 -11.81 18.84 3.11
C PHE C 37 -11.27 20.24 3.31
N GLU C 38 -11.67 20.84 4.43
CA GLU C 38 -11.14 22.13 4.85
C GLU C 38 -9.96 21.91 5.79
N ILE C 39 -8.99 22.82 5.72
CA ILE C 39 -7.88 22.80 6.65
C ILE C 39 -7.84 24.13 7.41
N VAL C 40 -7.55 24.02 8.70
CA VAL C 40 -7.32 25.16 9.57
C VAL C 40 -5.95 24.99 10.22
N ASN C 41 -5.42 26.11 10.73
CA ASN C 41 -4.10 26.14 11.36
C ASN C 41 -3.03 25.59 10.42
N HIS C 42 -3.04 26.11 9.21
CA HIS C 42 -2.13 25.73 8.14
C HIS C 42 -0.92 26.67 8.29
N GLY C 43 -0.16 26.88 7.25
CA GLY C 43 0.94 27.79 7.48
C GLY C 43 0.70 29.23 7.14
N LEU C 44 -0.47 29.55 6.60
CA LEU C 44 -0.61 30.87 5.98
C LEU C 44 -0.99 31.93 7.00
N PRO C 45 -0.23 33.03 7.05
CA PRO C 45 -0.51 34.10 8.02
C PRO C 45 -1.88 34.71 7.78
N HIS C 46 -2.64 34.90 8.87
CA HIS C 46 -4.01 35.40 8.70
C HIS C 46 -4.01 36.80 8.08
N ASP C 47 -2.96 37.58 8.33
CA ASP C 47 -2.87 38.89 7.72
C ASP C 47 -2.61 38.79 6.21
N LEU C 48 -1.93 37.75 5.76
CA LEU C 48 -1.76 37.60 4.32
C LEU C 48 -3.10 37.22 3.67
N MET C 49 -3.83 36.28 4.27
CA MET C 49 -5.17 35.96 3.75
C MET C 49 -6.08 37.19 3.76
N ASP C 50 -6.05 37.99 4.83
CA ASP C 50 -6.94 39.16 4.89
C ASP C 50 -6.61 40.16 3.80
N LYS C 51 -5.32 40.29 3.44
CA LYS C 51 -4.93 41.24 2.41
C LYS C 51 -5.23 40.70 1.02
N ILE C 52 -4.99 39.40 0.78
CA ILE C 52 -5.41 38.77 -0.47
C ILE C 52 -6.90 38.96 -0.69
N GLU C 53 -7.71 38.73 0.35
CA GLU C 53 -9.15 38.90 0.22
C GLU C 53 -9.52 40.34 -0.09
N LYS C 54 -8.96 41.30 0.65
CA LYS C 54 -9.29 42.69 0.39
C LYS C 54 -8.89 43.11 -1.01
N MET C 55 -7.64 42.82 -1.42
CA MET C 55 -7.22 43.25 -2.74
C MET C 55 -7.90 42.49 -3.87
N THR C 56 -8.29 41.23 -3.66
CA THR C 56 -9.09 40.55 -4.68
C THR C 56 -10.43 41.25 -4.88
N LYS C 57 -11.12 41.56 -3.79
CA LYS C 57 -12.41 42.23 -3.87
C LYS C 57 -12.27 43.64 -4.43
N ASP C 58 -11.21 44.37 -4.08
CA ASP C 58 -11.05 45.70 -4.65
C ASP C 58 -10.65 45.60 -6.12
N HIS C 59 -9.91 44.56 -6.50
CA HIS C 59 -9.56 44.38 -7.91
C HIS C 59 -10.78 44.01 -8.74
N TYR C 60 -11.76 43.31 -8.16
CA TYR C 60 -13.00 43.07 -8.89
C TYR C 60 -13.69 44.38 -9.24
N LYS C 61 -13.88 45.26 -8.25
CA LYS C 61 -14.63 46.48 -8.49
C LYS C 61 -13.93 47.38 -9.51
N THR C 62 -12.59 47.47 -9.44
CA THR C 62 -11.88 48.41 -10.31
C THR C 62 -11.65 47.83 -11.69
N CYS C 63 -11.43 46.52 -11.80
CA CYS C 63 -10.96 45.91 -13.03
C CYS C 63 -11.86 44.82 -13.60
N GLN C 64 -12.54 44.04 -12.77
CA GLN C 64 -13.27 42.88 -13.30
C GLN C 64 -14.76 43.15 -13.47
N GLU C 65 -15.34 44.07 -12.69
CA GLU C 65 -16.79 44.25 -12.76
C GLU C 65 -17.20 44.76 -14.13
N GLN C 66 -16.32 45.55 -14.76
CA GLN C 66 -16.51 46.03 -16.11
C GLN C 66 -16.55 44.88 -17.10
N LYS C 67 -15.49 44.07 -17.12
CA LYS C 67 -15.45 42.91 -17.99
C LYS C 67 -16.64 41.98 -17.74
N PHE C 68 -17.15 41.96 -16.50
CA PHE C 68 -18.27 41.06 -16.24
C PHE C 68 -19.56 41.55 -16.88
N ASN C 69 -19.86 42.85 -16.79
CA ASN C 69 -21.06 43.37 -17.44
C ASN C 69 -20.92 43.38 -18.95
N ASP C 70 -19.70 43.65 -19.45
CA ASP C 70 -19.40 43.45 -20.87
C ASP C 70 -19.81 42.05 -21.31
N MET C 71 -19.45 41.07 -20.49
CA MET C 71 -19.77 39.67 -20.76
C MET C 71 -21.30 39.48 -20.83
N LEU C 72 -22.02 40.00 -19.84
CA LEU C 72 -23.48 39.91 -19.84
C LEU C 72 -24.09 40.60 -21.04
N LYS C 73 -23.46 41.66 -21.54
CA LYS C 73 -23.92 42.34 -22.75
C LYS C 73 -23.87 41.39 -23.94
N SER C 74 -22.67 40.94 -24.29
CA SER C 74 -22.44 40.18 -25.52
C SER C 74 -23.10 38.80 -25.49
N LYS C 75 -23.57 38.34 -24.34
CA LYS C 75 -24.25 37.05 -24.24
C LYS C 75 -25.75 37.18 -23.99
N GLY C 76 -26.27 38.39 -23.79
CA GLY C 76 -27.68 38.59 -23.56
C GLY C 76 -28.19 38.08 -22.22
N LEU C 77 -27.37 38.18 -21.17
CA LEU C 77 -27.70 37.62 -19.88
C LEU C 77 -28.16 38.68 -18.86
N ASP C 78 -28.46 39.90 -19.31
CA ASP C 78 -28.94 40.92 -18.39
C ASP C 78 -30.29 40.54 -17.78
N ASN C 79 -31.19 39.97 -18.59
CA ASN C 79 -32.48 39.49 -18.12
C ASN C 79 -32.60 38.01 -18.46
N LEU C 80 -33.01 37.22 -17.47
CA LEU C 80 -32.98 35.77 -17.53
C LEU C 80 -34.41 35.24 -17.57
N GLU C 81 -34.98 35.13 -18.77
CA GLU C 81 -36.35 34.64 -18.87
C GLU C 81 -36.43 33.15 -18.54
N THR C 82 -35.42 32.36 -18.95
CA THR C 82 -35.39 30.92 -18.71
C THR C 82 -33.95 30.45 -18.52
N GLU C 83 -33.84 29.16 -18.21
CA GLU C 83 -32.57 28.56 -17.78
C GLU C 83 -31.48 28.66 -18.83
N VAL C 84 -30.29 29.01 -18.36
CA VAL C 84 -29.05 29.09 -19.13
C VAL C 84 -28.15 27.96 -18.64
N GLU C 85 -27.92 26.95 -19.48
CA GLU C 85 -27.14 25.79 -19.05
C GLU C 85 -25.78 25.70 -19.74
N ASP C 86 -25.39 26.73 -20.50
CA ASP C 86 -24.17 26.69 -21.29
C ASP C 86 -23.20 27.83 -20.96
N VAL C 87 -23.47 28.62 -19.92
CA VAL C 87 -22.55 29.68 -19.51
C VAL C 87 -22.51 29.73 -17.98
N ASP C 88 -21.37 30.18 -17.45
CA ASP C 88 -21.19 30.35 -16.01
C ASP C 88 -21.29 31.83 -15.65
N TRP C 89 -22.04 32.09 -14.57
CA TRP C 89 -22.22 33.44 -14.02
C TRP C 89 -21.01 33.73 -13.13
N GLU C 90 -19.89 34.07 -13.78
CA GLU C 90 -18.58 34.02 -13.16
C GLU C 90 -17.68 35.07 -13.77
N SER C 91 -16.85 35.70 -12.94
CA SER C 91 -15.82 36.63 -13.39
C SER C 91 -14.46 36.08 -12.98
N THR C 92 -13.55 35.91 -13.95
CA THR C 92 -12.29 35.24 -13.67
C THR C 92 -11.14 35.87 -14.42
N PHE C 93 -9.97 35.81 -13.79
CA PHE C 93 -8.70 35.92 -14.48
C PHE C 93 -7.78 34.89 -13.86
N TYR C 94 -6.74 34.51 -14.60
CA TYR C 94 -5.84 33.44 -14.20
C TYR C 94 -4.42 33.99 -14.01
N VAL C 95 -3.77 33.53 -12.94
CA VAL C 95 -2.39 33.88 -12.60
C VAL C 95 -1.58 32.58 -12.72
N ARG C 96 -0.53 32.59 -13.52
CA ARG C 96 0.34 31.44 -13.65
C ARG C 96 1.59 31.65 -12.79
N HIS C 97 1.95 30.64 -12.01
CA HIS C 97 3.17 30.65 -11.19
C HIS C 97 4.24 29.72 -11.73
N LEU C 98 3.88 28.48 -12.06
CA LEU C 98 4.84 27.49 -12.55
C LEU C 98 4.32 26.77 -13.81
N PRO C 99 5.23 26.41 -14.74
CA PRO C 99 6.69 26.54 -14.59
C PRO C 99 7.19 27.97 -14.76
N GLN C 100 6.37 28.85 -15.36
CA GLN C 100 6.69 30.26 -15.54
C GLN C 100 5.55 31.21 -15.21
N SER C 101 5.93 32.20 -14.40
CA SER C 101 5.02 33.18 -13.86
C SER C 101 4.72 34.24 -14.90
N ASN C 102 3.45 34.61 -14.99
CA ASN C 102 3.01 35.78 -15.75
C ASN C 102 2.54 36.88 -14.82
N LEU C 103 2.88 36.76 -13.53
CA LEU C 103 2.40 37.72 -12.55
C LEU C 103 2.82 39.15 -12.90
N ASN C 104 4.08 39.34 -13.33
CA ASN C 104 4.54 40.69 -13.67
C ASN C 104 4.06 41.14 -15.04
N ASP C 105 3.17 40.39 -15.68
CA ASP C 105 2.67 40.76 -17.00
C ASP C 105 1.18 41.06 -17.01
N ILE C 106 0.46 40.77 -15.93
CA ILE C 106 -0.93 41.20 -15.82
C ILE C 106 -0.93 42.71 -15.58
N SER C 107 -1.53 43.45 -16.51
CA SER C 107 -1.34 44.90 -16.52
C SER C 107 -2.13 45.57 -15.40
N ASP C 108 -3.32 45.05 -15.11
CA ASP C 108 -4.30 45.73 -14.26
C ASP C 108 -4.22 45.31 -12.80
N VAL C 109 -3.11 44.68 -12.39
CA VAL C 109 -2.89 44.26 -11.01
C VAL C 109 -1.89 45.22 -10.38
N SER C 110 -2.11 45.56 -9.11
CA SER C 110 -1.27 46.53 -8.41
C SER C 110 0.05 45.90 -7.95
N ASP C 111 1.01 46.78 -7.64
CA ASP C 111 2.31 46.33 -7.13
C ASP C 111 2.14 45.46 -5.88
N GLU C 112 1.39 45.97 -4.90
CA GLU C 112 1.22 45.22 -3.65
C GLU C 112 0.36 43.98 -3.83
N TYR C 113 -0.63 44.00 -4.74
CA TYR C 113 -1.38 42.79 -5.04
C TYR C 113 -0.47 41.73 -5.63
N ARG C 114 0.42 42.11 -6.55
CA ARG C 114 1.33 41.15 -7.16
C ARG C 114 2.29 40.59 -6.12
N THR C 115 2.79 41.44 -5.21
CA THR C 115 3.70 40.95 -4.17
C THR C 115 2.98 40.02 -3.19
N ALA C 116 1.75 40.35 -2.80
CA ALA C 116 0.99 39.44 -1.96
C ALA C 116 0.64 38.15 -2.68
N MET C 117 0.28 38.25 -3.95
CA MET C 117 -0.14 37.12 -4.76
C MET C 117 1.04 36.16 -4.94
N LYS C 118 2.22 36.72 -5.13
CA LYS C 118 3.44 35.93 -5.22
C LYS C 118 3.79 35.21 -3.92
N ASP C 119 3.66 35.89 -2.78
CA ASP C 119 3.95 35.25 -1.50
C ASP C 119 2.93 34.18 -1.20
N PHE C 120 1.65 34.50 -1.44
CA PHE C 120 0.56 33.57 -1.25
C PHE C 120 0.78 32.31 -2.09
N GLY C 121 1.16 32.49 -3.36
CA GLY C 121 1.33 31.34 -4.24
C GLY C 121 2.44 30.41 -3.80
N LYS C 122 3.57 30.98 -3.35
CA LYS C 122 4.69 30.17 -2.87
C LYS C 122 4.29 29.36 -1.65
N ARG C 123 3.56 29.96 -0.71
CA ARG C 123 3.14 29.21 0.48
C ARG C 123 2.16 28.10 0.12
N LEU C 124 1.25 28.36 -0.82
CA LEU C 124 0.32 27.32 -1.26
C LEU C 124 1.03 26.22 -2.05
N GLU C 125 2.09 26.56 -2.78
CA GLU C 125 2.86 25.53 -3.48
C GLU C 125 3.54 24.59 -2.47
N ASN C 126 4.16 25.15 -1.42
CA ASN C 126 4.73 24.31 -0.37
C ASN C 126 3.66 23.54 0.39
N LEU C 127 2.49 24.13 0.59
CA LEU C 127 1.45 23.40 1.28
C LEU C 127 0.90 22.26 0.39
N ALA C 128 0.77 22.51 -0.91
CA ALA C 128 0.39 21.43 -1.83
C ALA C 128 1.35 20.24 -1.73
N GLU C 129 2.68 20.51 -1.73
CA GLU C 129 3.63 19.40 -1.68
C GLU C 129 3.65 18.70 -0.33
N ASP C 130 3.45 19.45 0.77
CA ASP C 130 3.33 18.79 2.07
C ASP C 130 2.08 17.90 2.11
N LEU C 131 0.97 18.40 1.57
CA LEU C 131 -0.27 17.60 1.57
C LEU C 131 -0.13 16.37 0.68
N LEU C 132 0.53 16.49 -0.47
CA LEU C 132 0.75 15.32 -1.32
C LEU C 132 1.53 14.23 -0.60
N ASP C 133 2.49 14.64 0.25
CA ASP C 133 3.24 13.65 1.02
C ASP C 133 2.38 12.98 2.09
N LEU C 134 1.41 13.70 2.66
CA LEU C 134 0.49 13.05 3.58
C LEU C 134 -0.36 12.01 2.86
N LEU C 135 -0.84 12.34 1.65
CA LEU C 135 -1.54 11.34 0.83
C LEU C 135 -0.66 10.13 0.55
N CYS C 136 0.61 10.35 0.19
CA CYS C 136 1.54 9.25 -0.03
C CYS C 136 1.59 8.32 1.17
N GLU C 137 1.75 8.89 2.37
CA GLU C 137 1.82 8.07 3.57
C GLU C 137 0.52 7.30 3.76
N ASN C 138 -0.62 7.98 3.63
CA ASN C 138 -1.91 7.31 3.77
C ASN C 138 -2.12 6.24 2.71
N LEU C 139 -1.57 6.43 1.51
CA LEU C 139 -1.68 5.44 0.44
C LEU C 139 -0.62 4.35 0.53
N GLY C 140 0.34 4.46 1.44
CA GLY C 140 1.40 3.48 1.47
C GLY C 140 2.42 3.63 0.37
N LEU C 141 2.46 4.77 -0.31
CA LEU C 141 3.46 5.09 -1.32
C LEU C 141 4.71 5.69 -0.68
N GLU C 142 5.81 5.60 -1.43
CA GLU C 142 7.07 6.14 -0.95
C GLU C 142 6.99 7.66 -0.86
N LYS C 143 7.65 8.22 0.14
CA LYS C 143 7.72 9.65 0.36
C LYS C 143 8.19 10.38 -0.91
N GLY C 144 7.49 11.45 -1.25
CA GLY C 144 7.79 12.17 -2.47
C GLY C 144 7.28 11.52 -3.75
N TYR C 145 6.56 10.40 -3.66
CA TYR C 145 6.16 9.68 -4.87
C TYR C 145 5.33 10.56 -5.79
N LEU C 146 4.30 11.22 -5.26
CA LEU C 146 3.40 12.01 -6.09
C LEU C 146 4.09 13.26 -6.63
N LYS C 147 4.95 13.89 -5.84
CA LYS C 147 5.70 15.03 -6.35
C LYS C 147 6.61 14.60 -7.50
N LYS C 148 7.23 13.43 -7.40
CA LYS C 148 8.10 12.96 -8.47
C LYS C 148 7.30 12.64 -9.73
N VAL C 149 6.14 11.99 -9.59
CA VAL C 149 5.29 11.72 -10.76
C VAL C 149 4.85 13.04 -11.40
N PHE C 150 4.53 14.05 -10.58
CA PHE C 150 4.04 15.30 -11.13
C PHE C 150 5.12 16.12 -11.85
N HIS C 151 6.40 15.76 -11.72
CA HIS C 151 7.44 16.69 -12.12
C HIS C 151 7.59 16.79 -13.64
N GLY C 152 7.56 15.66 -14.36
CA GLY C 152 7.86 15.74 -15.80
C GLY C 152 9.28 16.26 -16.03
N THR C 153 9.45 17.03 -17.12
CA THR C 153 10.68 17.76 -17.44
C THR C 153 10.77 19.16 -16.83
N LYS C 154 9.71 19.95 -16.88
CA LYS C 154 9.82 21.33 -16.41
C LYS C 154 9.27 21.55 -15.00
N GLY C 155 8.89 20.49 -14.29
CA GLY C 155 8.33 20.68 -12.97
C GLY C 155 6.83 20.78 -13.04
N PRO C 156 6.18 20.85 -11.88
CA PRO C 156 4.71 20.90 -11.83
C PRO C 156 4.19 22.15 -12.51
N THR C 157 2.93 22.11 -12.90
CA THR C 157 2.20 23.30 -13.28
C THR C 157 1.41 23.81 -12.09
N PHE C 158 1.57 25.10 -11.78
CA PHE C 158 0.92 25.70 -10.63
C PHE C 158 0.41 27.08 -11.02
N GLY C 159 -0.89 27.29 -10.88
CA GLY C 159 -1.52 28.55 -11.25
C GLY C 159 -2.66 28.86 -10.31
N THR C 160 -3.17 30.08 -10.40
CA THR C 160 -4.25 30.51 -9.51
C THR C 160 -5.39 31.10 -10.32
N LYS C 161 -6.57 30.58 -10.10
CA LYS C 161 -7.80 31.11 -10.67
C LYS C 161 -8.46 32.02 -9.64
N VAL C 162 -8.57 33.30 -9.98
CA VAL C 162 -9.16 34.30 -9.10
C VAL C 162 -10.54 34.61 -9.65
N SER C 163 -11.58 34.20 -8.91
CA SER C 163 -12.94 34.32 -9.40
C SER C 163 -13.80 35.11 -8.44
N ASN C 164 -14.81 35.75 -9.00
CA ASN C 164 -15.90 36.31 -8.23
C ASN C 164 -17.22 35.84 -8.84
N TYR C 165 -18.19 35.52 -7.98
CA TYR C 165 -19.50 35.12 -8.45
C TYR C 165 -20.47 36.21 -7.98
N PRO C 166 -20.72 37.21 -8.82
CA PRO C 166 -21.52 38.37 -8.40
C PRO C 166 -22.97 37.99 -8.19
N PRO C 167 -23.74 38.81 -7.47
CA PRO C 167 -25.15 38.50 -7.27
C PRO C 167 -25.88 38.33 -8.60
N CYS C 168 -26.83 37.41 -8.60
CA CYS C 168 -27.60 37.09 -9.79
C CYS C 168 -29.06 37.34 -9.48
N PRO C 169 -29.76 38.20 -10.23
CA PRO C 169 -31.17 38.47 -9.94
C PRO C 169 -32.04 37.21 -9.90
N LYS C 170 -31.78 36.21 -10.74
CA LYS C 170 -32.61 35.01 -10.80
C LYS C 170 -31.71 33.77 -10.71
N PRO C 171 -31.27 33.41 -9.51
CA PRO C 171 -30.29 32.33 -9.37
C PRO C 171 -30.78 30.99 -9.87
N GLU C 172 -32.09 30.80 -9.98
CA GLU C 172 -32.66 29.56 -10.50
C GLU C 172 -32.28 29.32 -11.95
N MET C 173 -31.91 30.36 -12.69
CA MET C 173 -31.74 30.27 -14.13
C MET C 173 -30.32 29.92 -14.55
N ILE C 174 -29.31 30.18 -13.71
CA ILE C 174 -27.92 30.04 -14.13
C ILE C 174 -27.06 29.68 -12.93
N LYS C 175 -26.02 28.89 -13.16
CA LYS C 175 -25.07 28.55 -12.11
C LYS C 175 -23.90 29.51 -12.16
N GLY C 176 -23.29 29.74 -10.99
CA GLY C 176 -22.02 30.44 -10.98
C GLY C 176 -20.94 29.63 -11.69
N LEU C 177 -20.97 28.31 -11.50
CA LEU C 177 -20.07 27.45 -12.27
C LEU C 177 -20.69 26.07 -12.30
N ARG C 178 -20.87 25.53 -13.50
CA ARG C 178 -21.60 24.28 -13.67
C ARG C 178 -20.83 23.13 -13.06
N ALA C 179 -21.56 22.04 -12.80
CA ALA C 179 -20.98 20.88 -12.14
C ALA C 179 -19.86 20.30 -12.99
N HIS C 180 -18.76 19.92 -12.34
CA HIS C 180 -17.59 19.37 -13.03
C HIS C 180 -16.70 18.70 -12.00
N THR C 181 -15.75 17.91 -12.49
CA THR C 181 -14.62 17.51 -11.68
C THR C 181 -13.38 18.25 -12.20
N ASP C 182 -12.40 18.47 -11.32
CA ASP C 182 -11.19 19.17 -11.72
C ASP C 182 -10.20 18.21 -12.37
N ALA C 183 -9.51 18.71 -13.39
CA ALA C 183 -8.65 17.88 -14.22
C ALA C 183 -7.37 17.48 -13.53
N GLY C 184 -6.90 18.28 -12.57
CA GLY C 184 -5.51 18.23 -12.13
C GLY C 184 -5.22 17.36 -10.92
N GLY C 185 -4.25 17.81 -10.13
CA GLY C 185 -3.75 17.02 -9.02
C GLY C 185 -4.44 17.38 -7.74
N ILE C 186 -3.99 18.45 -7.11
CA ILE C 186 -4.56 18.91 -5.84
C ILE C 186 -4.95 20.37 -5.99
N ILE C 187 -6.11 20.74 -5.45
CA ILE C 187 -6.69 22.07 -5.58
C ILE C 187 -6.79 22.68 -4.19
N LEU C 188 -6.30 23.91 -4.04
CA LEU C 188 -6.25 24.58 -2.75
C LEU C 188 -7.00 25.90 -2.87
N LEU C 189 -8.13 26.02 -2.19
CA LEU C 189 -9.05 27.13 -2.39
C LEU C 189 -9.12 28.02 -1.17
N PHE C 190 -8.91 29.32 -1.39
CA PHE C 190 -9.19 30.38 -0.43
C PHE C 190 -10.51 31.01 -0.90
N GLN C 191 -11.61 30.66 -0.23
CA GLN C 191 -12.93 31.13 -0.64
C GLN C 191 -13.48 32.15 0.35
N ASP C 192 -14.48 32.89 -0.13
CA ASP C 192 -15.23 33.83 0.70
C ASP C 192 -15.64 33.19 2.03
N ASP C 193 -15.44 33.93 3.12
CA ASP C 193 -15.86 33.44 4.44
C ASP C 193 -17.26 33.90 4.85
N LYS C 194 -17.95 34.71 4.05
CA LYS C 194 -19.35 35.01 4.35
C LYS C 194 -20.30 34.50 3.29
N VAL C 195 -19.99 34.68 2.01
CA VAL C 195 -20.92 34.34 0.93
C VAL C 195 -20.69 32.89 0.52
N SER C 196 -21.67 32.03 0.75
CA SER C 196 -21.49 30.63 0.37
C SER C 196 -21.87 30.45 -1.11
N GLY C 197 -21.71 29.22 -1.61
CA GLY C 197 -21.98 28.94 -3.02
C GLY C 197 -21.38 27.66 -3.58
N LEU C 198 -20.19 27.30 -3.11
CA LEU C 198 -19.54 26.08 -3.59
C LEU C 198 -20.21 24.85 -2.95
N GLN C 199 -20.56 23.88 -3.79
CA GLN C 199 -21.20 22.65 -3.32
C GLN C 199 -20.53 21.45 -3.97
N LEU C 200 -20.50 20.33 -3.25
CA LEU C 200 -20.04 19.05 -3.80
C LEU C 200 -21.19 18.05 -3.79
N LEU C 201 -21.08 17.05 -4.66
CA LEU C 201 -22.10 16.01 -4.75
C LEU C 201 -21.63 14.83 -3.91
N LYS C 202 -22.42 14.45 -2.92
CA LYS C 202 -22.07 13.30 -2.10
C LYS C 202 -23.32 12.48 -1.78
N ASP C 203 -23.25 11.17 -2.05
CA ASP C 203 -24.32 10.23 -1.77
C ASP C 203 -25.67 10.73 -2.30
N GLY C 204 -25.66 11.32 -3.50
CA GLY C 204 -26.90 11.77 -4.13
C GLY C 204 -27.47 13.07 -3.62
N ASP C 205 -26.68 13.89 -2.93
CA ASP C 205 -27.08 15.20 -2.42
C ASP C 205 -25.99 16.22 -2.70
N TRP C 206 -26.40 17.44 -3.03
CA TRP C 206 -25.50 18.59 -3.07
C TRP C 206 -25.25 19.07 -1.64
N ILE C 207 -23.99 19.15 -1.24
CA ILE C 207 -23.61 19.52 0.12
C ILE C 207 -22.78 20.80 0.04
N ASP C 208 -23.17 21.81 0.83
CA ASP C 208 -22.41 23.06 0.82
C ASP C 208 -21.03 22.87 1.41
N VAL C 209 -20.06 23.54 0.81
CA VAL C 209 -18.71 23.63 1.35
C VAL C 209 -18.70 24.89 2.21
N PRO C 210 -18.81 24.76 3.53
CA PRO C 210 -19.18 25.92 4.38
C PRO C 210 -18.08 26.97 4.43
N PRO C 211 -18.42 28.24 4.23
CA PRO C 211 -17.41 29.30 4.41
C PRO C 211 -16.88 29.28 5.84
N LEU C 212 -15.55 29.39 5.98
CA LEU C 212 -14.94 29.39 7.30
C LEU C 212 -13.72 30.30 7.31
N ASN C 213 -13.69 31.23 8.28
CA ASN C 213 -12.60 32.22 8.41
C ASN C 213 -11.23 31.54 8.37
N HIS C 214 -10.33 32.13 7.57
CA HIS C 214 -8.93 31.71 7.51
C HIS C 214 -8.77 30.20 7.28
N SER C 215 -9.64 29.63 6.48
CA SER C 215 -9.51 28.24 6.10
C SER C 215 -9.12 28.09 4.64
N ILE C 216 -8.59 26.92 4.30
CA ILE C 216 -8.33 26.52 2.92
C ILE C 216 -9.13 25.25 2.65
N VAL C 217 -9.81 25.24 1.51
CA VAL C 217 -10.54 24.05 1.06
C VAL C 217 -9.64 23.27 0.11
N ILE C 218 -9.48 21.98 0.37
CA ILE C 218 -8.66 21.08 -0.44
C ILE C 218 -9.60 20.15 -1.20
N ASN C 219 -9.33 19.93 -2.48
CA ASN C 219 -10.00 18.82 -3.16
C ASN C 219 -9.04 18.20 -4.16
N LEU C 220 -9.37 16.97 -4.57
CA LEU C 220 -8.50 16.19 -5.45
C LEU C 220 -9.06 16.18 -6.86
N GLY C 221 -8.16 16.26 -7.85
CA GLY C 221 -8.55 16.24 -9.24
C GLY C 221 -8.43 14.84 -9.87
N ASP C 222 -8.75 14.79 -11.18
CA ASP C 222 -8.79 13.53 -11.92
C ASP C 222 -7.45 12.81 -11.90
N GLN C 223 -6.32 13.54 -11.87
CA GLN C 223 -5.03 12.87 -11.96
C GLN C 223 -4.78 12.00 -10.74
N LEU C 224 -5.24 12.44 -9.56
CA LEU C 224 -5.07 11.64 -8.35
C LEU C 224 -5.98 10.42 -8.34
N GLU C 225 -7.14 10.50 -8.97
CA GLU C 225 -7.97 9.30 -9.09
C GLU C 225 -7.26 8.23 -9.92
N VAL C 226 -6.63 8.63 -11.02
CA VAL C 226 -5.87 7.68 -11.84
C VAL C 226 -4.73 7.07 -11.03
N ILE C 227 -3.90 7.91 -10.40
CA ILE C 227 -2.72 7.41 -9.70
C ILE C 227 -3.14 6.50 -8.54
N THR C 228 -4.24 6.82 -7.86
CA THR C 228 -4.70 5.97 -6.76
C THR C 228 -5.55 4.80 -7.22
N ASN C 229 -5.71 4.61 -8.54
CA ASN C 229 -6.49 3.49 -9.06
C ASN C 229 -7.91 3.50 -8.50
N GLY C 230 -8.49 4.70 -8.41
CA GLY C 230 -9.84 4.87 -7.94
C GLY C 230 -10.00 4.96 -6.42
N LYS C 231 -8.91 4.82 -5.64
CA LYS C 231 -9.07 4.83 -4.19
C LYS C 231 -9.51 6.21 -3.68
N TYR C 232 -8.99 7.28 -4.28
CA TYR C 232 -9.45 8.65 -4.04
C TYR C 232 -10.06 9.18 -5.33
N LYS C 233 -11.37 9.39 -5.35
CA LYS C 233 -12.01 9.82 -6.59
C LYS C 233 -12.15 11.33 -6.60
N SER C 234 -12.08 11.92 -7.80
CA SER C 234 -12.37 13.34 -7.93
C SER C 234 -13.89 13.51 -8.02
N VAL C 235 -14.44 14.35 -7.15
CA VAL C 235 -15.88 14.43 -6.97
C VAL C 235 -16.39 15.71 -7.62
N LEU C 236 -17.62 15.59 -8.16
CA LEU C 236 -18.31 16.69 -8.82
C LEU C 236 -18.63 17.80 -7.84
N HIS C 237 -18.49 19.04 -8.32
CA HIS C 237 -18.73 20.21 -7.50
C HIS C 237 -19.23 21.34 -8.39
N ARG C 238 -19.88 22.31 -7.78
CA ARG C 238 -20.43 23.42 -8.55
C ARG C 238 -20.45 24.64 -7.64
N VAL C 239 -20.71 25.80 -8.23
CA VAL C 239 -20.96 27.03 -7.50
C VAL C 239 -22.35 27.54 -7.88
N VAL C 240 -23.22 27.70 -6.89
CA VAL C 240 -24.56 28.26 -7.15
C VAL C 240 -24.51 29.76 -6.89
N THR C 241 -25.32 30.50 -7.65
CA THR C 241 -25.45 31.93 -7.45
C THR C 241 -26.47 32.24 -6.35
N GLN C 242 -26.50 33.50 -5.95
CA GLN C 242 -27.55 34.00 -5.06
C GLN C 242 -27.85 35.44 -5.40
N GLN C 243 -28.99 35.92 -4.90
CA GLN C 243 -29.45 37.26 -5.27
C GLN C 243 -28.62 38.34 -4.61
N GLU C 244 -28.17 38.12 -3.37
CA GLU C 244 -27.43 39.12 -2.60
C GLU C 244 -26.10 38.51 -2.17
N GLY C 245 -25.00 39.11 -2.60
CA GLY C 245 -23.70 38.61 -2.20
C GLY C 245 -22.81 38.26 -3.37
N ASN C 246 -21.53 38.63 -3.28
CA ASN C 246 -20.54 38.40 -4.32
C ASN C 246 -19.50 37.47 -3.70
N ARG C 247 -19.53 36.19 -4.05
CA ARG C 247 -18.62 35.25 -3.41
C ARG C 247 -17.24 35.30 -4.07
N MET C 248 -16.20 35.51 -3.26
CA MET C 248 -14.83 35.52 -3.75
C MET C 248 -14.27 34.11 -3.80
N SER C 249 -13.37 33.86 -4.76
CA SER C 249 -12.77 32.55 -4.92
C SER C 249 -11.35 32.72 -5.43
N VAL C 250 -10.37 32.26 -4.65
CA VAL C 250 -8.96 32.28 -5.04
C VAL C 250 -8.51 30.82 -4.99
N ALA C 251 -8.43 30.17 -6.14
CA ALA C 251 -8.26 28.73 -6.22
C ALA C 251 -6.95 28.41 -6.89
N SER C 252 -6.07 27.68 -6.21
CA SER C 252 -4.76 27.36 -6.75
C SER C 252 -4.72 25.89 -7.14
N PHE C 253 -4.21 25.62 -8.33
CA PHE C 253 -4.25 24.31 -8.97
C PHE C 253 -2.82 23.82 -9.11
N TYR C 254 -2.47 22.75 -8.39
CA TYR C 254 -1.17 22.10 -8.49
C TYR C 254 -1.33 20.87 -9.39
N ASN C 255 -0.81 20.95 -10.61
CA ASN C 255 -1.00 19.95 -11.65
C ASN C 255 0.33 19.35 -12.08
N PRO C 256 0.34 18.13 -12.63
CA PRO C 256 1.59 17.59 -13.19
C PRO C 256 2.11 18.46 -14.33
N GLY C 257 3.42 18.35 -14.56
CA GLY C 257 3.99 18.97 -15.74
C GLY C 257 3.40 18.42 -17.03
N SER C 258 3.53 19.21 -18.09
CA SER C 258 2.86 18.89 -19.35
C SER C 258 3.23 17.49 -19.85
N ASP C 259 4.48 17.08 -19.70
CA ASP C 259 4.90 15.78 -20.22
C ASP C 259 5.00 14.71 -19.15
N ALA C 260 4.38 14.91 -18.00
CA ALA C 260 4.37 13.89 -16.96
C ALA C 260 3.58 12.67 -17.41
N GLU C 261 4.11 11.49 -17.11
CA GLU C 261 3.42 10.22 -17.36
C GLU C 261 2.57 9.88 -16.15
N ILE C 262 1.26 9.77 -16.37
CA ILE C 262 0.30 9.50 -15.30
C ILE C 262 -0.20 8.08 -15.47
N SER C 263 -0.13 7.28 -14.40
CA SER C 263 -0.64 5.91 -14.45
C SER C 263 -0.93 5.48 -13.02
N PRO C 264 -1.77 4.46 -12.85
CA PRO C 264 -1.99 3.93 -11.49
C PRO C 264 -0.70 3.39 -10.88
N ALA C 265 -0.40 3.85 -9.65
CA ALA C 265 0.76 3.34 -8.92
C ALA C 265 0.67 1.83 -8.77
N THR C 266 1.76 1.13 -9.11
CA THR C 266 1.66 -0.33 -9.19
C THR C 266 1.31 -0.94 -7.84
N SER C 267 1.75 -0.33 -6.75
CA SER C 267 1.42 -0.89 -5.43
C SER C 267 -0.06 -0.74 -5.09
N LEU C 268 -0.81 0.06 -5.85
CA LEU C 268 -2.24 0.22 -5.63
C LEU C 268 -3.08 -0.58 -6.61
N VAL C 269 -2.46 -1.44 -7.42
CA VAL C 269 -3.16 -2.20 -8.46
C VAL C 269 -3.00 -3.68 -8.18
N GLU C 270 -4.12 -4.40 -8.12
CA GLU C 270 -4.10 -5.87 -8.03
C GLU C 270 -4.60 -6.41 -9.32
N LYS C 271 -5.92 -6.58 -9.52
CA LYS C 271 -6.45 -6.87 -10.84
C LYS C 271 -6.11 -5.73 -11.79
N ASP C 272 -6.10 -6.04 -13.09
CA ASP C 272 -5.82 -5.04 -14.11
C ASP C 272 -6.65 -3.78 -13.85
N SER C 273 -5.99 -2.63 -13.93
CA SER C 273 -6.66 -1.38 -13.62
C SER C 273 -7.65 -1.03 -14.72
N GLU C 274 -8.77 -0.41 -14.33
CA GLU C 274 -9.69 0.16 -15.29
C GLU C 274 -9.26 1.55 -15.76
N TYR C 275 -8.26 2.15 -15.14
CA TYR C 275 -7.78 3.49 -15.43
C TYR C 275 -6.64 3.45 -16.43
N PRO C 276 -6.55 4.45 -17.30
CA PRO C 276 -5.53 4.43 -18.35
C PRO C 276 -4.19 4.95 -17.81
N SER C 277 -3.16 4.74 -18.62
CA SER C 277 -1.86 5.36 -18.48
C SER C 277 -1.65 6.26 -19.68
N PHE C 278 -1.26 7.51 -19.43
CA PHE C 278 -1.24 8.52 -20.49
C PHE C 278 -0.25 9.62 -20.11
N VAL C 279 -0.10 10.60 -21.01
CA VAL C 279 0.71 11.78 -20.72
C VAL C 279 -0.25 12.93 -20.39
N PHE C 280 0.08 13.69 -19.33
CA PHE C 280 -0.89 14.61 -18.75
C PHE C 280 -1.39 15.65 -19.76
N ASP C 281 -0.52 16.16 -20.62
CA ASP C 281 -0.99 17.22 -21.52
C ASP C 281 -2.04 16.70 -22.51
N ASP C 282 -2.02 15.39 -22.84
CA ASP C 282 -3.07 14.83 -23.69
C ASP C 282 -4.40 14.84 -22.96
N TYR C 283 -4.39 14.56 -21.65
CA TYR C 283 -5.61 14.66 -20.87
C TYR C 283 -6.13 16.10 -20.87
N MET C 284 -5.24 17.07 -20.72
CA MET C 284 -5.67 18.46 -20.59
C MET C 284 -6.18 19.01 -21.90
N LYS C 285 -5.55 18.66 -23.02
CA LYS C 285 -6.09 19.04 -24.32
C LYS C 285 -7.55 18.63 -24.45
N LEU C 286 -7.84 17.39 -24.05
CA LEU C 286 -9.18 16.84 -24.21
C LEU C 286 -10.13 17.48 -23.21
N TYR C 287 -9.70 17.56 -21.95
CA TYR C 287 -10.54 18.10 -20.88
C TYR C 287 -11.06 19.50 -21.21
N ALA C 288 -10.21 20.36 -21.79
CA ALA C 288 -10.61 21.75 -22.03
C ALA C 288 -11.93 21.83 -22.81
N GLY C 289 -12.13 20.95 -23.78
CA GLY C 289 -13.32 21.01 -24.59
C GLY C 289 -14.55 20.31 -24.02
N VAL C 290 -14.37 19.44 -23.02
CA VAL C 290 -15.47 18.61 -22.51
C VAL C 290 -15.59 18.71 -20.99
N LYS C 291 -15.21 19.86 -20.43
CA LYS C 291 -15.08 19.99 -18.97
C LYS C 291 -16.40 19.73 -18.25
N PHE C 292 -17.52 20.13 -18.85
CA PHE C 292 -18.80 19.99 -18.18
C PHE C 292 -19.58 18.77 -18.64
N GLN C 293 -18.96 17.87 -19.39
CA GLN C 293 -19.53 16.57 -19.71
C GLN C 293 -19.05 15.54 -18.71
N PRO C 294 -19.62 14.32 -18.72
CA PRO C 294 -19.24 13.33 -17.70
C PRO C 294 -17.74 13.09 -17.65
N LYS C 295 -17.26 12.72 -16.46
CA LYS C 295 -15.83 12.45 -16.27
C LYS C 295 -15.42 11.13 -16.92
N GLU C 296 -16.22 10.08 -16.75
CA GLU C 296 -15.76 8.76 -17.12
C GLU C 296 -15.33 8.62 -18.58
N PRO C 297 -15.98 9.22 -19.57
CA PRO C 297 -15.46 9.11 -20.96
C PRO C 297 -14.05 9.68 -21.15
N ARG C 298 -13.61 10.61 -20.31
CA ARG C 298 -12.27 11.17 -20.49
C ARG C 298 -11.20 10.13 -20.17
N PHE C 299 -11.44 9.32 -19.13
CA PHE C 299 -10.53 8.21 -18.83
C PHE C 299 -10.53 7.19 -19.97
N ALA C 300 -11.71 6.84 -20.50
CA ALA C 300 -11.79 5.87 -21.58
C ALA C 300 -11.04 6.37 -22.82
N ALA C 301 -11.11 7.68 -23.08
CA ALA C 301 -10.42 8.28 -24.22
C ALA C 301 -8.90 8.19 -24.12
N MET C 302 -8.33 7.96 -22.94
CA MET C 302 -6.88 7.91 -22.85
C MET C 302 -6.33 6.51 -23.15
N LYS C 303 -7.18 5.54 -23.42
CA LYS C 303 -6.71 4.21 -23.78
C LYS C 303 -6.60 4.06 -25.29
N MET D 5 20.42 -16.70 42.49
CA MET D 5 20.00 -15.71 41.49
C MET D 5 20.43 -14.29 41.85
N LYS D 6 21.38 -14.15 42.78
CA LYS D 6 21.95 -12.86 43.11
C LYS D 6 23.16 -12.58 42.22
N PHE D 7 23.24 -11.35 41.72
CA PHE D 7 24.31 -11.00 40.80
C PHE D 7 25.67 -11.08 41.51
N PRO D 8 26.67 -11.76 40.92
CA PRO D 8 27.94 -11.98 41.62
C PRO D 8 28.79 -10.72 41.80
N VAL D 9 29.17 -10.47 43.05
CA VAL D 9 30.11 -9.41 43.42
C VAL D 9 31.31 -10.06 44.10
N VAL D 10 32.51 -9.88 43.52
CA VAL D 10 33.73 -10.54 43.99
C VAL D 10 34.64 -9.50 44.64
N ASP D 11 35.09 -9.81 45.87
CA ASP D 11 36.01 -8.95 46.62
C ASP D 11 37.42 -9.42 46.32
N LEU D 12 38.14 -8.67 45.48
CA LEU D 12 39.47 -9.12 45.04
C LEU D 12 40.52 -9.03 46.14
N SER D 13 40.29 -8.22 47.17
CA SER D 13 41.25 -8.16 48.26
C SER D 13 41.29 -9.47 49.05
N LYS D 14 40.26 -10.31 48.92
CA LYS D 14 40.26 -11.59 49.62
C LYS D 14 41.09 -12.65 48.91
N LEU D 15 41.77 -12.29 47.82
CA LEU D 15 42.74 -13.20 47.24
C LEU D 15 44.08 -13.14 47.95
N ASN D 16 44.26 -12.17 48.85
CA ASN D 16 45.56 -11.91 49.46
C ASN D 16 45.74 -12.66 50.77
N GLY D 17 44.81 -13.55 51.11
CA GLY D 17 44.68 -14.03 52.47
C GLY D 17 44.14 -15.45 52.54
N GLU D 18 43.69 -15.85 53.73
CA GLU D 18 43.24 -17.23 53.91
C GLU D 18 41.99 -17.58 53.11
N GLU D 19 41.23 -16.58 52.64
CA GLU D 19 39.99 -16.83 51.91
C GLU D 19 40.20 -16.87 50.41
N ARG D 20 41.43 -17.08 49.96
CA ARG D 20 41.69 -16.96 48.54
C ARG D 20 41.02 -18.09 47.77
N ASP D 21 41.03 -19.31 48.33
CA ASP D 21 40.39 -20.44 47.67
C ASP D 21 38.90 -20.23 47.49
N GLN D 22 38.22 -19.76 48.54
CA GLN D 22 36.79 -19.50 48.44
C GLN D 22 36.51 -18.43 47.40
N THR D 23 37.37 -17.42 47.33
CA THR D 23 37.21 -16.35 46.35
C THR D 23 37.43 -16.87 44.93
N MET D 24 38.48 -17.69 44.72
CA MET D 24 38.71 -18.27 43.41
C MET D 24 37.52 -19.12 42.96
N ALA D 25 36.95 -19.89 43.89
CA ALA D 25 35.78 -20.71 43.59
C ALA D 25 34.59 -19.86 43.19
N LEU D 26 34.42 -18.69 43.83
CA LEU D 26 33.33 -17.79 43.47
C LEU D 26 33.54 -17.23 42.06
N ILE D 27 34.78 -16.84 41.74
CA ILE D 27 35.09 -16.34 40.41
C ILE D 27 34.73 -17.40 39.36
N ASN D 28 35.13 -18.65 39.61
CA ASN D 28 34.90 -19.71 38.64
C ASN D 28 33.41 -19.97 38.44
N GLU D 29 32.63 -19.87 39.51
CA GLU D 29 31.19 -20.03 39.38
C GLU D 29 30.57 -18.91 38.55
N ALA D 30 30.97 -17.65 38.78
CA ALA D 30 30.48 -16.57 37.93
C ALA D 30 30.87 -16.79 36.47
N CYS D 31 32.10 -17.24 36.21
CA CYS D 31 32.53 -17.46 34.83
C CYS D 31 31.69 -18.53 34.14
N GLU D 32 31.33 -19.58 34.88
CA GLU D 32 30.56 -20.67 34.28
C GLU D 32 29.08 -20.30 34.15
N ASN D 33 28.52 -19.60 35.12
CA ASN D 33 27.08 -19.51 35.20
C ASN D 33 26.52 -18.14 34.88
N TRP D 34 27.34 -17.09 34.95
CA TRP D 34 26.88 -15.76 34.62
C TRP D 34 27.56 -15.17 33.41
N GLY D 35 28.86 -15.47 33.19
CA GLY D 35 29.62 -14.78 32.16
C GLY D 35 29.96 -13.34 32.50
N PHE D 36 29.48 -12.85 33.64
CA PHE D 36 29.68 -11.49 34.11
C PHE D 36 29.95 -11.59 35.61
N PHE D 37 30.74 -10.66 36.12
CA PHE D 37 30.75 -10.47 37.55
C PHE D 37 31.32 -9.10 37.84
N GLU D 38 30.92 -8.56 38.99
CA GLU D 38 31.47 -7.30 39.47
C GLU D 38 32.63 -7.59 40.42
N ILE D 39 33.65 -6.75 40.39
CA ILE D 39 34.77 -6.85 41.32
C ILE D 39 34.85 -5.56 42.12
N VAL D 40 35.11 -5.71 43.43
CA VAL D 40 35.37 -4.61 44.35
C VAL D 40 36.73 -4.84 44.99
N ASN D 41 37.25 -3.78 45.60
CA ASN D 41 38.58 -3.76 46.23
C ASN D 41 39.65 -4.21 45.25
N HIS D 42 39.58 -3.64 44.06
CA HIS D 42 40.52 -3.94 43.01
C HIS D 42 41.63 -2.92 43.17
N GLY D 43 42.58 -2.92 42.26
CA GLY D 43 43.61 -1.94 42.53
C GLY D 43 43.32 -0.52 42.10
N LEU D 44 42.14 -0.20 41.54
CA LEU D 44 42.10 1.12 40.90
C LEU D 44 41.77 2.22 41.89
N PRO D 45 42.54 3.30 41.90
CA PRO D 45 42.31 4.39 42.88
C PRO D 45 40.93 5.00 42.67
N HIS D 46 40.19 5.17 43.77
CA HIS D 46 38.84 5.70 43.65
C HIS D 46 38.85 7.13 43.12
N ASP D 47 39.92 7.88 43.38
CA ASP D 47 39.95 9.23 42.83
C ASP D 47 40.18 9.23 41.32
N LEU D 48 40.89 8.22 40.79
CA LEU D 48 41.04 8.16 39.35
C LEU D 48 39.71 7.80 38.70
N MET D 49 38.98 6.86 39.28
CA MET D 49 37.62 6.57 38.82
C MET D 49 36.74 7.80 38.86
N ASP D 50 36.79 8.56 39.96
CA ASP D 50 35.93 9.75 40.06
C ASP D 50 36.28 10.77 39.00
N LYS D 51 37.58 10.90 38.69
CA LYS D 51 38.05 11.84 37.66
C LYS D 51 37.62 11.37 36.26
N ILE D 52 37.80 10.08 35.97
CA ILE D 52 37.36 9.53 34.69
C ILE D 52 35.87 9.76 34.51
N GLU D 53 35.08 9.45 35.54
CA GLU D 53 33.64 9.60 35.45
C GLU D 53 33.26 11.05 35.20
N LYS D 54 33.84 11.95 36.01
CA LYS D 54 33.56 13.37 35.88
C LYS D 54 33.94 13.90 34.50
N MET D 55 35.12 13.53 34.01
CA MET D 55 35.55 14.07 32.72
C MET D 55 34.82 13.43 31.54
N THR D 56 34.42 12.16 31.67
CA THR D 56 33.60 11.57 30.62
C THR D 56 32.26 12.28 30.51
N LYS D 57 31.59 12.51 31.65
CA LYS D 57 30.27 13.15 31.61
C LYS D 57 30.39 14.60 31.11
N ASP D 58 31.46 15.30 31.49
CA ASP D 58 31.59 16.68 31.00
C ASP D 58 31.99 16.71 29.54
N HIS D 59 32.75 15.71 29.06
CA HIS D 59 33.07 15.67 27.64
C HIS D 59 31.85 15.34 26.79
N TYR D 60 30.93 14.53 27.32
CA TYR D 60 29.66 14.31 26.62
C TYR D 60 28.89 15.63 26.46
N LYS D 61 28.65 16.32 27.58
CA LYS D 61 27.89 17.55 27.57
C LYS D 61 28.53 18.62 26.69
N THR D 62 29.87 18.62 26.62
CA THR D 62 30.63 19.66 25.93
C THR D 62 30.82 19.37 24.44
N CYS D 63 31.06 18.11 24.09
CA CYS D 63 31.47 17.77 22.74
C CYS D 63 30.54 16.79 22.05
N GLN D 64 29.89 15.89 22.78
CA GLN D 64 29.14 14.82 22.12
C GLN D 64 27.64 15.08 22.06
N GLU D 65 27.07 15.85 22.99
CA GLU D 65 25.63 15.96 23.04
C GLU D 65 25.08 16.67 21.82
N GLN D 66 25.76 17.73 21.36
CA GLN D 66 25.31 18.40 20.14
C GLN D 66 25.43 17.49 18.93
N LYS D 67 26.50 16.68 18.87
CA LYS D 67 26.64 15.72 17.77
C LYS D 67 25.58 14.63 17.86
N PHE D 68 25.20 14.22 19.07
CA PHE D 68 24.16 13.20 19.23
C PHE D 68 22.81 13.70 18.74
N ASN D 69 22.42 14.92 19.13
CA ASN D 69 21.18 15.49 18.64
C ASN D 69 21.21 15.64 17.12
N ASP D 70 22.33 16.11 16.57
CA ASP D 70 22.44 16.24 15.12
C ASP D 70 22.34 14.89 14.44
N MET D 71 22.87 13.84 15.06
CA MET D 71 22.71 12.51 14.51
C MET D 71 21.25 12.09 14.54
N LEU D 72 20.53 12.45 15.60
CA LEU D 72 19.10 12.15 15.68
C LEU D 72 18.36 12.73 14.48
N LYS D 73 18.50 14.04 14.25
CA LYS D 73 17.77 14.67 13.15
C LYS D 73 18.24 14.17 11.79
N SER D 74 19.52 13.83 11.65
CA SER D 74 19.99 13.32 10.37
C SER D 74 19.31 11.99 10.04
N LYS D 75 18.90 11.24 11.06
CA LYS D 75 18.23 9.96 10.88
C LYS D 75 16.74 9.99 11.19
N GLY D 76 16.20 11.14 11.57
CA GLY D 76 14.79 11.21 11.89
C GLY D 76 14.36 10.47 13.13
N LEU D 77 15.29 10.20 14.05
CA LEU D 77 14.95 9.60 15.34
C LEU D 77 14.66 10.64 16.41
N ASP D 78 14.63 11.92 16.06
CA ASP D 78 14.18 12.95 17.00
C ASP D 78 12.75 12.70 17.44
N ASN D 79 11.91 12.22 16.51
CA ASN D 79 10.57 11.77 16.82
C ASN D 79 10.48 10.28 16.48
N LEU D 80 10.23 9.48 17.49
CA LEU D 80 10.19 8.02 17.38
C LEU D 80 8.74 7.61 17.23
N GLU D 81 8.45 6.79 16.21
CA GLU D 81 7.08 6.37 15.96
C GLU D 81 6.91 4.86 16.15
N THR D 82 7.67 4.05 15.43
CA THR D 82 7.62 2.60 15.64
C THR D 82 9.00 2.10 16.02
N GLU D 83 9.05 0.81 16.39
CA GLU D 83 10.26 0.24 16.94
C GLU D 83 11.41 0.33 15.95
N VAL D 84 12.56 0.73 16.47
CA VAL D 84 13.81 0.83 15.73
C VAL D 84 14.70 -0.29 16.26
N GLU D 85 15.01 -1.27 15.39
CA GLU D 85 15.84 -2.40 15.81
C GLU D 85 17.15 -2.49 15.03
N ASP D 86 17.54 -1.42 14.33
CA ASP D 86 18.78 -1.40 13.56
C ASP D 86 19.66 -0.21 13.93
N VAL D 87 19.31 0.52 14.99
CA VAL D 87 20.09 1.65 15.45
C VAL D 87 20.21 1.56 16.96
N ASP D 88 21.36 1.98 17.47
CA ASP D 88 21.61 2.07 18.91
C ASP D 88 21.47 3.51 19.36
N TRP D 89 20.73 3.72 20.44
CA TRP D 89 20.55 5.03 21.05
C TRP D 89 21.79 5.28 21.92
N GLU D 90 22.88 5.68 21.26
CA GLU D 90 24.19 5.59 21.88
C GLU D 90 25.10 6.68 21.33
N SER D 91 25.88 7.28 22.20
CA SER D 91 26.92 8.22 21.81
C SER D 91 28.26 7.67 22.28
N THR D 92 29.19 7.46 21.34
CA THR D 92 30.40 6.74 21.67
C THR D 92 31.60 7.29 20.89
N PHE D 93 32.79 7.13 21.48
CA PHE D 93 34.04 7.20 20.73
C PHE D 93 34.98 6.14 21.28
N TYR D 94 36.00 5.80 20.49
CA TYR D 94 36.90 4.70 20.82
C TYR D 94 38.33 5.20 20.98
N VAL D 95 39.01 4.65 22.00
CA VAL D 95 40.41 4.96 22.28
C VAL D 95 41.19 3.66 22.13
N ARG D 96 42.13 3.63 21.18
CA ARG D 96 43.03 2.49 21.03
C ARG D 96 44.24 2.68 21.93
N HIS D 97 44.57 1.67 22.74
CA HIS D 97 45.80 1.73 23.52
C HIS D 97 46.89 0.84 22.93
N LEU D 98 46.56 -0.41 22.61
CA LEU D 98 47.52 -1.38 22.08
C LEU D 98 46.94 -2.07 20.86
N PRO D 99 47.80 -2.44 19.89
CA PRO D 99 49.26 -2.32 19.92
C PRO D 99 49.80 -0.91 19.70
N GLN D 100 48.99 -0.02 19.15
CA GLN D 100 49.43 1.35 18.88
C GLN D 100 48.38 2.33 19.37
N SER D 101 48.82 3.29 20.18
CA SER D 101 47.90 4.22 20.81
C SER D 101 47.51 5.32 19.83
N ASN D 102 46.21 5.65 19.80
CA ASN D 102 45.74 6.82 19.07
C ASN D 102 45.24 7.90 20.02
N LEU D 103 45.62 7.81 21.30
CA LEU D 103 45.13 8.75 22.30
C LEU D 103 45.46 10.20 21.94
N ASN D 104 46.68 10.45 21.46
CA ASN D 104 47.08 11.81 21.11
C ASN D 104 46.52 12.28 19.78
N ASP D 105 45.56 11.55 19.19
CA ASP D 105 44.99 11.94 17.93
C ASP D 105 43.51 12.28 18.02
N ILE D 106 42.86 11.98 19.14
CA ILE D 106 41.51 12.48 19.35
C ILE D 106 41.57 13.96 19.66
N SER D 107 40.98 14.78 18.78
CA SER D 107 41.22 16.22 18.83
C SER D 107 40.47 16.89 19.98
N ASP D 108 39.29 16.39 20.32
CA ASP D 108 38.32 17.07 21.15
C ASP D 108 38.44 16.72 22.64
N VAL D 109 39.56 16.11 23.05
CA VAL D 109 39.78 15.69 24.42
C VAL D 109 40.78 16.62 25.08
N SER D 110 40.58 16.90 26.37
CA SER D 110 41.52 17.75 27.07
C SER D 110 42.77 16.96 27.46
N ASP D 111 43.84 17.71 27.71
CA ASP D 111 45.11 17.11 28.15
C ASP D 111 44.94 16.32 29.43
N GLU D 112 44.16 16.83 30.37
CA GLU D 112 43.94 16.13 31.62
C GLU D 112 43.09 14.87 31.44
N TYR D 113 42.06 14.94 30.57
CA TYR D 113 41.30 13.72 30.26
C TYR D 113 42.19 12.69 29.56
N ARG D 114 43.00 13.15 28.61
CA ARG D 114 43.87 12.23 27.89
C ARG D 114 44.90 11.58 28.81
N THR D 115 45.47 12.36 29.74
CA THR D 115 46.43 11.79 30.68
C THR D 115 45.76 10.84 31.64
N ALA D 116 44.58 11.19 32.15
CA ALA D 116 43.86 10.27 33.04
C ALA D 116 43.46 9.00 32.31
N MET D 117 43.03 9.11 31.04
CA MET D 117 42.65 7.91 30.29
C MET D 117 43.85 6.99 30.07
N LYS D 118 45.03 7.57 29.81
CA LYS D 118 46.22 6.75 29.63
C LYS D 118 46.54 5.99 30.91
N ASP D 119 46.42 6.67 32.05
CA ASP D 119 46.70 6.05 33.35
C ASP D 119 45.65 5.00 33.68
N PHE D 120 44.37 5.33 33.46
CA PHE D 120 43.29 4.38 33.69
C PHE D 120 43.46 3.14 32.84
N GLY D 121 43.78 3.33 31.54
CA GLY D 121 43.91 2.19 30.65
C GLY D 121 45.06 1.28 31.03
N LYS D 122 46.18 1.87 31.45
CA LYS D 122 47.30 1.04 31.87
C LYS D 122 46.96 0.21 33.10
N ARG D 123 46.28 0.80 34.07
CA ARG D 123 45.91 0.01 35.24
C ARG D 123 44.92 -1.08 34.88
N LEU D 124 43.99 -0.80 33.98
CA LEU D 124 43.04 -1.83 33.56
C LEU D 124 43.71 -2.92 32.76
N GLU D 125 44.74 -2.58 31.97
CA GLU D 125 45.46 -3.62 31.24
C GLU D 125 46.17 -4.56 32.20
N ASN D 126 46.79 -4.01 33.25
CA ASN D 126 47.40 -4.88 34.26
C ASN D 126 46.35 -5.69 35.00
N LEU D 127 45.18 -5.12 35.26
CA LEU D 127 44.15 -5.88 35.94
C LEU D 127 43.57 -6.96 35.03
N ALA D 128 43.42 -6.68 33.73
CA ALA D 128 43.00 -7.72 32.79
C ALA D 128 43.93 -8.92 32.83
N GLU D 129 45.25 -8.66 32.82
CA GLU D 129 46.20 -9.76 32.82
C GLU D 129 46.20 -10.51 34.13
N ASP D 130 46.01 -9.83 35.26
CA ASP D 130 45.88 -10.54 36.53
C ASP D 130 44.62 -11.42 36.53
N LEU D 131 43.51 -10.91 36.01
CA LEU D 131 42.27 -11.68 35.97
C LEU D 131 42.40 -12.89 35.04
N LEU D 132 43.07 -12.71 33.89
CA LEU D 132 43.31 -13.86 33.01
C LEU D 132 44.11 -14.95 33.72
N ASP D 133 45.02 -14.55 34.62
CA ASP D 133 45.77 -15.55 35.38
C ASP D 133 44.89 -16.26 36.40
N LEU D 134 43.89 -15.58 36.96
CA LEU D 134 42.96 -16.26 37.85
C LEU D 134 42.15 -17.30 37.07
N LEU D 135 41.68 -16.92 35.88
CA LEU D 135 41.00 -17.89 35.01
C LEU D 135 41.90 -19.09 34.70
N CYS D 136 43.18 -18.84 34.36
CA CYS D 136 44.09 -19.94 34.08
C CYS D 136 44.16 -20.91 35.26
N GLU D 137 44.30 -20.37 36.47
CA GLU D 137 44.39 -21.22 37.65
C GLU D 137 43.10 -22.04 37.82
N ASN D 138 41.93 -21.37 37.70
CA ASN D 138 40.65 -22.06 37.83
C ASN D 138 40.44 -23.10 36.74
N LEU D 139 40.97 -22.85 35.54
CA LEU D 139 40.86 -23.79 34.41
C LEU D 139 41.90 -24.88 34.44
N GLY D 140 42.88 -24.82 35.34
CA GLY D 140 43.96 -25.78 35.31
C GLY D 140 45.01 -25.56 34.25
N LEU D 141 45.07 -24.37 33.65
CA LEU D 141 46.10 -24.03 32.68
C LEU D 141 47.33 -23.45 33.41
N GLU D 142 48.46 -23.45 32.71
CA GLU D 142 49.67 -22.86 33.28
C GLU D 142 49.52 -21.34 33.37
N LYS D 143 50.17 -20.75 34.37
CA LYS D 143 50.14 -19.31 34.50
C LYS D 143 50.69 -18.64 33.24
N GLY D 144 50.05 -17.55 32.84
CA GLY D 144 50.41 -16.87 31.62
C GLY D 144 49.89 -17.51 30.35
N TYR D 145 49.15 -18.61 30.46
CA TYR D 145 48.70 -19.32 29.26
C TYR D 145 47.87 -18.41 28.36
N LEU D 146 46.87 -17.73 28.94
CA LEU D 146 45.98 -16.91 28.12
C LEU D 146 46.69 -15.67 27.61
N LYS D 147 47.56 -15.09 28.42
CA LYS D 147 48.33 -13.95 27.96
C LYS D 147 49.21 -14.33 26.77
N LYS D 148 49.83 -15.51 26.84
CA LYS D 148 50.68 -15.96 25.75
C LYS D 148 49.87 -16.25 24.49
N VAL D 149 48.72 -16.92 24.62
CA VAL D 149 47.85 -17.14 23.46
C VAL D 149 47.45 -15.82 22.83
N PHE D 150 47.13 -14.82 23.65
CA PHE D 150 46.65 -13.53 23.14
C PHE D 150 47.72 -12.70 22.47
N HIS D 151 49.01 -13.04 22.60
CA HIS D 151 50.04 -12.09 22.23
C HIS D 151 50.14 -11.94 20.71
N GLY D 152 50.07 -13.04 19.96
CA GLY D 152 50.28 -12.90 18.52
C GLY D 152 51.70 -12.41 18.23
N THR D 153 51.84 -11.58 17.19
CA THR D 153 53.15 -11.00 16.88
C THR D 153 53.38 -9.68 17.59
N LYS D 154 52.40 -8.78 17.62
CA LYS D 154 52.60 -7.44 18.16
C LYS D 154 52.00 -7.24 19.55
N GLY D 155 51.56 -8.30 20.22
CA GLY D 155 50.94 -8.18 21.52
C GLY D 155 49.42 -8.09 21.43
N PRO D 156 48.76 -8.07 22.59
CA PRO D 156 47.30 -8.03 22.62
C PRO D 156 46.77 -6.75 21.99
N THR D 157 45.50 -6.79 21.60
CA THR D 157 44.79 -5.56 21.24
C THR D 157 44.03 -5.04 22.46
N PHE D 158 44.20 -3.75 22.78
CA PHE D 158 43.56 -3.17 23.96
C PHE D 158 43.02 -1.79 23.59
N GLY D 159 41.72 -1.60 23.77
CA GLY D 159 41.10 -0.32 23.46
C GLY D 159 39.96 -0.05 24.42
N THR D 160 39.49 1.19 24.42
CA THR D 160 38.45 1.62 25.35
C THR D 160 37.32 2.29 24.59
N LYS D 161 36.10 1.80 24.79
CA LYS D 161 34.91 2.40 24.23
C LYS D 161 34.28 3.27 25.31
N VAL D 162 34.20 4.58 25.05
CA VAL D 162 33.65 5.55 25.99
C VAL D 162 32.26 5.92 25.49
N SER D 163 31.20 5.48 26.19
CA SER D 163 29.85 5.64 25.69
C SER D 163 28.98 6.36 26.71
N ASN D 164 27.99 7.07 26.18
CA ASN D 164 26.89 7.62 26.96
C ASN D 164 25.57 7.22 26.31
N TYR D 165 24.58 6.89 27.14
CA TYR D 165 23.25 6.52 26.68
C TYR D 165 22.30 7.60 27.17
N PRO D 166 22.07 8.64 26.38
CA PRO D 166 21.29 9.79 26.83
C PRO D 166 19.83 9.42 27.03
N PRO D 167 19.08 10.26 27.75
CA PRO D 167 17.65 9.99 27.94
C PRO D 167 16.95 9.83 26.60
N CYS D 168 15.99 8.93 26.57
CA CYS D 168 15.24 8.63 25.36
C CYS D 168 13.76 8.81 25.67
N PRO D 169 13.05 9.67 24.94
CA PRO D 169 11.62 9.92 25.22
C PRO D 169 10.80 8.64 25.26
N LYS D 170 11.12 7.68 24.39
CA LYS D 170 10.35 6.45 24.24
C LYS D 170 11.25 5.22 24.30
N PRO D 171 11.66 4.79 25.49
CA PRO D 171 12.66 3.69 25.58
C PRO D 171 12.18 2.37 25.03
N GLU D 172 10.88 2.06 25.14
CA GLU D 172 10.35 0.81 24.63
C GLU D 172 10.52 0.69 23.12
N MET D 173 11.02 1.72 22.45
CA MET D 173 11.10 1.74 21.00
C MET D 173 12.50 1.49 20.46
N ILE D 174 13.53 1.73 21.26
CA ILE D 174 14.89 1.64 20.77
C ILE D 174 15.78 1.24 21.92
N LYS D 175 16.79 0.44 21.61
CA LYS D 175 17.73 0.05 22.64
C LYS D 175 18.88 1.03 22.66
N GLY D 176 19.48 1.17 23.84
CA GLY D 176 20.74 1.89 23.92
C GLY D 176 21.81 1.14 23.17
N LEU D 177 21.78 -0.18 23.26
CA LEU D 177 22.69 -1.03 22.50
C LEU D 177 22.06 -2.41 22.38
N ARG D 178 21.90 -2.88 21.15
CA ARG D 178 21.17 -4.11 20.90
C ARG D 178 21.91 -5.31 21.48
N ALA D 179 21.18 -6.39 21.71
CA ALA D 179 21.76 -7.59 22.30
C ALA D 179 22.85 -8.17 21.40
N HIS D 180 23.96 -8.60 22.02
CA HIS D 180 25.12 -9.15 21.33
C HIS D 180 25.99 -9.88 22.36
N THR D 181 26.95 -10.67 21.86
CA THR D 181 28.07 -11.10 22.68
C THR D 181 29.32 -10.37 22.19
N ASP D 182 30.29 -10.21 23.07
CA ASP D 182 31.53 -9.51 22.72
C ASP D 182 32.49 -10.48 22.05
N ALA D 183 33.22 -9.99 21.04
CA ALA D 183 34.05 -10.84 20.19
C ALA D 183 35.33 -11.28 20.88
N GLY D 184 35.83 -10.50 21.83
CA GLY D 184 37.20 -10.60 22.27
C GLY D 184 37.44 -11.49 23.47
N GLY D 185 38.41 -11.08 24.29
CA GLY D 185 38.87 -11.88 25.40
C GLY D 185 38.18 -11.54 26.70
N ILE D 186 38.62 -10.48 27.37
CA ILE D 186 38.05 -10.08 28.63
C ILE D 186 37.70 -8.60 28.55
N ILE D 187 36.53 -8.23 29.09
CA ILE D 187 35.98 -6.89 28.97
C ILE D 187 35.85 -6.34 30.39
N LEU D 188 36.38 -5.14 30.62
CA LEU D 188 36.40 -4.54 31.95
C LEU D 188 35.66 -3.22 31.88
N LEU D 189 34.53 -3.14 32.58
CA LEU D 189 33.59 -2.02 32.42
C LEU D 189 33.53 -1.20 33.71
N PHE D 190 33.77 0.11 33.57
CA PHE D 190 33.47 1.12 34.57
C PHE D 190 32.18 1.81 34.11
N GLN D 191 31.06 1.49 34.74
CA GLN D 191 29.77 1.99 34.31
C GLN D 191 29.24 2.97 35.36
N ASP D 192 28.26 3.78 34.93
CA ASP D 192 27.56 4.72 35.81
C ASP D 192 27.18 4.06 37.13
N ASP D 193 27.39 4.77 38.25
CA ASP D 193 27.03 4.21 39.55
C ASP D 193 25.62 4.57 39.99
N LYS D 194 24.91 5.40 39.23
CA LYS D 194 23.52 5.76 39.52
C LYS D 194 22.53 5.24 38.50
N VAL D 195 22.85 5.41 37.21
CA VAL D 195 21.92 5.16 36.11
C VAL D 195 22.10 3.73 35.62
N SER D 196 21.07 2.91 35.74
CA SER D 196 21.19 1.53 35.29
C SER D 196 20.89 1.43 33.79
N GLY D 197 21.02 0.23 33.24
CA GLY D 197 20.76 0.05 31.83
C GLY D 197 21.33 -1.22 31.21
N LEU D 198 22.51 -1.62 31.65
CA LEU D 198 23.14 -2.82 31.14
C LEU D 198 22.45 -4.06 31.71
N GLN D 199 22.11 -4.99 30.83
CA GLN D 199 21.43 -6.22 31.23
C GLN D 199 22.11 -7.40 30.54
N LEU D 200 22.13 -8.55 31.22
CA LEU D 200 22.59 -9.80 30.64
C LEU D 200 21.43 -10.80 30.61
N LEU D 201 21.52 -11.77 29.72
CA LEU D 201 20.49 -12.80 29.58
C LEU D 201 20.92 -14.03 30.36
N LYS D 202 20.12 -14.44 31.36
CA LYS D 202 20.44 -15.64 32.12
C LYS D 202 19.16 -16.43 32.39
N ASP D 203 19.19 -17.71 32.07
CA ASP D 203 18.08 -18.64 32.30
C ASP D 203 16.77 -18.09 31.75
N GLY D 204 16.83 -17.45 30.58
CA GLY D 204 15.65 -16.96 29.91
C GLY D 204 15.07 -15.66 30.46
N ASP D 205 15.85 -14.89 31.22
CA ASP D 205 15.43 -13.61 31.77
C ASP D 205 16.53 -12.59 31.55
N TRP D 206 16.14 -11.36 31.28
CA TRP D 206 17.07 -10.23 31.28
C TRP D 206 17.31 -9.81 32.73
N ILE D 207 18.58 -9.76 33.13
CA ILE D 207 18.96 -9.43 34.50
C ILE D 207 19.81 -8.16 34.50
N ASP D 208 19.44 -7.21 35.35
CA ASP D 208 20.20 -5.97 35.42
C ASP D 208 21.57 -6.23 36.02
N VAL D 209 22.58 -5.59 35.45
CA VAL D 209 23.92 -5.58 36.01
C VAL D 209 23.94 -4.31 36.87
N PRO D 210 23.78 -4.46 38.19
CA PRO D 210 23.41 -3.33 39.05
C PRO D 210 24.53 -2.31 39.15
N PRO D 211 24.24 -1.03 38.99
CA PRO D 211 25.27 -0.01 39.24
C PRO D 211 25.78 -0.10 40.67
N LEU D 212 27.10 -0.06 40.83
CA LEU D 212 27.71 -0.15 42.16
C LEU D 212 28.94 0.73 42.21
N ASN D 213 28.95 1.67 43.14
CA ASN D 213 29.98 2.69 43.21
C ASN D 213 31.37 2.05 43.31
N HIS D 214 32.31 2.58 42.52
CA HIS D 214 33.71 2.13 42.48
C HIS D 214 33.85 0.63 42.20
N SER D 215 32.96 0.07 41.40
CA SER D 215 33.13 -1.31 41.00
C SER D 215 33.54 -1.35 39.54
N ILE D 216 34.08 -2.50 39.13
CA ILE D 216 34.36 -2.81 37.74
C ILE D 216 33.53 -4.04 37.37
N VAL D 217 32.85 -3.98 36.24
CA VAL D 217 32.11 -5.12 35.73
C VAL D 217 33.02 -5.88 34.75
N ILE D 218 33.16 -7.18 34.96
CA ILE D 218 33.96 -8.05 34.11
C ILE D 218 33.01 -8.93 33.29
N ASN D 219 33.31 -9.11 32.00
CA ASN D 219 32.65 -10.19 31.28
C ASN D 219 33.60 -10.79 30.26
N LEU D 220 33.30 -12.02 29.86
CA LEU D 220 34.15 -12.79 28.95
C LEU D 220 33.58 -12.79 27.54
N GLY D 221 34.47 -12.71 26.55
CA GLY D 221 34.05 -12.67 25.16
C GLY D 221 34.15 -14.02 24.46
N ASP D 222 33.82 -13.99 23.17
CA ASP D 222 33.77 -15.20 22.34
C ASP D 222 35.09 -15.96 22.33
N GLN D 223 36.24 -15.25 22.42
CA GLN D 223 37.52 -15.93 22.34
C GLN D 223 37.75 -16.84 23.54
N LEU D 224 37.29 -16.43 24.73
CA LEU D 224 37.45 -17.30 25.88
C LEU D 224 36.50 -18.49 25.83
N GLU D 225 35.35 -18.33 25.18
CA GLU D 225 34.49 -19.50 25.03
C GLU D 225 35.19 -20.55 24.17
N VAL D 226 35.85 -20.13 23.09
CA VAL D 226 36.62 -21.07 22.26
C VAL D 226 37.73 -21.72 23.09
N ILE D 227 38.55 -20.89 23.75
CA ILE D 227 39.74 -21.42 24.42
C ILE D 227 39.36 -22.37 25.55
N THR D 228 38.26 -22.08 26.27
CA THR D 228 37.85 -22.97 27.37
C THR D 228 36.99 -24.13 26.89
N ASN D 229 36.83 -24.27 25.58
CA ASN D 229 36.04 -25.35 25.00
C ASN D 229 34.61 -25.35 25.55
N GLY D 230 34.05 -24.15 25.68
CA GLY D 230 32.68 -23.94 26.10
C GLY D 230 32.45 -23.92 27.59
N LYS D 231 33.49 -24.13 28.40
CA LYS D 231 33.31 -24.15 29.85
C LYS D 231 32.91 -22.77 30.39
N TYR D 232 33.47 -21.69 29.83
CA TYR D 232 33.06 -20.32 30.11
C TYR D 232 32.44 -19.75 28.84
N LYS D 233 31.13 -19.52 28.86
CA LYS D 233 30.45 -19.06 27.66
C LYS D 233 30.38 -17.54 27.62
N SER D 234 30.40 -17.02 26.41
CA SER D 234 30.19 -15.60 26.17
C SER D 234 28.70 -15.32 26.24
N VAL D 235 28.29 -14.39 27.10
CA VAL D 235 26.87 -14.20 27.43
C VAL D 235 26.32 -12.99 26.70
N LEU D 236 25.06 -13.12 26.26
CA LEU D 236 24.36 -12.04 25.58
C LEU D 236 24.03 -10.90 26.54
N HIS D 237 24.19 -9.67 26.07
CA HIS D 237 23.93 -8.52 26.91
C HIS D 237 23.46 -7.36 26.04
N ARG D 238 22.80 -6.40 26.68
CA ARG D 238 22.26 -5.24 26.00
C ARG D 238 22.25 -4.06 26.96
N VAL D 239 22.00 -2.86 26.43
CA VAL D 239 21.77 -1.66 27.23
C VAL D 239 20.41 -1.11 26.85
N VAL D 240 19.53 -0.97 27.83
CA VAL D 240 18.23 -0.35 27.61
C VAL D 240 18.30 1.13 27.99
N THR D 241 17.54 1.96 27.27
CA THR D 241 17.39 3.38 27.56
C THR D 241 16.28 3.60 28.60
N GLN D 242 16.21 4.85 29.08
CA GLN D 242 15.12 5.32 29.94
C GLN D 242 14.81 6.77 29.61
N GLN D 243 13.69 7.24 30.13
CA GLN D 243 13.23 8.59 29.82
C GLN D 243 14.10 9.65 30.48
N GLU D 244 14.65 9.35 31.65
CA GLU D 244 15.53 10.26 32.36
C GLU D 244 16.77 9.53 32.83
N GLY D 245 17.88 10.26 32.85
CA GLY D 245 19.15 9.65 33.19
C GLY D 245 19.98 9.37 31.95
N ASN D 246 21.26 9.69 32.04
CA ASN D 246 22.23 9.50 30.97
C ASN D 246 23.29 8.55 31.53
N ARG D 247 23.27 7.28 31.11
CA ARG D 247 24.19 6.31 31.67
C ARG D 247 25.55 6.41 30.99
N MET D 248 26.60 6.60 31.79
CA MET D 248 27.96 6.63 31.29
C MET D 248 28.53 5.21 31.26
N SER D 249 29.40 4.95 30.29
CA SER D 249 30.01 3.64 30.14
C SER D 249 31.42 3.79 29.58
N VAL D 250 32.41 3.32 30.34
CA VAL D 250 33.81 3.31 29.93
C VAL D 250 34.26 1.85 29.97
N ALA D 251 34.34 1.20 28.80
CA ALA D 251 34.52 -0.24 28.68
C ALA D 251 35.82 -0.56 27.93
N SER D 252 36.68 -1.36 28.55
CA SER D 252 37.98 -1.67 27.98
C SER D 252 37.99 -3.12 27.53
N PHE D 253 38.52 -3.37 26.33
CA PHE D 253 38.45 -4.67 25.67
C PHE D 253 39.87 -5.20 25.52
N TYR D 254 40.20 -6.27 26.24
CA TYR D 254 41.50 -6.92 26.13
C TYR D 254 41.33 -8.12 25.20
N ASN D 255 41.84 -7.99 23.97
CA ASN D 255 41.62 -8.93 22.88
C ASN D 255 42.96 -9.52 22.42
N PRO D 256 42.95 -10.71 21.81
CA PRO D 256 44.19 -11.26 21.23
C PRO D 256 44.70 -10.35 20.11
N GLY D 257 46.01 -10.45 19.86
CA GLY D 257 46.58 -9.79 18.71
C GLY D 257 45.99 -10.29 17.40
N SER D 258 46.18 -9.47 16.36
CA SER D 258 45.55 -9.74 15.07
C SER D 258 45.86 -11.14 14.54
N ASP D 259 47.10 -11.59 14.70
CA ASP D 259 47.51 -12.87 14.14
C ASP D 259 47.63 -13.97 15.19
N ALA D 260 47.00 -13.78 16.33
CA ALA D 260 46.97 -14.83 17.35
C ALA D 260 46.18 -16.02 16.85
N GLU D 261 46.70 -17.21 17.12
CA GLU D 261 45.99 -18.45 16.80
C GLU D 261 45.15 -18.85 18.00
N ILE D 262 43.85 -18.93 17.78
CA ILE D 262 42.88 -19.22 18.84
C ILE D 262 42.34 -20.63 18.63
N SER D 263 42.40 -21.46 19.67
CA SER D 263 41.85 -22.80 19.60
C SER D 263 41.56 -23.28 21.02
N PRO D 264 40.70 -24.28 21.18
CA PRO D 264 40.48 -24.86 22.52
C PRO D 264 41.76 -25.42 23.11
N ALA D 265 42.04 -25.03 24.36
CA ALA D 265 43.21 -25.54 25.06
C ALA D 265 43.19 -27.05 25.13
N THR D 266 44.31 -27.70 24.80
CA THR D 266 44.30 -29.14 24.60
C THR D 266 43.94 -29.93 25.85
N SER D 267 44.31 -29.44 27.03
CA SER D 267 43.98 -30.19 28.25
C SER D 267 42.50 -30.11 28.60
N LEU D 268 41.72 -29.26 27.94
CA LEU D 268 40.29 -29.20 28.17
C LEU D 268 39.50 -29.97 27.12
N VAL D 269 40.19 -30.71 26.24
CA VAL D 269 39.57 -31.36 25.09
C VAL D 269 39.78 -32.86 25.19
N GLU D 270 38.78 -33.56 25.72
CA GLU D 270 38.84 -35.02 25.86
C GLU D 270 38.11 -35.75 24.74
N LYS D 271 37.31 -35.08 23.95
CA LYS D 271 36.74 -35.61 22.72
C LYS D 271 36.70 -34.45 21.73
N ASP D 272 36.45 -34.75 20.47
CA ASP D 272 36.51 -33.72 19.44
C ASP D 272 35.69 -32.49 19.84
N SER D 273 36.31 -31.33 19.73
CA SER D 273 35.65 -30.08 20.11
C SER D 273 34.62 -29.67 19.07
N GLU D 274 33.54 -29.03 19.52
CA GLU D 274 32.63 -28.41 18.56
C GLU D 274 33.11 -27.03 18.13
N TYR D 275 34.18 -26.46 18.79
CA TYR D 275 34.70 -25.11 18.56
C TYR D 275 35.84 -25.15 17.55
N PRO D 276 35.94 -24.12 16.72
CA PRO D 276 36.96 -24.09 15.66
C PRO D 276 38.32 -23.62 16.20
N SER D 277 39.34 -23.80 15.37
CA SER D 277 40.66 -23.22 15.53
C SER D 277 40.91 -22.26 14.37
N PHE D 278 41.30 -21.03 14.66
CA PHE D 278 41.34 -19.98 13.65
C PHE D 278 42.36 -18.91 14.07
N VAL D 279 42.52 -17.90 13.23
CA VAL D 279 43.33 -16.73 13.54
C VAL D 279 42.38 -15.61 13.90
N PHE D 280 42.70 -14.86 14.98
CA PHE D 280 41.74 -13.96 15.59
C PHE D 280 41.21 -12.92 14.62
N ASP D 281 42.08 -12.38 13.76
CA ASP D 281 41.63 -11.30 12.89
C ASP D 281 40.58 -11.79 11.88
N ASP D 282 40.59 -13.08 11.53
CA ASP D 282 39.53 -13.60 10.68
C ASP D 282 38.20 -13.59 11.40
N TYR D 283 38.19 -13.92 12.69
CA TYR D 283 36.96 -13.81 13.47
C TYR D 283 36.48 -12.36 13.53
N MET D 284 37.42 -11.41 13.70
CA MET D 284 37.02 -10.02 13.87
C MET D 284 36.49 -9.42 12.60
N LYS D 285 37.13 -9.70 11.46
CA LYS D 285 36.59 -9.23 10.19
C LYS D 285 35.17 -9.71 10.00
N LEU D 286 34.89 -10.96 10.34
CA LEU D 286 33.53 -11.48 10.19
C LEU D 286 32.59 -10.84 11.22
N TYR D 287 33.03 -10.77 12.48
CA TYR D 287 32.21 -10.25 13.57
C TYR D 287 31.70 -8.84 13.29
N ALA D 288 32.54 -7.98 12.70
CA ALA D 288 32.14 -6.58 12.50
C ALA D 288 30.82 -6.47 11.75
N GLY D 289 30.59 -7.35 10.77
CA GLY D 289 29.39 -7.28 9.96
C GLY D 289 28.15 -7.97 10.52
N VAL D 290 28.31 -8.86 11.50
CA VAL D 290 27.20 -9.68 12.00
C VAL D 290 27.11 -9.63 13.52
N LYS D 291 27.54 -8.51 14.11
CA LYS D 291 27.66 -8.40 15.56
C LYS D 291 26.31 -8.62 16.27
N PHE D 292 25.21 -8.21 15.66
CA PHE D 292 23.91 -8.34 16.31
C PHE D 292 23.10 -9.53 15.80
N GLN D 293 23.71 -10.42 15.02
CA GLN D 293 23.10 -11.70 14.66
C GLN D 293 23.61 -12.78 15.62
N PRO D 294 23.04 -13.99 15.56
CA PRO D 294 23.43 -15.04 16.53
C PRO D 294 24.93 -15.30 16.54
N LYS D 295 25.41 -15.70 17.72
CA LYS D 295 26.83 -15.98 17.91
C LYS D 295 27.24 -17.30 17.24
N GLU D 296 26.41 -18.34 17.38
CA GLU D 296 26.81 -19.69 16.97
C GLU D 296 27.20 -19.80 15.50
N PRO D 297 26.57 -19.12 14.54
CA PRO D 297 27.08 -19.20 13.15
C PRO D 297 28.49 -18.68 13.00
N ARG D 298 28.95 -17.77 13.87
CA ARG D 298 30.30 -17.23 13.71
C ARG D 298 31.36 -18.28 14.01
N PHE D 299 31.11 -19.13 15.02
CA PHE D 299 32.00 -20.26 15.25
C PHE D 299 31.98 -21.24 14.07
N ALA D 300 30.80 -21.53 13.54
CA ALA D 300 30.71 -22.45 12.41
C ALA D 300 31.47 -21.90 11.20
N ALA D 301 31.43 -20.59 11.01
CA ALA D 301 32.11 -19.94 9.88
C ALA D 301 33.63 -20.05 9.97
N MET D 302 34.18 -20.34 11.14
CA MET D 302 35.63 -20.46 11.24
C MET D 302 36.13 -21.86 10.89
N LYS D 303 35.25 -22.80 10.57
CA LYS D 303 35.67 -24.13 10.16
C LYS D 303 35.78 -24.21 8.64
N LYS E 6 27.18 13.70 -48.44
CA LYS E 6 26.71 14.36 -47.21
C LYS E 6 25.33 13.85 -46.78
N PHE E 7 25.28 13.18 -45.62
CA PHE E 7 24.08 12.46 -45.21
C PHE E 7 22.98 13.44 -44.82
N PRO E 8 21.75 13.26 -45.31
CA PRO E 8 20.70 14.25 -45.07
C PRO E 8 20.26 14.31 -43.60
N VAL E 9 20.33 15.51 -43.02
CA VAL E 9 19.80 15.81 -41.70
C VAL E 9 18.72 16.88 -41.90
N VAL E 10 17.50 16.57 -41.48
CA VAL E 10 16.34 17.43 -41.69
C VAL E 10 15.95 18.04 -40.34
N ASP E 11 15.84 19.36 -40.29
CA ASP E 11 15.44 20.08 -39.09
C ASP E 11 13.94 20.33 -39.19
N LEU E 12 13.14 19.57 -38.43
CA LEU E 12 11.70 19.68 -38.56
C LEU E 12 11.17 21.00 -38.03
N SER E 13 11.94 21.71 -37.20
CA SER E 13 11.51 23.03 -36.73
C SER E 13 11.50 24.05 -37.87
N LYS E 14 12.16 23.75 -38.99
CA LYS E 14 12.18 24.62 -40.16
C LYS E 14 11.00 24.41 -41.11
N LEU E 15 9.96 23.68 -40.70
CA LEU E 15 8.78 23.54 -41.54
C LEU E 15 7.70 24.61 -41.38
N ASN E 16 7.79 25.51 -40.41
CA ASN E 16 6.64 26.35 -40.11
C ASN E 16 6.65 27.72 -40.80
N GLY E 17 7.56 27.96 -41.74
CA GLY E 17 7.91 29.33 -42.03
C GLY E 17 8.36 29.61 -43.45
N GLU E 18 9.12 30.70 -43.62
CA GLU E 18 9.90 30.89 -44.83
C GLU E 18 10.69 29.63 -45.13
N GLU E 19 11.21 29.00 -44.07
CA GLU E 19 12.16 27.90 -44.14
C GLU E 19 11.57 26.60 -44.68
N ARG E 20 10.27 26.57 -45.02
CA ARG E 20 9.61 25.30 -45.24
C ARG E 20 9.90 24.68 -46.60
N ASP E 21 9.98 25.48 -47.66
CA ASP E 21 10.22 24.91 -48.98
C ASP E 21 11.59 24.26 -49.08
N GLN E 22 12.63 24.91 -48.54
CA GLN E 22 13.95 24.28 -48.44
C GLN E 22 13.85 22.95 -47.70
N THR E 23 13.14 22.92 -46.57
CA THR E 23 13.06 21.70 -45.77
C THR E 23 12.34 20.60 -46.54
N MET E 24 11.20 20.92 -47.16
CA MET E 24 10.46 19.95 -47.95
C MET E 24 11.28 19.44 -49.11
N ALA E 25 12.03 20.32 -49.78
CA ALA E 25 12.88 19.88 -50.88
C ALA E 25 13.94 18.89 -50.39
N LEU E 26 14.51 19.14 -49.20
CA LEU E 26 15.44 18.18 -48.61
C LEU E 26 14.80 16.84 -48.27
N ILE E 27 13.60 16.86 -47.69
CA ILE E 27 12.92 15.60 -47.40
C ILE E 27 12.72 14.81 -48.69
N ASN E 28 12.22 15.47 -49.74
CA ASN E 28 11.95 14.76 -50.99
C ASN E 28 13.23 14.24 -51.63
N GLU E 29 14.30 15.03 -51.59
CA GLU E 29 15.57 14.60 -52.17
C GLU E 29 16.13 13.38 -51.45
N ALA E 30 15.99 13.34 -50.13
CA ALA E 30 16.41 12.14 -49.39
C ALA E 30 15.54 10.94 -49.73
N CYS E 31 14.23 11.14 -49.86
CA CYS E 31 13.33 10.03 -50.16
C CYS E 31 13.62 9.44 -51.54
N GLU E 32 13.98 10.29 -52.50
CA GLU E 32 14.26 9.84 -53.86
C GLU E 32 15.62 9.18 -53.98
N ASN E 33 16.63 9.73 -53.33
CA ASN E 33 18.01 9.37 -53.64
C ASN E 33 18.76 8.69 -52.52
N TRP E 34 18.29 8.80 -51.28
CA TRP E 34 18.95 8.19 -50.14
C TRP E 34 18.17 7.04 -49.53
N GLY E 35 16.84 7.13 -49.50
CA GLY E 35 16.01 6.20 -48.79
C GLY E 35 16.08 6.33 -47.28
N PHE E 36 16.94 7.20 -46.76
CA PHE E 36 17.17 7.41 -45.34
C PHE E 36 17.32 8.90 -45.12
N PHE E 37 16.92 9.37 -43.93
CA PHE E 37 17.36 10.68 -43.50
C PHE E 37 17.18 10.75 -41.99
N GLU E 38 17.98 11.60 -41.35
CA GLU E 38 17.87 11.86 -39.93
C GLU E 38 17.03 13.10 -39.71
N ILE E 39 16.24 13.10 -38.63
CA ILE E 39 15.47 14.27 -38.23
C ILE E 39 15.90 14.75 -36.86
N VAL E 40 15.99 16.07 -36.72
CA VAL E 40 16.26 16.74 -35.45
C VAL E 40 15.13 17.73 -35.19
N ASN E 41 14.99 18.13 -33.92
CA ASN E 41 13.90 19.01 -33.50
C ASN E 41 12.54 18.41 -33.87
N HIS E 42 12.38 17.12 -33.57
CA HIS E 42 11.24 16.32 -34.01
C HIS E 42 10.07 16.31 -33.03
N GLY E 43 10.16 17.04 -31.91
CA GLY E 43 9.08 17.06 -30.95
C GLY E 43 9.15 15.99 -29.89
N LEU E 44 10.08 15.04 -29.97
CA LEU E 44 10.14 14.03 -28.91
C LEU E 44 10.96 14.57 -27.75
N PRO E 45 10.44 14.54 -26.52
CA PRO E 45 11.19 15.14 -25.39
C PRO E 45 12.53 14.45 -25.19
N HIS E 46 13.60 15.26 -25.08
CA HIS E 46 14.94 14.68 -24.96
C HIS E 46 15.08 13.86 -23.69
N ASP E 47 14.34 14.22 -22.62
CA ASP E 47 14.31 13.37 -21.44
C ASP E 47 13.68 12.03 -21.68
N LEU E 48 12.68 11.96 -22.54
CA LEU E 48 12.09 10.65 -22.76
C LEU E 48 13.06 9.78 -23.55
N MET E 49 13.72 10.35 -24.57
CA MET E 49 14.77 9.60 -25.25
C MET E 49 15.89 9.18 -24.29
N ASP E 50 16.30 10.05 -23.35
CA ASP E 50 17.38 9.65 -22.45
C ASP E 50 16.96 8.47 -21.58
N LYS E 51 15.74 8.51 -21.05
CA LYS E 51 15.24 7.37 -20.27
C LYS E 51 15.13 6.10 -21.13
N ILE E 52 14.64 6.22 -22.35
CA ILE E 52 14.52 5.04 -23.21
C ILE E 52 15.92 4.44 -23.44
N GLU E 53 16.88 5.30 -23.78
CA GLU E 53 18.23 4.82 -24.04
C GLU E 53 18.82 4.17 -22.81
N LYS E 54 18.70 4.85 -21.67
CA LYS E 54 19.24 4.34 -20.41
C LYS E 54 18.61 2.99 -20.03
N MET E 55 17.29 2.91 -20.05
CA MET E 55 16.63 1.66 -19.68
C MET E 55 16.84 0.56 -20.71
N THR E 56 16.96 0.89 -21.99
CA THR E 56 17.27 -0.13 -22.99
C THR E 56 18.65 -0.75 -22.72
N LYS E 57 19.66 0.10 -22.51
CA LYS E 57 21.01 -0.41 -22.26
C LYS E 57 21.07 -1.22 -20.98
N ASP E 58 20.35 -0.80 -19.95
CA ASP E 58 20.37 -1.53 -18.69
C ASP E 58 19.58 -2.83 -18.77
N HIS E 59 18.50 -2.87 -19.57
CA HIS E 59 17.78 -4.14 -19.72
C HIS E 59 18.63 -5.15 -20.50
N TYR E 60 19.46 -4.69 -21.43
CA TYR E 60 20.43 -5.58 -22.06
C TYR E 60 21.35 -6.19 -21.00
N LYS E 61 21.81 -5.36 -20.06
CA LYS E 61 22.69 -5.80 -18.98
C LYS E 61 22.07 -6.97 -18.21
N THR E 62 20.87 -6.76 -17.69
CA THR E 62 20.28 -7.66 -16.70
C THR E 62 19.62 -8.87 -17.36
N CYS E 63 19.07 -8.70 -18.56
CA CYS E 63 18.17 -9.67 -19.15
C CYS E 63 18.64 -10.30 -20.45
N GLN E 64 19.54 -9.68 -21.20
CA GLN E 64 19.96 -10.26 -22.48
C GLN E 64 21.42 -10.66 -22.59
N GLU E 65 22.33 -10.02 -21.84
CA GLU E 65 23.76 -10.19 -22.13
C GLU E 65 24.26 -11.60 -21.81
N GLN E 66 23.79 -12.20 -20.72
CA GLN E 66 24.31 -13.50 -20.33
C GLN E 66 23.70 -14.64 -21.15
N LYS E 67 22.52 -14.43 -21.74
CA LYS E 67 21.99 -15.41 -22.70
C LYS E 67 22.76 -15.33 -24.02
N PHE E 68 23.26 -14.14 -24.35
CA PHE E 68 23.97 -13.93 -25.60
C PHE E 68 25.30 -14.68 -25.57
N ASN E 69 25.59 -15.36 -24.45
CA ASN E 69 26.69 -16.30 -24.39
C ASN E 69 26.51 -17.48 -25.35
N ASP E 70 25.31 -17.65 -25.91
CA ASP E 70 24.99 -18.73 -26.85
C ASP E 70 26.06 -18.95 -27.91
N GLU E 81 35.79 -18.50 -36.94
CA GLU E 81 37.06 -18.90 -37.51
C GLU E 81 37.08 -18.56 -39.00
N THR E 82 35.87 -18.56 -39.54
CA THR E 82 35.60 -18.32 -40.96
C THR E 82 34.30 -17.52 -41.11
N GLU E 83 34.09 -17.01 -42.33
CA GLU E 83 33.01 -16.07 -42.59
C GLU E 83 31.65 -16.70 -42.33
N VAL E 84 30.81 -15.97 -41.62
CA VAL E 84 29.45 -16.38 -41.29
C VAL E 84 28.52 -15.48 -42.09
N GLU E 85 27.79 -16.08 -43.03
CA GLU E 85 26.91 -15.34 -43.94
C GLU E 85 25.44 -15.62 -43.65
N ASP E 86 25.12 -16.35 -42.59
CA ASP E 86 23.75 -16.78 -42.32
C ASP E 86 23.29 -16.49 -40.91
N VAL E 87 24.05 -15.72 -40.12
CA VAL E 87 23.65 -15.37 -38.76
C VAL E 87 23.89 -13.88 -38.57
N ASP E 88 23.05 -13.26 -37.74
CA ASP E 88 23.17 -11.86 -37.34
C ASP E 88 23.73 -11.80 -35.91
N TRP E 89 24.73 -10.94 -35.71
CA TRP E 89 25.34 -10.74 -34.39
C TRP E 89 24.49 -9.71 -33.64
N GLU E 90 23.41 -10.21 -33.03
CA GLU E 90 22.32 -9.34 -32.61
C GLU E 90 21.56 -9.95 -31.44
N SER E 91 21.16 -9.09 -30.50
CA SER E 91 20.28 -9.47 -29.39
C SER E 91 19.02 -8.62 -29.49
N THR E 92 17.86 -9.26 -29.55
CA THR E 92 16.63 -8.53 -29.86
C THR E 92 15.43 -9.06 -29.09
N PHE E 93 14.49 -8.16 -28.81
CA PHE E 93 13.11 -8.52 -28.51
C PHE E 93 12.20 -7.49 -29.18
N TYR E 94 10.93 -7.86 -29.35
CA TYR E 94 9.96 -7.07 -30.09
C TYR E 94 8.78 -6.66 -29.22
N VAL E 95 8.32 -5.43 -29.43
CA VAL E 95 7.15 -4.88 -28.76
C VAL E 95 6.10 -4.53 -29.81
N ARG E 96 4.86 -5.00 -29.60
CA ARG E 96 3.71 -4.62 -30.41
C ARG E 96 2.95 -3.47 -29.75
N HIS E 97 2.64 -2.44 -30.53
CA HIS E 97 1.76 -1.39 -30.07
C HIS E 97 0.39 -1.46 -30.71
N LEU E 98 0.35 -1.60 -32.04
CA LEU E 98 -0.90 -1.63 -32.80
C LEU E 98 -0.85 -2.83 -33.76
N PRO E 99 -1.99 -3.48 -34.06
CA PRO E 99 -3.31 -3.00 -33.66
C PRO E 99 -3.55 -3.24 -32.18
N GLN E 100 -2.87 -4.23 -31.61
CA GLN E 100 -2.92 -4.48 -30.17
C GLN E 100 -1.60 -4.82 -29.51
N SER E 101 -1.44 -4.11 -28.40
CA SER E 101 -0.23 -4.04 -27.62
C SER E 101 -0.07 -5.28 -26.77
N ASN E 102 1.13 -5.81 -26.79
CA ASN E 102 1.54 -6.87 -25.89
C ASN E 102 2.54 -6.35 -24.88
N LEU E 103 2.61 -5.02 -24.73
CA LEU E 103 3.60 -4.41 -23.85
C LEU E 103 3.51 -4.97 -22.44
N ASN E 104 2.29 -5.13 -21.90
CA ASN E 104 2.13 -5.66 -20.55
C ASN E 104 2.28 -7.17 -20.47
N ASP E 105 2.73 -7.82 -21.54
CA ASP E 105 2.91 -9.26 -21.57
C ASP E 105 4.37 -9.67 -21.73
N ILE E 106 5.26 -8.75 -22.04
CA ILE E 106 6.69 -9.03 -22.08
C ILE E 106 7.18 -9.17 -20.64
N SER E 107 7.71 -10.35 -20.31
CA SER E 107 7.96 -10.74 -18.93
C SER E 107 9.13 -9.97 -18.34
N ASP E 108 10.14 -9.67 -19.16
CA ASP E 108 11.43 -9.24 -18.69
C ASP E 108 11.59 -7.72 -18.65
N VAL E 109 10.49 -6.97 -18.75
CA VAL E 109 10.53 -5.51 -18.78
C VAL E 109 9.99 -4.95 -17.47
N SER E 110 10.65 -3.90 -16.96
CA SER E 110 10.24 -3.24 -15.72
C SER E 110 9.05 -2.31 -15.99
N ASP E 111 8.33 -1.98 -14.91
CA ASP E 111 7.18 -1.08 -15.06
C ASP E 111 7.59 0.30 -15.59
N GLU E 112 8.74 0.83 -15.17
CA GLU E 112 9.19 2.12 -15.66
C GLU E 112 9.53 2.05 -17.15
N TYR E 113 10.28 1.02 -17.55
CA TYR E 113 10.59 0.81 -18.97
C TYR E 113 9.30 0.68 -19.77
N ARG E 114 8.31 -0.03 -19.25
CA ARG E 114 7.06 -0.21 -19.95
C ARG E 114 6.27 1.10 -20.09
N THR E 115 6.21 1.90 -19.03
CA THR E 115 5.50 3.17 -19.09
C THR E 115 6.20 4.13 -20.05
N ALA E 116 7.53 4.14 -20.05
CA ALA E 116 8.25 4.96 -21.00
C ALA E 116 8.07 4.49 -22.45
N MET E 117 8.09 3.16 -22.68
CA MET E 117 7.91 2.68 -24.05
C MET E 117 6.52 3.00 -24.58
N LYS E 118 5.51 2.91 -23.73
CA LYS E 118 4.16 3.25 -24.14
C LYS E 118 4.07 4.71 -24.55
N ASP E 119 4.67 5.60 -23.75
CA ASP E 119 4.65 7.02 -24.09
C ASP E 119 5.49 7.27 -25.34
N PHE E 120 6.67 6.66 -25.40
CA PHE E 120 7.53 6.79 -26.57
C PHE E 120 6.85 6.27 -27.83
N GLY E 121 6.17 5.12 -27.72
CA GLY E 121 5.49 4.55 -28.87
C GLY E 121 4.37 5.41 -29.40
N LYS E 122 3.57 6.00 -28.52
CA LYS E 122 2.49 6.86 -29.00
C LYS E 122 3.06 8.09 -29.72
N ARG E 123 4.13 8.68 -29.20
CA ARG E 123 4.69 9.86 -29.84
C ARG E 123 5.31 9.53 -31.18
N LEU E 124 5.96 8.36 -31.30
CA LEU E 124 6.52 7.98 -32.59
C LEU E 124 5.44 7.65 -33.61
N GLU E 125 4.30 7.14 -33.14
CA GLU E 125 3.16 6.88 -34.01
C GLU E 125 2.61 8.19 -34.57
N ASN E 126 2.49 9.22 -33.73
CA ASN E 126 2.05 10.52 -34.21
C ASN E 126 3.08 11.15 -35.13
N LEU E 127 4.36 10.96 -34.85
CA LEU E 127 5.39 11.53 -35.73
C LEU E 127 5.44 10.76 -37.06
N ALA E 128 5.23 9.44 -37.03
CA ALA E 128 5.18 8.66 -38.26
C ALA E 128 4.06 9.18 -39.17
N GLU E 129 2.89 9.46 -38.61
CA GLU E 129 1.80 9.96 -39.43
C GLU E 129 2.06 11.38 -39.92
N ASP E 130 2.73 12.21 -39.12
CA ASP E 130 3.14 13.53 -39.60
C ASP E 130 4.14 13.40 -40.76
N LEU E 131 5.09 12.48 -40.66
CA LEU E 131 6.05 12.29 -41.73
C LEU E 131 5.39 11.77 -43.00
N LEU E 132 4.43 10.83 -42.86
CA LEU E 132 3.71 10.36 -44.03
C LEU E 132 2.96 11.50 -44.70
N ASP E 133 2.47 12.46 -43.93
CA ASP E 133 1.81 13.62 -44.51
C ASP E 133 2.78 14.54 -45.22
N LEU E 134 4.03 14.63 -44.75
CA LEU E 134 5.02 15.39 -45.49
C LEU E 134 5.32 14.71 -46.82
N LEU E 135 5.44 13.37 -46.81
CA LEU E 135 5.61 12.64 -48.07
C LEU E 135 4.45 12.88 -49.03
N CYS E 136 3.21 12.86 -48.51
CA CYS E 136 2.05 13.12 -49.35
C CYS E 136 2.15 14.47 -50.05
N GLU E 137 2.54 15.50 -49.31
CA GLU E 137 2.66 16.82 -49.93
C GLU E 137 3.73 16.80 -51.02
N ASN E 138 4.90 16.21 -50.74
CA ASN E 138 5.96 16.17 -51.74
C ASN E 138 5.56 15.34 -52.97
N LEU E 139 4.73 14.32 -52.78
CA LEU E 139 4.29 13.48 -53.88
C LEU E 139 3.11 14.04 -54.64
N GLY E 140 2.50 15.11 -54.17
CA GLY E 140 1.30 15.60 -54.79
C GLY E 140 0.05 14.81 -54.46
N LEU E 141 0.10 13.97 -53.43
CA LEU E 141 -1.06 13.24 -52.92
C LEU E 141 -1.82 14.05 -51.90
N GLU E 142 -3.11 13.76 -51.77
CA GLU E 142 -3.92 14.44 -50.76
C GLU E 142 -3.47 14.04 -49.35
N LYS E 143 -3.60 14.98 -48.42
CA LYS E 143 -3.14 14.73 -47.06
C LYS E 143 -3.97 13.62 -46.41
N GLY E 144 -3.29 12.72 -45.71
CA GLY E 144 -3.91 11.52 -45.17
C GLY E 144 -4.04 10.36 -46.15
N TYR E 145 -3.62 10.53 -47.41
CA TYR E 145 -3.75 9.45 -48.38
C TYR E 145 -2.99 8.20 -47.94
N LEU E 146 -1.72 8.37 -47.55
CA LEU E 146 -0.94 7.19 -47.17
C LEU E 146 -1.48 6.58 -45.88
N LYS E 147 -1.94 7.41 -44.93
CA LYS E 147 -2.54 6.88 -43.71
C LYS E 147 -3.82 6.10 -44.02
N LYS E 148 -4.63 6.59 -44.97
CA LYS E 148 -5.84 5.86 -45.37
C LYS E 148 -5.49 4.50 -45.97
N VAL E 149 -4.54 4.50 -46.93
CA VAL E 149 -4.06 3.26 -47.53
C VAL E 149 -3.57 2.28 -46.48
N PHE E 150 -2.85 2.77 -45.46
CA PHE E 150 -2.27 1.87 -44.48
C PHE E 150 -3.30 1.29 -43.51
N HIS E 151 -4.53 1.80 -43.47
CA HIS E 151 -5.41 1.48 -42.35
C HIS E 151 -5.95 0.05 -42.41
N GLY E 152 -6.38 -0.41 -43.59
CA GLY E 152 -6.98 -1.73 -43.60
C GLY E 152 -8.26 -1.76 -42.76
N THR E 153 -8.52 -2.91 -42.14
CA THR E 153 -9.70 -3.02 -41.28
C THR E 153 -9.43 -2.61 -39.83
N LYS E 154 -8.32 -3.05 -39.25
CA LYS E 154 -8.02 -2.84 -37.84
C LYS E 154 -7.02 -1.70 -37.59
N GLY E 155 -6.66 -0.94 -38.62
CA GLY E 155 -5.67 0.11 -38.47
C GLY E 155 -4.27 -0.36 -38.81
N PRO E 156 -3.32 0.57 -38.84
CA PRO E 156 -1.93 0.20 -39.18
C PRO E 156 -1.37 -0.77 -38.15
N THR E 157 -0.33 -1.50 -38.56
CA THR E 157 0.47 -2.26 -37.61
C THR E 157 1.69 -1.46 -37.19
N PHE E 158 1.92 -1.37 -35.89
CA PHE E 158 2.99 -0.54 -35.33
C PHE E 158 3.65 -1.30 -34.20
N GLY E 159 4.96 -1.53 -34.32
CA GLY E 159 5.70 -2.23 -33.30
C GLY E 159 7.11 -1.70 -33.23
N THR E 160 7.81 -2.10 -32.17
CA THR E 160 9.17 -1.62 -31.97
C THR E 160 10.10 -2.79 -31.76
N LYS E 161 11.18 -2.81 -32.53
CA LYS E 161 12.24 -3.79 -32.37
C LYS E 161 13.38 -3.18 -31.56
N VAL E 162 13.66 -3.78 -30.40
CA VAL E 162 14.68 -3.30 -29.48
C VAL E 162 15.89 -4.22 -29.62
N SER E 163 16.96 -3.71 -30.22
CA SER E 163 18.13 -4.53 -30.51
C SER E 163 19.38 -3.92 -29.89
N ASN E 164 20.31 -4.79 -29.56
CA ASN E 164 21.67 -4.42 -29.23
C ASN E 164 22.64 -5.27 -30.06
N TYR E 165 23.72 -4.64 -30.50
CA TYR E 165 24.78 -5.31 -31.25
C TYR E 165 26.05 -5.31 -30.41
N PRO E 166 26.28 -6.36 -29.64
CA PRO E 166 27.43 -6.38 -28.70
C PRO E 166 28.75 -6.44 -29.45
N PRO E 167 29.86 -6.09 -28.78
CA PRO E 167 31.18 -6.13 -29.44
C PRO E 167 31.48 -7.51 -30.01
N CYS E 168 32.18 -7.51 -31.15
CA CYS E 168 32.52 -8.75 -31.86
C CYS E 168 34.03 -8.84 -32.05
N PRO E 169 34.69 -9.89 -31.55
CA PRO E 169 36.15 -9.98 -31.71
C PRO E 169 36.62 -9.93 -33.16
N LYS E 170 35.86 -10.50 -34.08
CA LYS E 170 36.22 -10.57 -35.50
C LYS E 170 35.08 -10.01 -36.33
N PRO E 171 34.96 -8.68 -36.41
CA PRO E 171 33.84 -8.07 -37.12
C PRO E 171 33.80 -8.39 -38.61
N GLU E 172 34.94 -8.73 -39.21
CA GLU E 172 34.97 -9.05 -40.64
C GLU E 172 34.38 -10.43 -40.93
N MET E 173 34.17 -11.27 -39.92
CA MET E 173 33.60 -12.60 -40.10
C MET E 173 32.07 -12.61 -40.11
N ILE E 174 31.42 -11.64 -39.48
CA ILE E 174 29.97 -11.68 -39.30
C ILE E 174 29.43 -10.26 -39.25
N LYS E 175 28.22 -10.09 -39.79
CA LYS E 175 27.57 -8.80 -39.76
C LYS E 175 26.70 -8.73 -38.51
N GLY E 176 26.50 -7.51 -37.99
CA GLY E 176 25.48 -7.33 -36.96
C GLY E 176 24.10 -7.64 -37.49
N LEU E 177 23.83 -7.25 -38.75
CA LEU E 177 22.59 -7.61 -39.43
C LEU E 177 22.82 -7.51 -40.92
N ARG E 178 22.52 -8.58 -41.65
CA ARG E 178 22.83 -8.67 -43.07
C ARG E 178 22.01 -7.68 -43.89
N ALA E 179 22.49 -7.42 -45.10
CA ALA E 179 21.85 -6.46 -45.98
C ALA E 179 20.43 -6.88 -46.35
N HIS E 180 19.50 -5.93 -46.32
CA HIS E 180 18.10 -6.18 -46.63
C HIS E 180 17.43 -4.84 -46.88
N THR E 181 16.23 -4.90 -47.46
CA THR E 181 15.31 -3.76 -47.43
C THR E 181 14.18 -4.09 -46.46
N ASP E 182 13.57 -3.04 -45.89
CA ASP E 182 12.48 -3.26 -44.95
C ASP E 182 11.19 -3.45 -45.69
N ALA E 183 10.36 -4.38 -45.17
CA ALA E 183 9.15 -4.77 -45.88
C ALA E 183 8.07 -3.71 -45.80
N GLY E 184 8.06 -2.90 -44.73
CA GLY E 184 6.88 -2.15 -44.33
C GLY E 184 6.76 -0.74 -44.87
N GLY E 185 6.20 0.16 -44.06
CA GLY E 185 5.91 1.49 -44.55
C GLY E 185 7.03 2.47 -44.27
N ILE E 186 7.03 3.03 -43.08
CA ILE E 186 8.03 4.01 -42.67
C ILE E 186 8.65 3.54 -41.36
N ILE E 187 9.97 3.68 -41.25
CA ILE E 187 10.71 3.14 -40.12
C ILE E 187 11.36 4.31 -39.38
N LEU E 188 11.18 4.35 -38.06
CA LEU E 188 11.67 5.44 -37.24
C LEU E 188 12.61 4.85 -36.21
N LEU E 189 13.90 5.18 -36.33
CA LEU E 189 14.97 4.51 -35.58
C LEU E 189 15.56 5.50 -34.59
N PHE E 190 15.58 5.11 -33.32
CA PHE E 190 16.37 5.78 -32.28
C PHE E 190 17.60 4.91 -32.06
N GLN E 191 18.74 5.35 -32.58
CA GLN E 191 19.95 4.54 -32.52
C GLN E 191 20.96 5.14 -31.57
N ASP E 192 21.91 4.29 -31.16
CA ASP E 192 23.04 4.73 -30.36
C ASP E 192 23.65 6.01 -30.93
N ASP E 193 23.95 6.97 -30.04
CA ASP E 193 24.54 8.23 -30.49
C ASP E 193 26.07 8.25 -30.40
N LYS E 194 26.70 7.18 -29.90
CA LYS E 194 28.16 7.07 -29.95
C LYS E 194 28.63 5.93 -30.85
N VAL E 195 28.03 4.75 -30.73
CA VAL E 195 28.50 3.55 -31.44
C VAL E 195 27.84 3.45 -32.79
N SER E 196 28.62 3.50 -33.86
CA SER E 196 28.09 3.40 -35.22
C SER E 196 27.90 1.94 -35.63
N GLY E 197 27.39 1.73 -36.84
CA GLY E 197 27.20 0.38 -37.36
C GLY E 197 26.20 0.29 -38.50
N LEU E 198 25.15 1.09 -38.45
CA LEU E 198 24.15 1.08 -39.50
C LEU E 198 24.69 1.77 -40.74
N GLN E 199 24.56 1.09 -41.89
CA GLN E 199 25.03 1.59 -43.16
C GLN E 199 23.93 1.40 -44.19
N LEU E 200 23.86 2.30 -45.18
CA LEU E 200 22.99 2.13 -46.33
C LEU E 200 23.84 2.02 -47.58
N LEU E 201 23.27 1.41 -48.61
CA LEU E 201 23.96 1.25 -49.88
C LEU E 201 23.49 2.37 -50.81
N LYS E 202 24.43 3.20 -51.28
CA LYS E 202 24.09 4.29 -52.18
C LYS E 202 25.16 4.44 -53.24
N ASP E 203 24.74 4.44 -54.51
CA ASP E 203 25.62 4.65 -55.65
C ASP E 203 26.85 3.74 -55.58
N GLY E 204 26.63 2.49 -55.19
CA GLY E 204 27.70 1.51 -55.16
C GLY E 204 28.66 1.62 -54.00
N ASP E 205 28.28 2.32 -52.92
CA ASP E 205 29.11 2.46 -51.73
C ASP E 205 28.25 2.24 -50.49
N TRP E 206 28.83 1.59 -49.49
CA TRP E 206 28.24 1.55 -48.17
C TRP E 206 28.52 2.85 -47.44
N ILE E 207 27.47 3.51 -46.96
CA ILE E 207 27.57 4.81 -46.31
C ILE E 207 27.09 4.69 -44.88
N ASP E 208 27.89 5.18 -43.94
CA ASP E 208 27.48 5.13 -42.54
C ASP E 208 26.29 6.06 -42.30
N VAL E 209 25.33 5.59 -41.51
CA VAL E 209 24.25 6.43 -40.99
C VAL E 209 24.76 7.00 -39.67
N PRO E 210 25.19 8.26 -39.63
CA PRO E 210 26.04 8.75 -38.52
C PRO E 210 25.24 8.83 -37.23
N PRO E 211 25.79 8.30 -36.13
CA PRO E 211 25.16 8.51 -34.82
C PRO E 211 25.05 10.00 -34.53
N LEU E 212 23.87 10.42 -34.06
CA LEU E 212 23.64 11.83 -33.74
C LEU E 212 22.70 11.95 -32.53
N ASN E 213 23.12 12.77 -31.57
CA ASN E 213 22.39 12.89 -30.30
C ASN E 213 20.95 13.34 -30.54
N HIS E 214 20.02 12.69 -29.83
CA HIS E 214 18.60 13.06 -29.82
C HIS E 214 18.02 13.23 -31.23
N SER E 215 18.48 12.39 -32.15
CA SER E 215 17.91 12.37 -33.49
C SER E 215 17.12 11.09 -33.74
N ILE E 216 16.29 11.09 -34.77
CA ILE E 216 15.59 9.89 -35.25
C ILE E 216 16.05 9.63 -36.68
N VAL E 217 16.36 8.37 -36.97
CA VAL E 217 16.68 7.97 -38.34
C VAL E 217 15.41 7.45 -38.99
N ILE E 218 15.06 8.01 -40.15
CA ILE E 218 13.90 7.63 -40.93
C ILE E 218 14.37 6.88 -42.16
N ASN E 219 13.69 5.77 -42.50
CA ASN E 219 13.88 5.19 -43.81
C ASN E 219 12.55 4.62 -44.31
N LEU E 220 12.43 4.46 -45.62
CA LEU E 220 11.19 4.04 -46.26
C LEU E 220 11.26 2.55 -46.61
N GLY E 221 10.15 1.82 -46.42
CA GLY E 221 10.12 0.41 -46.71
C GLY E 221 9.56 0.10 -48.10
N ASP E 222 9.48 -1.21 -48.37
CA ASP E 222 9.04 -1.69 -49.69
C ASP E 222 7.64 -1.20 -50.04
N GLN E 223 6.74 -1.04 -49.05
CA GLN E 223 5.38 -0.64 -49.36
C GLN E 223 5.32 0.76 -49.94
N LEU E 224 6.21 1.67 -49.48
CA LEU E 224 6.24 3.02 -50.03
C LEU E 224 6.82 3.05 -51.44
N GLU E 225 7.71 2.11 -51.77
CA GLU E 225 8.21 2.04 -53.14
C GLU E 225 7.09 1.69 -54.12
N VAL E 226 6.23 0.74 -53.75
CA VAL E 226 5.08 0.39 -54.60
C VAL E 226 4.14 1.59 -54.73
N ILE E 227 3.75 2.20 -53.61
CA ILE E 227 2.73 3.24 -53.66
C ILE E 227 3.22 4.43 -54.48
N THR E 228 4.52 4.75 -54.38
CA THR E 228 5.08 5.85 -55.16
C THR E 228 5.48 5.43 -56.57
N ASN E 229 5.21 4.19 -56.99
CA ASN E 229 5.53 3.73 -58.34
C ASN E 229 7.02 3.93 -58.64
N GLY E 230 7.85 3.62 -57.64
CA GLY E 230 9.29 3.70 -57.75
C GLY E 230 9.92 5.05 -57.50
N LYS E 231 9.12 6.10 -57.28
CA LYS E 231 9.72 7.41 -57.05
C LYS E 231 10.54 7.44 -55.76
N TYR E 232 10.07 6.75 -54.72
CA TYR E 232 10.84 6.55 -53.50
C TYR E 232 11.14 5.06 -53.34
N LYS E 233 12.40 4.66 -53.47
CA LYS E 233 12.74 3.25 -53.38
C LYS E 233 13.20 2.89 -51.96
N SER E 234 12.92 1.67 -51.53
CA SER E 234 13.46 1.18 -50.27
C SER E 234 14.88 0.71 -50.51
N VAL E 235 15.80 1.23 -49.70
CA VAL E 235 17.25 1.13 -49.92
C VAL E 235 17.82 0.03 -49.03
N LEU E 236 18.78 -0.71 -49.58
CA LEU E 236 19.47 -1.75 -48.83
C LEU E 236 20.28 -1.15 -47.69
N HIS E 237 20.27 -1.83 -46.55
CA HIS E 237 21.02 -1.35 -45.38
C HIS E 237 21.43 -2.56 -44.55
N ARG E 238 22.43 -2.35 -43.69
CA ARG E 238 22.96 -3.42 -42.86
C ARG E 238 23.49 -2.82 -41.55
N VAL E 239 23.80 -3.68 -40.59
CA VAL E 239 24.51 -3.28 -39.38
C VAL E 239 25.80 -4.09 -39.31
N VAL E 240 26.93 -3.41 -39.27
CA VAL E 240 28.21 -4.06 -39.10
C VAL E 240 28.58 -4.02 -37.63
N THR E 241 29.30 -5.04 -37.17
CA THR E 241 29.81 -5.09 -35.81
C THR E 241 31.14 -4.32 -35.71
N GLN E 242 31.60 -4.13 -34.48
CA GLN E 242 32.96 -3.63 -34.23
C GLN E 242 33.48 -4.35 -33.00
N GLN E 243 34.80 -4.24 -32.79
CA GLN E 243 35.45 -5.02 -31.75
C GLN E 243 35.11 -4.55 -30.35
N GLU E 244 34.79 -3.28 -30.16
CA GLU E 244 34.32 -2.80 -28.88
C GLU E 244 33.23 -1.76 -29.08
N GLY E 245 32.18 -1.87 -28.27
CA GLY E 245 31.02 -0.99 -28.37
C GLY E 245 29.83 -1.83 -28.56
N ASN E 246 28.76 -1.51 -27.84
CA ASN E 246 27.49 -2.21 -27.92
C ASN E 246 26.49 -1.19 -28.44
N ARG E 247 26.18 -1.25 -29.73
CA ARG E 247 25.29 -0.29 -30.34
C ARG E 247 23.85 -0.67 -30.04
N MET E 248 23.11 0.24 -29.44
CA MET E 248 21.69 0.06 -29.13
C MET E 248 20.87 0.48 -30.33
N SER E 249 19.69 -0.15 -30.49
CA SER E 249 18.80 0.16 -31.60
C SER E 249 17.35 0.02 -31.13
N VAL E 250 16.58 1.11 -31.20
CA VAL E 250 15.15 1.12 -30.87
C VAL E 250 14.45 1.56 -32.16
N ALA E 251 13.90 0.59 -32.89
CA ALA E 251 13.42 0.79 -34.26
C ALA E 251 11.92 0.51 -34.32
N SER E 252 11.15 1.51 -34.73
CA SER E 252 9.69 1.38 -34.77
C SER E 252 9.22 1.31 -36.21
N PHE E 253 8.32 0.36 -36.49
CA PHE E 253 7.91 0.06 -37.86
C PHE E 253 6.42 0.37 -37.98
N TYR E 254 6.09 1.41 -38.75
CA TYR E 254 4.71 1.79 -39.04
C TYR E 254 4.36 1.15 -40.37
N ASN E 255 3.54 0.10 -40.33
CA ASN E 255 3.21 -0.80 -41.42
C ASN E 255 1.72 -0.74 -41.74
N PRO E 256 1.32 -1.02 -42.98
CA PRO E 256 -0.12 -1.13 -43.28
C PRO E 256 -0.76 -2.26 -42.49
N GLY E 257 -2.07 -2.14 -42.28
CA GLY E 257 -2.83 -3.25 -41.74
C GLY E 257 -2.74 -4.49 -42.61
N SER E 258 -2.99 -5.65 -42.00
CA SER E 258 -2.79 -6.92 -42.68
C SER E 258 -3.60 -7.02 -43.97
N ASP E 259 -4.82 -6.48 -43.99
CA ASP E 259 -5.64 -6.57 -45.19
C ASP E 259 -5.67 -5.27 -46.00
N ALA E 260 -4.72 -4.36 -45.78
CA ALA E 260 -4.65 -3.17 -46.60
C ALA E 260 -4.29 -3.54 -48.04
N GLU E 261 -4.94 -2.89 -48.99
CA GLU E 261 -4.64 -3.07 -50.40
C GLU E 261 -3.55 -2.08 -50.80
N ILE E 262 -2.43 -2.60 -51.27
CA ILE E 262 -1.26 -1.79 -51.60
C ILE E 262 -1.13 -1.78 -53.12
N SER E 263 -1.08 -0.59 -53.71
CA SER E 263 -0.94 -0.46 -55.16
C SER E 263 -0.35 0.90 -55.46
N PRO E 264 0.25 1.06 -56.64
CA PRO E 264 0.77 2.38 -57.03
C PRO E 264 -0.34 3.42 -57.09
N ALA E 265 -0.15 4.54 -56.39
CA ALA E 265 -1.11 5.62 -56.44
C ALA E 265 -1.31 6.09 -57.87
N THR E 266 -2.58 6.22 -58.26
CA THR E 266 -2.92 6.43 -59.66
C THR E 266 -2.33 7.72 -60.21
N SER E 267 -2.22 8.75 -59.38
CA SER E 267 -1.69 10.03 -59.85
C SER E 267 -0.18 9.98 -60.08
N LEU E 268 0.50 8.95 -59.61
CA LEU E 268 1.92 8.75 -59.83
C LEU E 268 2.21 7.75 -60.94
N VAL E 269 1.18 7.30 -61.64
CA VAL E 269 1.30 6.29 -62.70
C VAL E 269 0.79 6.93 -63.98
N GLU E 270 1.70 7.46 -64.79
CA GLU E 270 1.41 7.71 -66.21
C GLU E 270 2.31 6.78 -66.99
N LYS E 271 1.70 5.70 -67.51
CA LYS E 271 2.36 4.50 -68.00
C LYS E 271 1.44 3.36 -67.59
N ASP E 272 1.96 2.15 -67.67
CA ASP E 272 1.53 1.05 -66.82
C ASP E 272 2.67 0.79 -65.84
N SER E 273 2.34 0.67 -64.56
CA SER E 273 3.36 0.50 -63.56
C SER E 273 4.00 -0.89 -63.67
N GLU E 274 5.28 -0.95 -63.37
CA GLU E 274 5.95 -2.23 -63.23
C GLU E 274 5.72 -2.89 -61.87
N TYR E 275 5.14 -2.19 -60.96
CA TYR E 275 4.91 -2.64 -59.59
C TYR E 275 3.54 -3.28 -59.44
N PRO E 276 3.43 -4.29 -58.57
CA PRO E 276 2.17 -5.03 -58.43
C PRO E 276 1.19 -4.31 -57.50
N SER E 277 -0.06 -4.81 -57.53
CA SER E 277 -1.10 -4.49 -56.56
C SER E 277 -1.43 -5.76 -55.79
N PHE E 278 -1.43 -5.66 -54.47
CA PHE E 278 -1.51 -6.84 -53.64
C PHE E 278 -2.10 -6.43 -52.30
N VAL E 279 -2.28 -7.42 -51.43
CA VAL E 279 -2.69 -7.21 -50.03
C VAL E 279 -1.45 -7.35 -49.15
N PHE E 280 -1.29 -6.44 -48.18
CA PHE E 280 -0.01 -6.32 -47.47
C PHE E 280 0.39 -7.64 -46.78
N ASP E 281 -0.58 -8.34 -46.16
CA ASP E 281 -0.22 -9.56 -45.44
C ASP E 281 0.29 -10.65 -46.38
N ASP E 282 -0.14 -10.65 -47.66
CA ASP E 282 0.47 -11.58 -48.60
C ASP E 282 1.92 -11.21 -48.86
N TYR E 283 2.22 -9.92 -48.97
CA TYR E 283 3.62 -9.53 -49.09
C TYR E 283 4.43 -9.93 -47.86
N MET E 284 3.86 -9.77 -46.65
CA MET E 284 4.61 -10.03 -45.42
C MET E 284 4.85 -11.52 -45.20
N LYS E 285 3.86 -12.37 -45.49
CA LYS E 285 4.09 -13.80 -45.35
C LYS E 285 5.25 -14.25 -46.23
N LEU E 286 5.32 -13.78 -47.46
CA LEU E 286 6.45 -14.11 -48.34
C LEU E 286 7.74 -13.53 -47.79
N TYR E 287 7.71 -12.27 -47.37
CA TYR E 287 8.92 -11.56 -46.94
C TYR E 287 9.66 -12.31 -45.84
N ALA E 288 8.93 -12.90 -44.90
CA ALA E 288 9.56 -13.52 -43.74
C ALA E 288 10.59 -14.57 -44.14
N GLY E 289 10.31 -15.35 -45.18
CA GLY E 289 11.22 -16.41 -45.57
C GLY E 289 12.37 -16.00 -46.47
N VAL E 290 12.28 -14.82 -47.10
CA VAL E 290 13.24 -14.44 -48.13
C VAL E 290 13.82 -13.05 -47.86
N LYS E 291 13.90 -12.68 -46.58
CA LYS E 291 14.25 -11.31 -46.19
C LYS E 291 15.63 -10.89 -46.69
N PHE E 292 16.59 -11.82 -46.72
CA PHE E 292 17.94 -11.46 -47.10
C PHE E 292 18.25 -11.84 -48.55
N GLN E 293 17.25 -12.24 -49.32
CA GLN E 293 17.38 -12.41 -50.77
C GLN E 293 16.95 -11.13 -51.46
N PRO E 294 17.17 -11.02 -52.77
CA PRO E 294 16.89 -9.76 -53.46
C PRO E 294 15.45 -9.32 -53.30
N LYS E 295 15.28 -8.00 -53.34
CA LYS E 295 13.96 -7.39 -53.20
C LYS E 295 13.11 -7.63 -54.44
N GLU E 296 13.71 -7.47 -55.62
CA GLU E 296 12.93 -7.42 -56.86
C GLU E 296 12.07 -8.66 -57.10
N PRO E 297 12.50 -9.89 -56.77
CA PRO E 297 11.59 -11.03 -56.90
C PRO E 297 10.35 -10.97 -56.02
N ARG E 298 10.37 -10.22 -54.91
CA ARG E 298 9.18 -10.14 -54.05
C ARG E 298 8.07 -9.34 -54.71
N PHE E 299 8.43 -8.28 -55.44
CA PHE E 299 7.45 -7.54 -56.22
C PHE E 299 6.83 -8.40 -57.32
N ALA E 300 7.67 -9.13 -58.07
CA ALA E 300 7.19 -9.99 -59.14
C ALA E 300 6.28 -11.09 -58.60
N ALA E 301 6.59 -11.61 -57.42
CA ALA E 301 5.80 -12.68 -56.81
C ALA E 301 4.39 -12.23 -56.46
N MET E 302 4.15 -10.93 -56.38
CA MET E 302 2.83 -10.43 -56.05
C MET E 302 1.93 -10.26 -57.26
N LYS E 303 2.45 -10.51 -58.46
CA LYS E 303 1.64 -10.50 -59.66
C LYS E 303 1.13 -11.90 -59.98
N LYS F 6 -24.21 -10.68 5.42
CA LYS F 6 -24.59 -10.04 6.68
C LYS F 6 -25.97 -10.52 7.14
N PHE F 7 -26.00 -11.19 8.28
CA PHE F 7 -27.19 -11.92 8.68
C PHE F 7 -28.32 -10.95 9.07
N PRO F 8 -29.52 -11.13 8.55
CA PRO F 8 -30.59 -10.14 8.80
C PRO F 8 -31.04 -10.11 10.25
N VAL F 9 -31.01 -8.92 10.85
CA VAL F 9 -31.54 -8.66 12.18
C VAL F 9 -32.63 -7.61 12.02
N VAL F 10 -33.86 -7.97 12.37
CA VAL F 10 -35.01 -7.11 12.17
C VAL F 10 -35.40 -6.51 13.51
N ASP F 11 -35.50 -5.18 13.55
CA ASP F 11 -35.87 -4.45 14.76
C ASP F 11 -37.38 -4.22 14.70
N LEU F 12 -38.14 -4.96 15.50
CA LEU F 12 -39.59 -4.86 15.41
C LEU F 12 -40.09 -3.51 15.93
N SER F 13 -39.26 -2.77 16.70
CA SER F 13 -39.66 -1.43 17.12
C SER F 13 -39.70 -0.45 15.94
N LYS F 14 -39.05 -0.80 14.82
CA LYS F 14 -39.03 0.03 13.61
C LYS F 14 -40.25 -0.17 12.71
N LEU F 15 -41.31 -0.83 13.19
CA LEU F 15 -42.56 -0.88 12.44
C LEU F 15 -43.44 0.34 12.70
N ASN F 16 -43.05 1.20 13.64
CA ASN F 16 -43.90 2.26 14.16
C ASN F 16 -43.75 3.58 13.41
N GLY F 17 -43.18 3.57 12.21
CA GLY F 17 -43.00 4.81 11.48
C GLY F 17 -43.17 4.57 9.99
N GLU F 18 -42.28 5.12 9.16
CA GLU F 18 -42.15 4.69 7.77
C GLU F 18 -40.84 3.97 7.53
N GLU F 19 -39.94 3.98 8.52
CA GLU F 19 -39.01 2.86 8.62
C GLU F 19 -39.74 1.53 8.50
N ARG F 20 -41.06 1.54 8.71
CA ARG F 20 -41.83 0.31 8.63
C ARG F 20 -41.72 -0.30 7.23
N ASP F 21 -41.72 0.55 6.19
CA ASP F 21 -41.53 0.04 4.84
C ASP F 21 -40.17 -0.61 4.69
N GLN F 22 -39.14 0.07 5.18
CA GLN F 22 -37.80 -0.50 5.15
C GLN F 22 -37.74 -1.79 5.96
N THR F 23 -38.38 -1.82 7.13
CA THR F 23 -38.41 -3.04 7.94
C THR F 23 -39.16 -4.16 7.21
N MET F 24 -40.33 -3.86 6.63
CA MET F 24 -41.06 -4.88 5.87
C MET F 24 -40.24 -5.39 4.69
N ALA F 25 -39.56 -4.49 3.99
CA ALA F 25 -38.71 -4.90 2.88
C ALA F 25 -37.59 -5.82 3.35
N LEU F 26 -37.03 -5.55 4.53
CA LEU F 26 -35.98 -6.39 5.09
C LEU F 26 -36.51 -7.77 5.44
N ILE F 27 -37.69 -7.84 6.07
CA ILE F 27 -38.33 -9.11 6.39
C ILE F 27 -38.57 -9.91 5.12
N ASN F 28 -39.07 -9.26 4.09
CA ASN F 28 -39.37 -9.95 2.83
C ASN F 28 -38.09 -10.50 2.21
N GLU F 29 -37.02 -9.71 2.26
CA GLU F 29 -35.74 -10.12 1.68
C GLU F 29 -35.15 -11.32 2.40
N ALA F 30 -35.21 -11.32 3.74
CA ALA F 30 -34.81 -12.49 4.53
C ALA F 30 -35.68 -13.71 4.21
N CYS F 31 -36.99 -13.52 4.07
CA CYS F 31 -37.86 -14.65 3.77
C CYS F 31 -37.55 -15.27 2.40
N GLU F 32 -37.18 -14.43 1.43
CA GLU F 32 -36.91 -14.92 0.08
C GLU F 32 -35.52 -15.54 -0.03
N ASN F 33 -34.51 -14.95 0.60
CA ASN F 33 -33.12 -15.28 0.31
C ASN F 33 -32.38 -15.93 1.45
N TRP F 34 -32.87 -15.80 2.68
CA TRP F 34 -32.21 -16.40 3.84
C TRP F 34 -33.01 -17.53 4.46
N GLY F 35 -34.34 -17.41 4.50
CA GLY F 35 -35.16 -18.35 5.23
C GLY F 35 -35.07 -18.23 6.74
N PHE F 36 -34.23 -17.36 7.24
CA PHE F 36 -33.99 -17.14 8.67
C PHE F 36 -33.87 -15.65 8.87
N PHE F 37 -34.28 -15.17 10.03
CA PHE F 37 -33.86 -13.83 10.44
C PHE F 37 -34.04 -13.73 11.95
N GLU F 38 -33.24 -12.86 12.55
CA GLU F 38 -33.36 -12.57 13.97
C GLU F 38 -34.20 -11.33 14.17
N ILE F 39 -34.98 -11.32 15.25
CA ILE F 39 -35.79 -10.17 15.64
C ILE F 39 -35.34 -9.68 17.01
N VAL F 40 -35.27 -8.36 17.16
CA VAL F 40 -35.03 -7.70 18.43
C VAL F 40 -36.20 -6.75 18.70
N ASN F 41 -36.32 -6.33 19.96
CA ASN F 41 -37.43 -5.49 20.41
C ASN F 41 -38.78 -6.12 20.06
N HIS F 42 -38.89 -7.41 20.37
CA HIS F 42 -40.03 -8.25 19.99
C HIS F 42 -41.16 -8.25 21.01
N GLY F 43 -40.97 -7.61 22.15
CA GLY F 43 -41.99 -7.56 23.17
C GLY F 43 -41.93 -8.66 24.21
N LEU F 44 -41.03 -9.61 24.08
CA LEU F 44 -40.97 -10.63 25.12
C LEU F 44 -40.14 -10.10 26.28
N PRO F 45 -40.66 -10.13 27.50
CA PRO F 45 -39.91 -9.51 28.62
C PRO F 45 -38.56 -10.17 28.81
N HIS F 46 -37.51 -9.33 28.90
CA HIS F 46 -36.15 -9.85 29.02
C HIS F 46 -35.98 -10.63 30.31
N ASP F 47 -36.74 -10.28 31.34
CA ASP F 47 -36.67 -11.05 32.59
C ASP F 47 -37.31 -12.43 32.42
N LEU F 48 -38.33 -12.55 31.57
CA LEU F 48 -38.89 -13.88 31.35
C LEU F 48 -37.91 -14.74 30.54
N MET F 49 -37.28 -14.17 29.51
CA MET F 49 -36.24 -14.91 28.78
C MET F 49 -35.11 -15.35 29.70
N ASP F 50 -34.67 -14.47 30.61
CA ASP F 50 -33.56 -14.82 31.50
C ASP F 50 -33.96 -15.98 32.42
N LYS F 51 -35.18 -15.95 32.95
CA LYS F 51 -35.69 -17.09 33.72
C LYS F 51 -35.76 -18.36 32.88
N ILE F 52 -36.35 -18.29 31.68
CA ILE F 52 -36.43 -19.49 30.86
C ILE F 52 -35.04 -20.09 30.66
N GLU F 53 -34.06 -19.27 30.31
CA GLU F 53 -32.71 -19.75 30.07
C GLU F 53 -32.11 -20.41 31.32
N LYS F 54 -32.15 -19.72 32.45
CA LYS F 54 -31.57 -20.25 33.69
C LYS F 54 -32.20 -21.59 34.04
N MET F 55 -33.51 -21.65 33.93
CA MET F 55 -34.22 -22.85 34.33
C MET F 55 -34.02 -24.01 33.38
N THR F 56 -33.91 -23.71 32.08
CA THR F 56 -33.55 -24.74 31.11
C THR F 56 -32.14 -25.27 31.40
N LYS F 57 -31.19 -24.36 31.61
CA LYS F 57 -29.82 -24.81 31.87
C LYS F 57 -29.74 -25.59 33.17
N ASP F 58 -30.48 -25.17 34.19
CA ASP F 58 -30.43 -25.92 35.44
C ASP F 58 -31.18 -27.25 35.33
N HIS F 59 -32.25 -27.29 34.53
CA HIS F 59 -32.96 -28.55 34.35
C HIS F 59 -32.12 -29.53 33.56
N TYR F 60 -31.30 -29.05 32.62
CA TYR F 60 -30.36 -29.94 31.97
C TYR F 60 -29.40 -30.58 32.98
N LYS F 61 -28.75 -29.76 33.81
CA LYS F 61 -27.79 -30.30 34.77
C LYS F 61 -28.44 -31.29 35.72
N THR F 62 -29.66 -30.99 36.17
CA THR F 62 -30.33 -31.78 37.19
C THR F 62 -30.86 -33.10 36.66
N CYS F 63 -31.41 -33.11 35.44
CA CYS F 63 -32.20 -34.24 34.95
C CYS F 63 -31.67 -34.88 33.69
N GLN F 64 -31.05 -34.12 32.80
CA GLN F 64 -30.68 -34.67 31.50
C GLN F 64 -29.21 -35.03 31.37
N GLU F 65 -28.32 -34.41 32.14
CA GLU F 65 -26.90 -34.61 31.86
C GLU F 65 -26.48 -36.04 32.13
N GLN F 66 -26.92 -36.63 33.23
CA GLN F 66 -26.61 -38.04 33.48
C GLN F 66 -27.40 -38.93 32.53
N LYS F 67 -28.67 -38.62 32.30
CA LYS F 67 -29.47 -39.30 31.29
C LYS F 67 -28.74 -39.30 29.95
N PHE F 68 -28.23 -38.14 29.55
CA PHE F 68 -27.45 -38.03 28.33
C PHE F 68 -26.23 -38.95 28.38
N ASN F 69 -25.46 -38.89 29.46
CA ASN F 69 -24.22 -39.68 29.53
C ASN F 69 -24.50 -41.17 29.52
N ASP F 70 -25.64 -41.60 30.06
CA ASP F 70 -26.02 -43.00 29.95
C ASP F 70 -26.40 -43.39 28.53
N MET F 71 -26.77 -42.42 27.70
CA MET F 71 -27.13 -42.72 26.31
C MET F 71 -25.89 -42.98 25.45
N LEU F 72 -24.80 -42.24 25.68
CA LEU F 72 -23.60 -42.44 24.87
C LEU F 72 -22.93 -43.78 25.15
N LYS F 73 -23.16 -44.36 26.33
CA LYS F 73 -22.73 -45.72 26.62
C LYS F 73 -23.58 -46.76 25.90
N SER F 74 -24.90 -46.60 25.94
CA SER F 74 -25.81 -47.50 25.26
C SER F 74 -25.64 -47.44 23.75
N LYS F 75 -24.98 -46.39 23.24
CA LYS F 75 -24.79 -46.20 21.80
C LYS F 75 -23.33 -46.02 21.43
N GLY F 76 -22.41 -46.28 22.35
CA GLY F 76 -21.00 -46.32 22.01
C GLY F 76 -20.40 -45.02 21.53
N LEU F 77 -20.99 -43.88 21.90
CA LEU F 77 -20.48 -42.60 21.45
C LEU F 77 -19.40 -42.03 22.36
N ASP F 78 -18.89 -42.84 23.29
CA ASP F 78 -17.70 -42.47 24.05
C ASP F 78 -16.55 -42.21 23.09
N ASN F 79 -16.09 -43.26 22.41
CA ASN F 79 -15.00 -43.16 21.45
C ASN F 79 -15.58 -42.78 20.09
N LEU F 80 -15.24 -41.59 19.63
CA LEU F 80 -15.62 -41.10 18.30
C LEU F 80 -14.51 -41.37 17.29
N GLU F 81 -14.07 -42.63 17.20
CA GLU F 81 -12.93 -42.94 16.34
C GLU F 81 -13.28 -42.85 14.86
N THR F 82 -14.56 -42.84 14.51
CA THR F 82 -14.96 -42.66 13.12
C THR F 82 -16.26 -41.84 13.05
N GLU F 83 -16.57 -41.36 11.85
CA GLU F 83 -17.68 -40.43 11.65
C GLU F 83 -19.03 -41.10 11.93
N VAL F 84 -19.87 -40.39 12.66
CA VAL F 84 -21.23 -40.81 12.99
C VAL F 84 -22.18 -39.92 12.22
N GLU F 85 -22.89 -40.49 11.25
CA GLU F 85 -23.79 -39.73 10.40
C GLU F 85 -25.26 -40.04 10.67
N ASP F 86 -25.56 -40.91 11.62
CA ASP F 86 -26.94 -41.33 11.86
C ASP F 86 -27.42 -41.00 13.27
N VAL F 87 -26.66 -40.22 14.04
CA VAL F 87 -27.02 -39.82 15.39
C VAL F 87 -26.76 -38.33 15.55
N ASP F 88 -27.59 -37.68 16.37
CA ASP F 88 -27.41 -36.30 16.75
C ASP F 88 -26.88 -36.24 18.18
N TRP F 89 -25.85 -35.42 18.42
CA TRP F 89 -25.27 -35.19 19.74
C TRP F 89 -26.14 -34.15 20.44
N GLU F 90 -27.24 -34.62 20.99
CA GLU F 90 -28.34 -33.74 21.36
C GLU F 90 -29.11 -34.33 22.53
N SER F 91 -29.52 -33.46 23.45
CA SER F 91 -30.39 -33.80 24.57
C SER F 91 -31.65 -32.95 24.46
N THR F 92 -32.82 -33.60 24.41
CA THR F 92 -34.08 -32.92 24.13
C THR F 92 -35.24 -33.52 24.91
N PHE F 93 -36.24 -32.66 25.16
CA PHE F 93 -37.59 -33.11 25.44
C PHE F 93 -38.54 -32.15 24.73
N TYR F 94 -39.78 -32.58 24.55
CA TYR F 94 -40.74 -31.80 23.78
C TYR F 94 -41.93 -31.43 24.67
N VAL F 95 -42.38 -30.19 24.53
CA VAL F 95 -43.54 -29.70 25.26
C VAL F 95 -44.61 -29.31 24.24
N ARG F 96 -45.79 -29.88 24.39
CA ARG F 96 -46.89 -29.54 23.51
C ARG F 96 -47.80 -28.55 24.23
N HIS F 97 -48.07 -27.42 23.58
CA HIS F 97 -48.97 -26.41 24.10
C HIS F 97 -50.36 -26.54 23.51
N LEU F 98 -50.45 -26.64 22.19
CA LEU F 98 -51.70 -26.72 21.42
C LEU F 98 -51.63 -27.81 20.33
N PRO F 99 -52.77 -28.45 19.99
CA PRO F 99 -54.08 -28.08 20.52
C PRO F 99 -54.24 -28.56 21.92
N GLN F 100 -53.43 -29.53 22.35
CA GLN F 100 -53.64 -30.02 23.70
C GLN F 100 -52.33 -30.10 24.44
N SER F 101 -52.31 -29.49 25.62
CA SER F 101 -51.10 -29.30 26.39
C SER F 101 -50.72 -30.57 27.14
N ASN F 102 -49.44 -30.94 27.09
CA ASN F 102 -48.89 -31.97 27.95
C ASN F 102 -47.91 -31.38 28.96
N LEU F 103 -47.97 -30.06 29.17
CA LEU F 103 -47.05 -29.38 30.06
C LEU F 103 -47.06 -30.02 31.46
N ASN F 104 -48.24 -30.38 31.95
CA ASN F 104 -48.32 -30.98 33.27
C ASN F 104 -47.93 -32.46 33.29
N ASP F 105 -47.34 -32.99 32.22
CA ASP F 105 -46.89 -34.38 32.23
C ASP F 105 -45.38 -34.54 32.15
N ILE F 106 -44.62 -33.47 31.89
CA ILE F 106 -43.17 -33.57 32.00
C ILE F 106 -42.83 -33.67 33.47
N SER F 107 -42.26 -34.81 33.88
CA SER F 107 -42.25 -35.18 35.28
C SER F 107 -41.25 -34.40 36.12
N ASP F 108 -40.08 -34.11 35.56
CA ASP F 108 -38.94 -33.63 36.33
C ASP F 108 -38.80 -32.11 36.30
N VAL F 109 -39.84 -31.38 35.90
CA VAL F 109 -39.80 -29.91 35.83
C VAL F 109 -40.54 -29.33 37.01
N SER F 110 -40.06 -28.20 37.51
CA SER F 110 -40.63 -27.57 38.68
C SER F 110 -41.90 -26.79 38.34
N ASP F 111 -42.71 -26.51 39.38
CA ASP F 111 -43.88 -25.66 39.21
C ASP F 111 -43.52 -24.36 38.53
N GLU F 112 -42.40 -23.79 38.92
CA GLU F 112 -42.04 -22.46 38.48
C GLU F 112 -41.52 -22.51 37.05
N TYR F 113 -40.85 -23.61 36.67
CA TYR F 113 -40.51 -23.83 35.26
C TYR F 113 -41.77 -24.03 34.41
N ARG F 114 -42.74 -24.83 34.90
CA ARG F 114 -43.95 -25.03 34.13
C ARG F 114 -44.73 -23.73 33.96
N THR F 115 -44.80 -22.93 35.02
CA THR F 115 -45.52 -21.67 34.95
C THR F 115 -44.82 -20.69 34.02
N ALA F 116 -43.49 -20.63 34.08
CA ALA F 116 -42.76 -19.76 33.16
C ALA F 116 -42.89 -20.23 31.71
N MET F 117 -42.82 -21.53 31.47
CA MET F 117 -42.93 -22.02 30.09
C MET F 117 -44.32 -21.76 29.53
N LYS F 118 -45.36 -21.86 30.37
CA LYS F 118 -46.70 -21.56 29.90
C LYS F 118 -46.82 -20.09 29.51
N ASP F 119 -46.26 -19.18 30.31
CA ASP F 119 -46.33 -17.76 30.00
C ASP F 119 -45.48 -17.47 28.77
N PHE F 120 -44.28 -18.05 28.73
CA PHE F 120 -43.40 -17.88 27.57
C PHE F 120 -44.06 -18.39 26.31
N GLY F 121 -44.71 -19.56 26.38
CA GLY F 121 -45.36 -20.12 25.21
C GLY F 121 -46.52 -19.29 24.70
N LYS F 122 -47.34 -18.74 25.61
CA LYS F 122 -48.44 -17.90 25.17
C LYS F 122 -47.92 -16.64 24.48
N ARG F 123 -46.85 -16.04 25.04
CA ARG F 123 -46.31 -14.84 24.41
C ARG F 123 -45.71 -15.12 23.04
N LEU F 124 -45.06 -16.29 22.88
CA LEU F 124 -44.51 -16.66 21.58
C LEU F 124 -45.61 -17.00 20.59
N GLU F 125 -46.71 -17.56 21.07
CA GLU F 125 -47.79 -17.86 20.15
C GLU F 125 -48.37 -16.57 19.58
N ASN F 126 -48.54 -15.55 20.44
CA ASN F 126 -49.01 -14.25 19.96
C ASN F 126 -48.00 -13.60 19.03
N LEU F 127 -46.71 -13.75 19.31
CA LEU F 127 -45.70 -13.19 18.42
C LEU F 127 -45.64 -13.95 17.10
N ALA F 128 -45.84 -15.27 17.14
CA ALA F 128 -45.92 -16.04 15.90
C ALA F 128 -47.03 -15.53 15.00
N GLU F 129 -48.21 -15.25 15.58
CA GLU F 129 -49.32 -14.77 14.76
C GLU F 129 -49.10 -13.35 14.27
N ASP F 130 -48.44 -12.49 15.07
CA ASP F 130 -48.07 -11.18 14.56
C ASP F 130 -47.09 -11.28 13.40
N LEU F 131 -46.12 -12.20 13.48
CA LEU F 131 -45.17 -12.38 12.39
C LEU F 131 -45.85 -12.91 11.13
N LEU F 132 -46.78 -13.86 11.29
CA LEU F 132 -47.51 -14.38 10.13
C LEU F 132 -48.30 -13.29 9.42
N ASP F 133 -48.81 -12.32 10.17
CA ASP F 133 -49.50 -11.20 9.52
C ASP F 133 -48.54 -10.28 8.77
N LEU F 134 -47.30 -10.13 9.24
CA LEU F 134 -46.33 -9.37 8.44
C LEU F 134 -45.99 -10.09 7.14
N LEU F 135 -45.81 -11.41 7.21
CA LEU F 135 -45.63 -12.19 5.97
C LEU F 135 -46.82 -12.01 5.03
N CYS F 136 -48.05 -12.07 5.55
CA CYS F 136 -49.24 -11.88 4.72
C CYS F 136 -49.17 -10.54 3.99
N GLU F 137 -48.82 -9.47 4.70
CA GLU F 137 -48.75 -8.16 4.07
C GLU F 137 -47.68 -8.13 2.97
N ASN F 138 -46.49 -8.70 3.24
CA ASN F 138 -45.44 -8.73 2.22
C ASN F 138 -45.82 -9.56 1.00
N LEU F 139 -46.61 -10.62 1.20
CA LEU F 139 -47.05 -11.49 0.11
C LEU F 139 -48.28 -10.97 -0.61
N GLY F 140 -48.91 -9.91 -0.11
CA GLY F 140 -50.13 -9.42 -0.71
C GLY F 140 -51.36 -10.25 -0.38
N LEU F 141 -51.29 -11.09 0.65
CA LEU F 141 -52.42 -11.86 1.14
C LEU F 141 -53.19 -11.04 2.17
N GLU F 142 -54.48 -11.36 2.31
CA GLU F 142 -55.31 -10.65 3.28
C GLU F 142 -54.89 -10.98 4.70
N LYS F 143 -55.08 -10.02 5.60
CA LYS F 143 -54.73 -10.18 7.00
C LYS F 143 -55.38 -11.43 7.58
N GLY F 144 -54.60 -12.17 8.38
CA GLY F 144 -55.12 -13.41 8.94
C GLY F 144 -55.19 -14.58 7.98
N TYR F 145 -54.76 -14.42 6.72
CA TYR F 145 -54.85 -15.50 5.76
C TYR F 145 -54.09 -16.73 6.25
N LEU F 146 -52.84 -16.55 6.69
CA LEU F 146 -52.04 -17.70 7.11
C LEU F 146 -52.56 -18.28 8.41
N LYS F 147 -53.00 -17.44 9.35
CA LYS F 147 -53.56 -17.99 10.59
C LYS F 147 -54.79 -18.83 10.29
N LYS F 148 -55.64 -18.39 9.35
CA LYS F 148 -56.85 -19.11 9.01
C LYS F 148 -56.53 -20.46 8.37
N VAL F 149 -55.62 -20.47 7.39
CA VAL F 149 -55.18 -21.72 6.78
C VAL F 149 -54.64 -22.69 7.82
N PHE F 150 -53.88 -22.19 8.82
CA PHE F 150 -53.28 -23.06 9.83
C PHE F 150 -54.28 -23.61 10.82
N HIS F 151 -55.52 -23.11 10.85
CA HIS F 151 -56.40 -23.43 11.97
C HIS F 151 -56.93 -24.85 11.92
N GLY F 152 -57.30 -25.36 10.75
CA GLY F 152 -57.91 -26.69 10.79
C GLY F 152 -59.22 -26.66 11.58
N THR F 153 -59.51 -27.79 12.27
CA THR F 153 -60.68 -27.78 13.16
C THR F 153 -60.32 -27.44 14.62
N LYS F 154 -59.22 -27.94 15.16
CA LYS F 154 -58.90 -27.74 16.58
C LYS F 154 -57.89 -26.61 16.82
N GLY F 155 -57.55 -25.82 15.80
CA GLY F 155 -56.58 -24.76 15.95
C GLY F 155 -55.18 -25.20 15.55
N PRO F 156 -54.23 -24.26 15.54
CA PRO F 156 -52.86 -24.60 15.15
C PRO F 156 -52.24 -25.63 16.09
N THR F 157 -51.22 -26.31 15.59
CA THR F 157 -50.37 -27.12 16.47
C THR F 157 -49.19 -26.25 16.94
N PHE F 158 -48.96 -26.22 18.25
CA PHE F 158 -47.93 -25.36 18.83
C PHE F 158 -47.24 -26.12 19.94
N GLY F 159 -45.92 -26.29 19.80
CA GLY F 159 -45.14 -26.98 20.81
C GLY F 159 -43.74 -26.40 20.88
N THR F 160 -43.00 -26.79 21.91
CA THR F 160 -41.66 -26.27 22.14
C THR F 160 -40.67 -27.41 22.31
N LYS F 161 -39.60 -27.36 21.53
CA LYS F 161 -38.51 -28.31 21.67
C LYS F 161 -37.39 -27.68 22.50
N VAL F 162 -37.11 -28.28 23.64
CA VAL F 162 -36.12 -27.79 24.58
C VAL F 162 -34.89 -28.66 24.41
N SER F 163 -33.82 -28.09 23.86
CA SER F 163 -32.62 -28.85 23.52
C SER F 163 -31.40 -28.25 24.19
N ASN F 164 -30.45 -29.13 24.49
CA ASN F 164 -29.09 -28.73 24.83
C ASN F 164 -28.15 -29.57 24.00
N TYR F 165 -27.07 -28.95 23.54
CA TYR F 165 -26.03 -29.63 22.76
C TYR F 165 -24.77 -29.61 23.62
N PRO F 166 -24.56 -30.64 24.43
CA PRO F 166 -23.45 -30.63 25.38
C PRO F 166 -22.12 -30.69 24.67
N PRO F 167 -21.03 -30.33 25.35
CA PRO F 167 -19.70 -30.37 24.70
C PRO F 167 -19.39 -31.74 24.14
N CYS F 168 -18.70 -31.75 23.00
CA CYS F 168 -18.37 -32.98 22.30
C CYS F 168 -16.86 -33.08 22.17
N PRO F 169 -16.23 -34.14 22.68
CA PRO F 169 -14.77 -34.26 22.59
C PRO F 169 -14.24 -34.14 21.16
N LYS F 170 -14.96 -34.69 20.18
CA LYS F 170 -14.51 -34.74 18.80
C LYS F 170 -15.61 -34.21 17.88
N PRO F 171 -15.79 -32.89 17.80
CA PRO F 171 -16.90 -32.33 17.00
C PRO F 171 -16.81 -32.64 15.52
N GLU F 172 -15.62 -32.95 15.01
CA GLU F 172 -15.44 -33.30 13.61
C GLU F 172 -16.20 -34.57 13.23
N MET F 173 -16.52 -35.42 14.21
CA MET F 173 -17.12 -36.74 14.03
C MET F 173 -18.63 -36.77 14.06
N ILE F 174 -19.30 -35.81 14.69
CA ILE F 174 -20.74 -35.94 14.91
C ILE F 174 -21.37 -34.56 14.96
N LYS F 175 -22.60 -34.48 14.45
CA LYS F 175 -23.36 -33.23 14.49
C LYS F 175 -24.20 -33.18 15.75
N GLY F 176 -24.43 -31.95 16.22
CA GLY F 176 -25.44 -31.75 17.23
C GLY F 176 -26.82 -32.04 16.71
N LEU F 177 -27.07 -31.67 15.44
CA LEU F 177 -28.30 -31.99 14.73
C LEU F 177 -28.03 -31.92 13.23
N ARG F 178 -28.30 -33.01 12.52
CA ARG F 178 -27.96 -33.13 11.12
C ARG F 178 -28.81 -32.17 10.28
N ALA F 179 -28.31 -31.88 9.08
CA ALA F 179 -28.98 -30.93 8.20
C ALA F 179 -30.39 -31.42 7.85
N HIS F 180 -31.33 -30.48 7.89
CA HIS F 180 -32.73 -30.78 7.60
C HIS F 180 -33.42 -29.45 7.35
N THR F 181 -34.63 -29.52 6.80
CA THR F 181 -35.56 -28.41 6.81
C THR F 181 -36.68 -28.75 7.78
N ASP F 182 -37.32 -27.72 8.33
CA ASP F 182 -38.41 -27.93 9.25
C ASP F 182 -39.71 -28.17 8.51
N ALA F 183 -40.52 -29.09 9.05
CA ALA F 183 -41.73 -29.51 8.36
C ALA F 183 -42.82 -28.45 8.43
N GLY F 184 -42.79 -27.61 9.47
CA GLY F 184 -43.96 -26.86 9.91
C GLY F 184 -44.13 -25.47 9.33
N GLY F 185 -44.70 -24.58 10.15
CA GLY F 185 -45.06 -23.27 9.64
C GLY F 185 -43.99 -22.23 9.89
N ILE F 186 -43.98 -21.67 11.09
CA ILE F 186 -42.99 -20.67 11.48
C ILE F 186 -42.35 -21.13 12.79
N ILE F 187 -41.03 -20.99 12.87
CA ILE F 187 -40.27 -21.50 14.01
C ILE F 187 -39.66 -20.30 14.72
N LEU F 188 -39.83 -20.24 16.04
CA LEU F 188 -39.34 -19.11 16.83
C LEU F 188 -38.38 -19.67 17.86
N LEU F 189 -37.11 -19.33 17.71
CA LEU F 189 -36.02 -19.95 18.44
C LEU F 189 -35.41 -18.93 19.39
N PHE F 190 -35.39 -19.29 20.68
CA PHE F 190 -34.61 -18.60 21.71
C PHE F 190 -33.39 -19.47 21.97
N GLN F 191 -32.24 -19.04 21.47
CA GLN F 191 -31.02 -19.84 21.53
C GLN F 191 -30.00 -19.23 22.48
N ASP F 192 -29.04 -20.06 22.86
CA ASP F 192 -27.92 -19.62 23.67
C ASP F 192 -27.36 -18.33 23.10
N ASP F 193 -27.08 -17.37 23.99
CA ASP F 193 -26.51 -16.10 23.54
C ASP F 193 -24.97 -16.08 23.63
N LYS F 194 -24.33 -17.16 24.09
CA LYS F 194 -22.88 -17.25 24.09
C LYS F 194 -22.36 -18.32 23.14
N VAL F 195 -22.93 -19.52 23.21
CA VAL F 195 -22.42 -20.68 22.49
C VAL F 195 -23.09 -20.78 21.12
N SER F 196 -22.29 -20.69 20.06
CA SER F 196 -22.85 -20.82 18.73
C SER F 196 -22.96 -22.30 18.35
N GLY F 197 -23.50 -22.56 17.17
CA GLY F 197 -23.67 -23.92 16.72
C GLY F 197 -24.70 -24.08 15.62
N LEU F 198 -25.77 -23.29 15.64
CA LEU F 198 -26.76 -23.36 14.57
C LEU F 198 -26.27 -22.68 13.30
N GLN F 199 -26.36 -23.37 12.17
CA GLN F 199 -25.95 -22.83 10.88
C GLN F 199 -27.04 -23.06 9.85
N LEU F 200 -27.17 -22.15 8.91
CA LEU F 200 -28.06 -22.32 7.75
C LEU F 200 -27.21 -22.40 6.49
N LEU F 201 -27.78 -23.02 5.46
CA LEU F 201 -27.10 -23.16 4.19
C LEU F 201 -27.58 -22.06 3.24
N LYS F 202 -26.65 -21.22 2.79
CA LYS F 202 -27.00 -20.15 1.87
C LYS F 202 -25.93 -20.01 0.80
N ASP F 203 -26.36 -20.04 -0.46
CA ASP F 203 -25.47 -19.90 -1.61
C ASP F 203 -24.28 -20.85 -1.54
N GLY F 204 -24.53 -22.08 -1.07
CA GLY F 204 -23.47 -23.09 -1.03
C GLY F 204 -22.47 -22.97 0.10
N ASP F 205 -22.80 -22.23 1.16
CA ASP F 205 -21.94 -22.07 2.33
C ASP F 205 -22.76 -22.22 3.60
N TRP F 206 -22.14 -22.81 4.61
CA TRP F 206 -22.72 -22.83 5.95
C TRP F 206 -22.48 -21.49 6.64
N ILE F 207 -23.55 -20.84 7.08
CA ILE F 207 -23.46 -19.54 7.72
C ILE F 207 -23.99 -19.66 9.13
N ASP F 208 -23.22 -19.18 10.09
CA ASP F 208 -23.66 -19.23 11.48
C ASP F 208 -24.83 -18.29 11.72
N VAL F 209 -25.79 -18.76 12.50
CA VAL F 209 -26.87 -17.94 13.02
C VAL F 209 -26.36 -17.36 14.34
N PRO F 210 -25.92 -16.11 14.36
CA PRO F 210 -25.09 -15.60 15.46
C PRO F 210 -25.87 -15.49 16.76
N PRO F 211 -25.32 -15.98 17.86
CA PRO F 211 -25.95 -15.75 19.17
C PRO F 211 -26.14 -14.27 19.41
N LEU F 212 -27.33 -13.90 19.89
CA LEU F 212 -27.60 -12.48 20.17
C LEU F 212 -28.52 -12.40 21.37
N ASN F 213 -28.07 -11.71 22.42
CA ASN F 213 -28.81 -11.71 23.67
C ASN F 213 -30.22 -11.15 23.50
N HIS F 214 -31.16 -11.78 24.20
CA HIS F 214 -32.59 -11.45 24.17
C HIS F 214 -33.14 -11.28 22.75
N SER F 215 -32.64 -12.06 21.80
CA SER F 215 -33.21 -12.05 20.47
C SER F 215 -33.97 -13.35 20.24
N ILE F 216 -34.82 -13.36 19.21
CA ILE F 216 -35.52 -14.56 18.76
C ILE F 216 -35.07 -14.83 17.32
N VAL F 217 -34.73 -16.08 17.03
CA VAL F 217 -34.41 -16.47 15.66
C VAL F 217 -35.66 -17.04 15.02
N ILE F 218 -36.03 -16.49 13.86
CA ILE F 218 -37.20 -16.92 13.11
C ILE F 218 -36.73 -17.71 11.88
N ASN F 219 -37.40 -18.83 11.59
CA ASN F 219 -37.22 -19.44 10.27
C ASN F 219 -38.55 -20.03 9.81
N LEU F 220 -38.62 -20.25 8.49
CA LEU F 220 -39.84 -20.71 7.82
C LEU F 220 -39.73 -22.20 7.53
N GLY F 221 -40.84 -22.93 7.73
CA GLY F 221 -40.86 -24.36 7.50
C GLY F 221 -41.44 -24.71 6.12
N ASP F 222 -41.52 -26.02 5.86
CA ASP F 222 -41.95 -26.52 4.56
C ASP F 222 -43.37 -26.06 4.21
N GLN F 223 -44.25 -25.92 5.21
CA GLN F 223 -45.63 -25.57 4.92
C GLN F 223 -45.74 -24.18 4.31
N LEU F 224 -44.88 -23.25 4.75
CA LEU F 224 -44.91 -21.90 4.17
C LEU F 224 -44.32 -21.90 2.77
N GLU F 225 -43.38 -22.80 2.48
CA GLU F 225 -42.89 -22.92 1.10
C GLU F 225 -44.02 -23.34 0.17
N VAL F 226 -44.87 -24.28 0.61
CA VAL F 226 -46.04 -24.68 -0.18
C VAL F 226 -47.00 -23.50 -0.37
N ILE F 227 -47.38 -22.85 0.72
CA ILE F 227 -48.41 -21.82 0.65
C ILE F 227 -47.96 -20.65 -0.21
N THR F 228 -46.66 -20.31 -0.17
CA THR F 228 -46.17 -19.20 -0.97
C THR F 228 -45.79 -19.63 -2.40
N ASN F 229 -46.06 -20.88 -2.78
CA ASN F 229 -45.72 -21.36 -4.12
C ASN F 229 -44.23 -21.18 -4.41
N GLY F 230 -43.40 -21.46 -3.40
CA GLY F 230 -41.96 -21.39 -3.53
C GLY F 230 -41.34 -20.02 -3.35
N LYS F 231 -42.15 -18.98 -3.13
CA LYS F 231 -41.59 -17.63 -3.00
C LYS F 231 -40.72 -17.50 -1.74
N TYR F 232 -41.16 -18.12 -0.63
CA TYR F 232 -40.36 -18.25 0.58
C TYR F 232 -40.02 -19.72 0.76
N LYS F 233 -38.76 -20.08 0.61
CA LYS F 233 -38.38 -21.48 0.72
C LYS F 233 -37.91 -21.82 2.13
N SER F 234 -38.14 -23.07 2.50
CA SER F 234 -37.63 -23.65 3.74
C SER F 234 -36.16 -24.00 3.54
N VAL F 235 -35.31 -23.51 4.42
CA VAL F 235 -33.86 -23.56 4.22
C VAL F 235 -33.25 -24.62 5.11
N LEU F 236 -32.27 -25.35 4.55
CA LEU F 236 -31.53 -26.33 5.31
C LEU F 236 -30.71 -25.69 6.40
N HIS F 237 -30.67 -26.35 7.56
CA HIS F 237 -29.94 -25.84 8.71
C HIS F 237 -29.47 -27.03 9.54
N ARG F 238 -28.46 -26.79 10.38
CA ARG F 238 -27.91 -27.85 11.20
C ARG F 238 -27.39 -27.23 12.50
N VAL F 239 -27.05 -28.08 13.46
CA VAL F 239 -26.35 -27.66 14.67
C VAL F 239 -25.04 -28.42 14.72
N VAL F 240 -23.93 -27.69 14.79
CA VAL F 240 -22.61 -28.29 14.94
C VAL F 240 -22.24 -28.28 16.42
N THR F 241 -21.50 -29.30 16.85
CA THR F 241 -21.01 -29.34 18.20
C THR F 241 -19.71 -28.55 18.33
N GLN F 242 -19.28 -28.37 19.57
CA GLN F 242 -17.98 -27.82 19.88
C GLN F 242 -17.45 -28.53 21.12
N GLN F 243 -16.15 -28.36 21.37
CA GLN F 243 -15.48 -29.13 22.41
C GLN F 243 -15.76 -28.62 23.83
N GLU F 244 -15.98 -27.32 24.02
CA GLU F 244 -16.28 -26.81 25.35
C GLU F 244 -17.34 -25.72 25.24
N GLY F 245 -18.54 -26.03 25.70
CA GLY F 245 -19.70 -25.16 25.56
C GLY F 245 -20.93 -26.00 25.31
N ASN F 246 -22.01 -25.71 26.01
CA ASN F 246 -23.26 -26.44 25.91
C ASN F 246 -24.29 -25.44 25.40
N ARG F 247 -24.65 -25.54 24.12
CA ARG F 247 -25.59 -24.57 23.56
C ARG F 247 -27.02 -24.95 23.92
N MET F 248 -27.74 -24.03 24.54
CA MET F 248 -29.16 -24.26 24.81
C MET F 248 -29.99 -23.82 23.62
N SER F 249 -31.15 -24.48 23.43
CA SER F 249 -32.07 -24.19 22.33
C SER F 249 -33.50 -24.37 22.84
N VAL F 250 -34.30 -23.32 22.82
CA VAL F 250 -35.71 -23.40 23.18
C VAL F 250 -36.47 -22.94 21.94
N ALA F 251 -36.97 -23.91 21.17
CA ALA F 251 -37.47 -23.65 19.82
C ALA F 251 -38.95 -24.01 19.77
N SER F 252 -39.78 -23.03 19.43
CA SER F 252 -41.23 -23.20 19.42
C SER F 252 -41.71 -23.25 17.97
N PHE F 253 -42.59 -24.20 17.67
CA PHE F 253 -43.01 -24.52 16.31
C PHE F 253 -44.49 -24.19 16.16
N TYR F 254 -44.81 -23.18 15.36
CA TYR F 254 -46.19 -22.81 15.10
C TYR F 254 -46.58 -23.47 13.77
N ASN F 255 -47.35 -24.54 13.87
CA ASN F 255 -47.66 -25.44 12.76
C ASN F 255 -49.17 -25.46 12.48
N PRO F 256 -49.60 -25.79 11.26
CA PRO F 256 -51.04 -25.95 11.01
C PRO F 256 -51.63 -27.04 11.88
N GLY F 257 -52.93 -26.96 12.08
CA GLY F 257 -53.64 -28.06 12.69
C GLY F 257 -53.51 -29.34 11.88
N SER F 258 -53.68 -30.47 12.55
CA SER F 258 -53.40 -31.77 11.93
C SER F 258 -54.24 -31.99 10.68
N ASP F 259 -55.48 -31.51 10.67
CA ASP F 259 -56.35 -31.72 9.53
C ASP F 259 -56.47 -30.47 8.66
N ALA F 260 -55.53 -29.54 8.81
CA ALA F 260 -55.52 -28.36 7.95
C ALA F 260 -55.22 -28.73 6.50
N GLU F 261 -55.92 -28.07 5.58
CA GLU F 261 -55.66 -28.23 4.16
C GLU F 261 -54.64 -27.20 3.71
N ILE F 262 -53.50 -27.69 3.23
CA ILE F 262 -52.37 -26.85 2.82
C ILE F 262 -52.26 -26.88 1.30
N SER F 263 -52.23 -25.71 0.69
CA SER F 263 -52.11 -25.62 -0.77
C SER F 263 -51.50 -24.26 -1.10
N PRO F 264 -50.91 -24.12 -2.29
CA PRO F 264 -50.42 -22.80 -2.70
C PRO F 264 -51.56 -21.81 -2.80
N ALA F 265 -51.41 -20.67 -2.13
CA ALA F 265 -52.41 -19.63 -2.20
C ALA F 265 -52.60 -19.21 -3.66
N THR F 266 -53.85 -19.18 -4.11
CA THR F 266 -54.12 -19.04 -5.54
C THR F 266 -53.63 -17.70 -6.07
N SER F 267 -53.60 -16.67 -5.22
CA SER F 267 -53.11 -15.37 -5.69
C SER F 267 -51.60 -15.35 -5.89
N LEU F 268 -50.87 -16.37 -5.43
CA LEU F 268 -49.44 -16.49 -5.65
C LEU F 268 -49.11 -17.47 -6.76
N VAL F 269 -50.13 -17.96 -7.48
CA VAL F 269 -49.96 -18.97 -8.52
C VAL F 269 -50.36 -18.35 -9.84
N GLU F 270 -49.42 -18.29 -10.78
CA GLU F 270 -49.75 -17.95 -12.16
C GLU F 270 -49.68 -19.21 -13.00
N LYS F 271 -48.47 -19.58 -13.42
CA LYS F 271 -48.25 -20.92 -13.93
C LYS F 271 -48.71 -21.94 -12.89
N ASP F 272 -49.32 -23.02 -13.36
CA ASP F 272 -49.72 -24.10 -12.48
C ASP F 272 -48.59 -24.46 -11.52
N SER F 273 -48.94 -24.61 -10.24
CA SER F 273 -47.92 -24.81 -9.23
C SER F 273 -47.27 -26.18 -9.35
N GLU F 274 -45.97 -26.22 -9.01
CA GLU F 274 -45.23 -27.46 -8.84
C GLU F 274 -45.44 -28.07 -7.46
N TYR F 275 -46.07 -27.33 -6.52
CA TYR F 275 -46.26 -27.76 -5.15
C TYR F 275 -47.61 -28.45 -4.98
N PRO F 276 -47.68 -29.43 -4.08
CA PRO F 276 -48.90 -30.20 -3.89
C PRO F 276 -49.92 -29.48 -3.00
N SER F 277 -51.14 -30.01 -3.01
CA SER F 277 -52.19 -29.68 -2.05
C SER F 277 -52.47 -30.94 -1.25
N PHE F 278 -52.46 -30.83 0.08
CA PHE F 278 -52.51 -32.01 0.92
C PHE F 278 -53.05 -31.60 2.29
N VAL F 279 -53.22 -32.59 3.17
CA VAL F 279 -53.59 -32.36 4.56
C VAL F 279 -52.32 -32.49 5.40
N PHE F 280 -52.16 -31.54 6.35
CA PHE F 280 -50.88 -31.38 7.03
C PHE F 280 -50.45 -32.66 7.75
N ASP F 281 -51.38 -33.38 8.37
CA ASP F 281 -50.97 -34.55 9.14
C ASP F 281 -50.41 -35.65 8.24
N ASP F 282 -50.82 -35.71 6.97
CA ASP F 282 -50.21 -36.67 6.05
C ASP F 282 -48.77 -36.27 5.75
N TYR F 283 -48.50 -34.98 5.61
CA TYR F 283 -47.13 -34.52 5.46
C TYR F 283 -46.30 -34.88 6.70
N MET F 284 -46.87 -34.69 7.90
CA MET F 284 -46.09 -34.92 9.10
C MET F 284 -45.83 -36.40 9.35
N LYS F 285 -46.80 -37.25 9.06
CA LYS F 285 -46.55 -38.68 9.24
C LYS F 285 -45.40 -39.15 8.34
N LEU F 286 -45.30 -38.58 7.14
CA LEU F 286 -44.21 -38.96 6.24
C LEU F 286 -42.89 -38.37 6.73
N TYR F 287 -42.92 -37.08 7.09
CA TYR F 287 -41.72 -36.35 7.49
C TYR F 287 -40.97 -37.04 8.62
N ALA F 288 -41.70 -37.60 9.59
CA ALA F 288 -41.07 -38.20 10.76
C ALA F 288 -40.03 -39.24 10.38
N GLY F 289 -40.27 -39.99 9.31
CA GLY F 289 -39.34 -41.02 8.89
C GLY F 289 -38.21 -40.57 7.98
N VAL F 290 -38.35 -39.41 7.33
CA VAL F 290 -37.38 -39.02 6.30
C VAL F 290 -36.83 -37.61 6.55
N LYS F 291 -36.79 -37.20 7.82
CA LYS F 291 -36.48 -35.82 8.16
C LYS F 291 -35.08 -35.39 7.71
N PHE F 292 -34.12 -36.31 7.74
CA PHE F 292 -32.75 -35.97 7.36
C PHE F 292 -32.40 -36.38 5.95
N GLN F 293 -33.40 -36.81 5.17
CA GLN F 293 -33.29 -37.02 3.73
C GLN F 293 -33.73 -35.77 2.98
N PRO F 294 -33.51 -35.71 1.65
CA PRO F 294 -33.83 -34.47 0.92
C PRO F 294 -35.29 -34.06 1.08
N LYS F 295 -35.51 -32.74 1.00
CA LYS F 295 -36.84 -32.19 1.16
C LYS F 295 -37.72 -32.43 -0.07
N GLU F 296 -37.15 -32.26 -1.25
CA GLU F 296 -37.95 -32.25 -2.47
C GLU F 296 -38.79 -33.52 -2.69
N PRO F 297 -38.31 -34.73 -2.35
CA PRO F 297 -39.21 -35.90 -2.48
C PRO F 297 -40.45 -35.83 -1.61
N ARG F 298 -40.43 -35.07 -0.50
CA ARG F 298 -41.62 -35.00 0.36
C ARG F 298 -42.75 -34.24 -0.31
N PHE F 299 -42.43 -33.18 -1.06
CA PHE F 299 -43.46 -32.49 -1.84
C PHE F 299 -44.05 -33.40 -2.92
N ALA F 300 -43.19 -34.13 -3.64
CA ALA F 300 -43.68 -35.02 -4.69
C ALA F 300 -44.57 -36.13 -4.12
N ALA F 301 -44.25 -36.62 -2.92
CA ALA F 301 -45.02 -37.69 -2.31
C ALA F 301 -46.44 -37.28 -1.93
N MET F 302 -46.73 -35.99 -1.86
CA MET F 302 -48.06 -35.54 -1.49
C MET F 302 -49.01 -35.45 -2.68
N LYS F 303 -48.54 -35.76 -3.87
CA LYS F 303 -49.40 -35.80 -5.05
C LYS F 303 -49.90 -37.23 -5.27
N LYS G 6 21.27 33.59 -23.61
CA LYS G 6 21.66 32.50 -24.51
C LYS G 6 23.13 32.16 -24.27
N PHE G 7 23.37 30.90 -23.90
CA PHE G 7 24.70 30.53 -23.43
C PHE G 7 25.72 30.57 -24.58
N PRO G 8 26.87 31.21 -24.39
CA PRO G 8 27.82 31.38 -25.52
C PRO G 8 28.42 30.06 -25.98
N VAL G 9 28.28 29.79 -27.28
CA VAL G 9 28.92 28.67 -27.94
C VAL G 9 29.81 29.24 -29.04
N VAL G 10 31.10 28.99 -28.93
CA VAL G 10 32.10 29.55 -29.83
C VAL G 10 32.52 28.44 -30.78
N ASP G 11 32.41 28.70 -32.07
CA ASP G 11 32.81 27.75 -33.11
C ASP G 11 34.23 28.11 -33.52
N LEU G 12 35.18 27.29 -33.10
CA LEU G 12 36.59 27.60 -33.38
C LEU G 12 36.93 27.46 -34.85
N SER G 13 36.10 26.78 -35.63
CA SER G 13 36.32 26.73 -37.08
C SER G 13 36.08 28.09 -37.73
N LYS G 14 35.39 29.00 -37.06
CA LYS G 14 35.12 30.33 -37.59
C LYS G 14 36.25 31.33 -37.36
N LEU G 15 37.42 30.88 -36.92
CA LEU G 15 38.61 31.72 -36.84
C LEU G 15 39.39 31.77 -38.14
N ASN G 16 38.99 30.99 -39.14
CA ASN G 16 39.84 30.66 -40.30
C ASN G 16 39.91 31.47 -41.61
N GLY G 17 39.49 32.74 -41.72
CA GLY G 17 38.78 33.54 -40.74
C GLY G 17 38.05 34.70 -41.40
N GLU G 18 36.78 34.49 -41.78
CA GLU G 18 35.91 35.57 -42.21
C GLU G 18 35.17 36.15 -41.00
N GLU G 19 34.38 35.31 -40.35
CA GLU G 19 33.73 35.68 -39.10
C GLU G 19 34.74 35.68 -37.97
N ARG G 20 36.04 35.81 -38.29
CA ARG G 20 37.04 35.69 -37.24
C ARG G 20 36.92 36.85 -36.26
N ASP G 21 36.63 38.06 -36.76
CA ASP G 21 36.39 39.20 -35.85
C ASP G 21 35.17 38.94 -34.99
N GLN G 22 34.12 38.41 -35.61
CA GLN G 22 32.88 38.13 -34.86
C GLN G 22 33.11 37.06 -33.81
N THR G 23 33.85 36.01 -34.16
CA THR G 23 34.19 34.96 -33.20
C THR G 23 35.02 35.53 -32.05
N MET G 24 36.04 36.35 -32.37
CA MET G 24 36.85 36.96 -31.32
C MET G 24 36.01 37.89 -30.44
N ALA G 25 35.12 38.67 -31.05
CA ALA G 25 34.24 39.55 -30.26
C ALA G 25 33.34 38.73 -29.34
N LEU G 26 32.85 37.58 -29.84
CA LEU G 26 32.03 36.70 -29.02
C LEU G 26 32.85 36.10 -27.87
N ILE G 27 34.09 35.68 -28.15
CA ILE G 27 34.96 35.20 -27.09
C ILE G 27 35.14 36.28 -26.03
N ASN G 28 35.37 37.52 -26.47
CA ASN G 28 35.60 38.60 -25.52
C ASN G 28 34.38 38.85 -24.66
N GLU G 29 33.19 38.80 -25.28
CA GLU G 29 31.96 39.09 -24.55
C GLU G 29 31.65 38.01 -23.52
N ALA G 30 31.89 36.74 -23.84
CA ALA G 30 31.75 35.69 -22.84
C ALA G 30 32.76 35.86 -21.70
N CYS G 31 34.01 36.25 -22.03
CA CYS G 31 35.02 36.42 -20.99
C CYS G 31 34.66 37.54 -20.02
N GLU G 32 34.08 38.64 -20.53
CA GLU G 32 33.73 39.77 -19.70
C GLU G 32 32.45 39.52 -18.91
N ASN G 33 31.45 38.89 -19.52
CA ASN G 33 30.10 38.88 -18.97
C ASN G 33 29.60 37.52 -18.53
N TRP G 34 30.22 36.43 -19.01
CA TRP G 34 29.81 35.10 -18.59
C TRP G 34 30.86 34.39 -17.75
N GLY G 35 32.14 34.57 -18.05
CA GLY G 35 33.19 33.79 -17.41
C GLY G 35 33.26 32.36 -17.87
N PHE G 36 32.34 31.93 -18.73
CA PHE G 36 32.24 30.59 -19.27
C PHE G 36 31.89 30.70 -20.74
N PHE G 37 32.36 29.74 -21.52
CA PHE G 37 31.80 29.55 -22.86
C PHE G 37 32.14 28.14 -23.32
N GLU G 38 31.31 27.61 -24.21
CA GLU G 38 31.54 26.32 -24.84
C GLU G 38 32.21 26.54 -26.19
N ILE G 39 33.11 25.62 -26.56
CA ILE G 39 33.76 25.63 -27.86
C ILE G 39 33.42 24.35 -28.61
N VAL G 40 33.15 24.50 -29.91
CA VAL G 40 32.98 23.38 -30.82
C VAL G 40 34.02 23.51 -31.93
N ASN G 41 34.25 22.40 -32.64
CA ASN G 41 35.24 22.34 -33.70
C ASN G 41 36.61 22.77 -33.19
N HIS G 42 36.99 22.22 -32.05
CA HIS G 42 38.18 22.57 -31.28
C HIS G 42 39.41 21.75 -31.66
N GLY G 43 39.29 20.78 -32.55
CA GLY G 43 40.40 19.97 -32.96
C GLY G 43 40.64 18.71 -32.15
N LEU G 44 39.87 18.47 -31.09
CA LEU G 44 40.11 17.23 -30.35
C LEU G 44 39.35 16.09 -31.01
N PRO G 45 40.01 14.97 -31.30
CA PRO G 45 39.34 13.90 -32.06
C PRO G 45 38.13 13.37 -31.29
N HIS G 46 36.99 13.29 -31.99
CA HIS G 46 35.76 12.84 -31.32
C HIS G 46 35.87 11.40 -30.85
N ASP G 47 36.67 10.58 -31.53
CA ASP G 47 36.85 9.21 -31.06
C ASP G 47 37.70 9.15 -29.80
N LEU G 48 38.62 10.11 -29.61
CA LEU G 48 39.36 10.13 -28.35
C LEU G 48 38.45 10.59 -27.22
N MET G 49 37.62 11.61 -27.47
CA MET G 49 36.63 12.00 -26.47
C MET G 49 35.70 10.84 -26.11
N ASP G 50 35.26 10.07 -27.11
CA ASP G 50 34.37 8.96 -26.81
C ASP G 50 35.06 7.88 -25.97
N LYS G 51 36.32 7.58 -26.26
CA LYS G 51 37.07 6.65 -25.42
C LYS G 51 37.25 7.19 -24.00
N ILE G 52 37.61 8.47 -23.85
CA ILE G 52 37.77 9.03 -22.52
C ILE G 52 36.48 8.93 -21.73
N GLU G 53 35.37 9.31 -22.36
CA GLU G 53 34.06 9.27 -21.69
C GLU G 53 33.71 7.84 -21.28
N LYS G 54 33.86 6.90 -22.22
CA LYS G 54 33.56 5.49 -21.97
C LYS G 54 34.40 4.92 -20.83
N MET G 55 35.73 5.06 -20.91
CA MET G 55 36.58 4.52 -19.85
C MET G 55 36.40 5.25 -18.51
N THR G 56 36.10 6.54 -18.53
CA THR G 56 35.79 7.23 -17.27
C THR G 56 34.54 6.64 -16.62
N LYS G 57 33.47 6.46 -17.41
CA LYS G 57 32.24 5.90 -16.84
C LYS G 57 32.43 4.47 -16.39
N ASP G 58 33.20 3.67 -17.12
CA ASP G 58 33.40 2.29 -16.68
C ASP G 58 34.31 2.22 -15.48
N HIS G 59 35.27 3.14 -15.37
CA HIS G 59 36.16 3.15 -14.20
C HIS G 59 35.41 3.55 -12.95
N TYR G 60 34.41 4.43 -13.05
CA TYR G 60 33.56 4.71 -11.89
C TYR G 60 32.89 3.44 -11.37
N LYS G 61 32.20 2.72 -12.26
CA LYS G 61 31.47 1.53 -11.82
C LYS G 61 32.40 0.49 -11.21
N THR G 62 33.59 0.32 -11.78
CA THR G 62 34.51 -0.72 -11.31
C THR G 62 35.18 -0.34 -9.99
N CYS G 63 35.56 0.93 -9.82
CA CYS G 63 36.45 1.33 -8.76
C CYS G 63 35.90 2.36 -7.79
N GLN G 64 35.04 3.27 -8.25
CA GLN G 64 34.62 4.35 -7.36
C GLN G 64 33.23 4.15 -6.78
N GLU G 65 32.35 3.39 -7.45
CA GLU G 65 30.95 3.37 -7.02
C GLU G 65 30.78 2.75 -5.64
N GLN G 66 31.54 1.69 -5.32
CA GLN G 66 31.42 1.12 -3.99
C GLN G 66 32.18 1.97 -2.96
N LYS G 67 33.36 2.48 -3.33
CA LYS G 67 34.03 3.46 -2.48
C LYS G 67 33.09 4.60 -2.15
N PHE G 68 32.30 5.04 -3.14
CA PHE G 68 31.36 6.12 -2.90
C PHE G 68 30.28 5.71 -1.90
N ASN G 69 29.70 4.53 -2.08
CA ASN G 69 28.68 4.08 -1.15
C ASN G 69 29.25 3.85 0.24
N ASP G 70 30.52 3.43 0.32
CA ASP G 70 31.19 3.29 1.63
C ASP G 70 31.42 4.65 2.28
N MET G 71 31.71 5.69 1.48
CA MET G 71 31.89 7.02 2.05
C MET G 71 30.58 7.57 2.59
N LEU G 72 29.48 7.36 1.87
CA LEU G 72 28.18 7.85 2.30
C LEU G 72 27.82 7.32 3.68
N LYS G 73 27.93 6.01 3.87
CA LYS G 73 27.65 5.43 5.17
C LYS G 73 28.70 5.83 6.20
N SER G 74 29.93 6.11 5.75
CA SER G 74 30.96 6.60 6.66
C SER G 74 30.61 7.97 7.20
N LYS G 75 29.93 8.80 6.42
CA LYS G 75 29.61 10.18 6.80
C LYS G 75 28.12 10.39 7.07
N GLY G 76 27.29 9.36 7.01
CA GLY G 76 25.90 9.49 7.39
C GLY G 76 25.01 10.10 6.35
N LEU G 77 25.47 10.26 5.10
CA LEU G 77 24.64 10.80 4.05
C LEU G 77 23.68 9.78 3.46
N ASP G 78 23.63 8.56 4.01
CA ASP G 78 22.56 7.64 3.65
C ASP G 78 21.20 8.25 3.96
N ASN G 79 21.09 8.88 5.13
CA ASN G 79 19.88 9.58 5.54
C ASN G 79 20.09 11.08 5.32
N LEU G 80 19.36 11.63 4.35
CA LEU G 80 19.40 13.06 4.03
C LEU G 80 18.17 13.76 4.58
N GLU G 81 17.91 13.57 5.87
CA GLU G 81 16.71 14.15 6.47
C GLU G 81 16.83 15.65 6.70
N THR G 82 18.02 16.21 6.55
CA THR G 82 18.18 17.66 6.65
C THR G 82 19.35 18.11 5.78
N GLU G 83 19.44 19.43 5.60
CA GLU G 83 20.37 20.02 4.65
C GLU G 83 21.82 19.78 5.04
N VAL G 84 22.61 19.39 4.06
CA VAL G 84 24.05 19.18 4.19
C VAL G 84 24.73 20.27 3.39
N GLU G 85 25.38 21.21 4.08
CA GLU G 85 26.02 22.36 3.43
C GLU G 85 27.53 22.29 3.46
N ASP G 86 28.11 21.21 3.97
CA ASP G 86 29.54 21.12 4.19
C ASP G 86 30.16 19.91 3.51
N VAL G 87 29.41 19.20 2.67
CA VAL G 87 29.90 18.04 1.93
C VAL G 87 29.42 18.15 0.49
N ASP G 88 30.24 17.64 -0.42
CA ASP G 88 29.90 17.54 -1.84
C ASP G 88 29.53 16.09 -2.16
N TRP G 89 28.43 15.93 -2.89
CA TRP G 89 27.96 14.62 -3.35
C TRP G 89 28.74 14.29 -4.62
N GLU G 90 29.96 13.79 -4.42
CA GLU G 90 30.94 13.79 -5.50
C GLU G 90 31.91 12.64 -5.31
N SER G 91 32.28 12.02 -6.43
CA SER G 91 33.33 11.02 -6.49
C SER G 91 34.41 11.55 -7.43
N THR G 92 35.64 11.64 -6.94
CA THR G 92 36.65 12.31 -7.73
C THR G 92 38.02 11.66 -7.50
N PHE G 93 38.87 11.75 -8.51
CA PHE G 93 40.31 11.60 -8.34
C PHE G 93 41.02 12.62 -9.22
N TYR G 94 42.28 12.89 -8.90
CA TYR G 94 43.04 13.92 -9.59
C TYR G 94 44.26 13.33 -10.28
N VAL G 95 44.51 13.79 -11.50
CA VAL G 95 45.64 13.39 -12.31
C VAL G 95 46.50 14.61 -12.57
N ARG G 96 47.77 14.56 -12.16
CA ARG G 96 48.72 15.64 -12.45
C ARG G 96 49.48 15.30 -13.71
N HIS G 97 49.49 16.23 -14.67
CA HIS G 97 50.31 16.09 -15.88
C HIS G 97 51.62 16.86 -15.79
N LEU G 98 51.57 18.13 -15.37
CA LEU G 98 52.74 19.01 -15.31
C LEU G 98 52.79 19.73 -13.95
N PRO G 99 54.00 20.02 -13.44
CA PRO G 99 55.26 19.78 -14.13
C PRO G 99 55.67 18.35 -14.07
N GLN G 100 55.08 17.59 -13.15
CA GLN G 100 55.53 16.21 -12.96
C GLN G 100 54.31 15.32 -12.87
N SER G 101 54.27 14.31 -13.71
CA SER G 101 53.10 13.49 -13.88
C SER G 101 53.00 12.45 -12.79
N ASN G 102 51.80 12.28 -12.25
CA ASN G 102 51.50 11.16 -11.37
C ASN G 102 50.55 10.17 -12.04
N LEU G 103 50.41 10.24 -13.38
CA LEU G 103 49.50 9.37 -14.10
C LEU G 103 49.81 7.91 -13.82
N ASN G 104 51.10 7.57 -13.71
CA ASN G 104 51.55 6.20 -13.45
C ASN G 104 51.44 5.77 -11.99
N ASP G 105 50.78 6.54 -11.12
CA ASP G 105 50.65 6.11 -9.73
C ASP G 105 49.21 5.86 -9.31
N ILE G 106 48.23 6.23 -10.13
CA ILE G 106 46.85 5.82 -9.88
C ILE G 106 46.74 4.35 -10.25
N SER G 107 46.56 3.50 -9.25
CA SER G 107 46.77 2.08 -9.50
C SER G 107 45.57 1.38 -10.18
N ASP G 108 44.33 1.85 -10.00
CA ASP G 108 43.21 1.03 -10.48
C ASP G 108 42.80 1.39 -11.91
N VAL G 109 43.65 2.10 -12.66
CA VAL G 109 43.35 2.47 -14.04
C VAL G 109 44.14 1.58 -14.99
N SER G 110 43.51 1.28 -16.12
CA SER G 110 44.12 0.41 -17.12
C SER G 110 45.17 1.16 -17.95
N ASP G 111 46.06 0.38 -18.57
CA ASP G 111 47.06 0.95 -19.46
C ASP G 111 46.42 1.70 -20.63
N GLU G 112 45.28 1.21 -21.12
CA GLU G 112 44.54 1.90 -22.18
C GLU G 112 43.97 3.23 -21.69
N TYR G 113 43.40 3.25 -20.48
CA TYR G 113 42.90 4.51 -19.93
C TYR G 113 44.05 5.47 -19.70
N ARG G 114 45.17 4.96 -19.19
CA ARG G 114 46.33 5.79 -18.91
C ARG G 114 46.91 6.38 -20.19
N THR G 115 47.00 5.55 -21.25
CA THR G 115 47.53 6.04 -22.52
C THR G 115 46.58 7.06 -23.15
N ALA G 116 45.27 6.81 -23.07
CA ALA G 116 44.32 7.78 -23.60
C ALA G 116 44.34 9.10 -22.83
N MET G 117 44.45 9.04 -21.49
CA MET G 117 44.47 10.29 -20.72
C MET G 117 45.70 11.11 -21.04
N LYS G 118 46.83 10.44 -21.27
CA LYS G 118 48.05 11.15 -21.64
C LYS G 118 47.87 11.86 -22.98
N ASP G 119 47.25 11.17 -23.96
CA ASP G 119 47.04 11.79 -25.27
C ASP G 119 46.03 12.93 -25.17
N PHE G 120 44.94 12.69 -24.43
CA PHE G 120 43.94 13.73 -24.20
C PHE G 120 44.52 14.93 -23.48
N GLY G 121 45.32 14.69 -22.44
CA GLY G 121 45.89 15.80 -21.70
C GLY G 121 46.83 16.66 -22.53
N LYS G 122 47.64 16.03 -23.38
CA LYS G 122 48.54 16.80 -24.23
C LYS G 122 47.76 17.65 -25.24
N ARG G 123 46.70 17.09 -25.83
CA ARG G 123 45.89 17.87 -26.77
C ARG G 123 45.17 19.02 -26.07
N LEU G 124 44.69 18.80 -24.85
CA LEU G 124 44.04 19.89 -24.10
C LEU G 124 45.03 20.94 -23.66
N GLU G 125 46.26 20.55 -23.37
CA GLU G 125 47.27 21.55 -23.01
C GLU G 125 47.55 22.46 -24.20
N ASN G 126 47.65 21.88 -25.40
CA ASN G 126 47.83 22.70 -26.60
C ASN G 126 46.62 23.57 -26.87
N LEU G 127 45.42 23.06 -26.62
CA LEU G 127 44.23 23.88 -26.83
C LEU G 127 44.17 24.99 -25.78
N ALA G 128 44.59 24.70 -24.54
CA ALA G 128 44.63 25.75 -23.52
C ALA G 128 45.52 26.90 -23.94
N GLU G 129 46.70 26.59 -24.49
CA GLU G 129 47.61 27.66 -24.88
C GLU G 129 47.10 28.43 -26.09
N ASP G 130 46.43 27.74 -27.03
CA ASP G 130 45.80 28.44 -28.14
C ASP G 130 44.71 29.37 -27.64
N LEU G 131 43.92 28.90 -26.66
CA LEU G 131 42.89 29.76 -26.09
C LEU G 131 43.49 30.97 -25.36
N LEU G 132 44.58 30.76 -24.62
CA LEU G 132 45.24 31.89 -23.94
C LEU G 132 45.73 32.94 -24.93
N ASP G 133 46.17 32.52 -26.12
CA ASP G 133 46.59 33.49 -27.14
C ASP G 133 45.41 34.26 -27.72
N LEU G 134 44.23 33.66 -27.81
CA LEU G 134 43.07 34.45 -28.22
C LEU G 134 42.70 35.48 -27.16
N LEU G 135 42.73 35.10 -25.88
CA LEU G 135 42.53 36.10 -24.84
C LEU G 135 43.56 37.23 -24.95
N CYS G 136 44.83 36.89 -25.17
CA CYS G 136 45.86 37.92 -25.32
C CYS G 136 45.48 38.92 -26.41
N GLU G 137 45.06 38.43 -27.57
CA GLU G 137 44.69 39.30 -28.67
C GLU G 137 43.50 40.19 -28.29
N ASN G 138 42.47 39.60 -27.66
CA ASN G 138 41.30 40.39 -27.27
C ASN G 138 41.66 41.45 -26.24
N LEU G 139 42.62 41.16 -25.35
CA LEU G 139 43.04 42.11 -24.32
C LEU G 139 44.07 43.13 -24.81
N GLY G 140 44.58 42.99 -26.02
CA GLY G 140 45.63 43.87 -26.48
C GLY G 140 46.99 43.57 -25.91
N LEU G 141 47.19 42.38 -25.35
CA LEU G 141 48.48 41.92 -24.87
C LEU G 141 49.28 41.24 -25.98
N GLU G 142 50.59 41.21 -25.80
CA GLU G 142 51.46 40.59 -26.78
C GLU G 142 51.24 39.08 -26.83
N LYS G 143 51.43 38.51 -28.02
CA LYS G 143 51.25 37.07 -28.19
C LYS G 143 52.17 36.29 -27.24
N GLY G 144 51.62 35.26 -26.61
CA GLY G 144 52.37 34.48 -25.66
C GLY G 144 52.49 35.10 -24.29
N TYR G 145 51.89 36.27 -24.07
CA TYR G 145 52.04 36.96 -22.78
C TYR G 145 51.55 36.10 -21.63
N LEU G 146 50.35 35.53 -21.75
CA LEU G 146 49.80 34.75 -20.63
C LEU G 146 50.56 33.45 -20.43
N LYS G 147 50.97 32.80 -21.52
CA LYS G 147 51.76 31.59 -21.36
C LYS G 147 53.07 31.88 -20.62
N LYS G 148 53.69 33.04 -20.92
CA LYS G 148 54.97 33.38 -20.31
C LYS G 148 54.81 33.71 -18.83
N VAL G 149 53.76 34.47 -18.48
CA VAL G 149 53.44 34.73 -17.08
C VAL G 149 53.20 33.43 -16.32
N PHE G 150 52.51 32.47 -16.93
CA PHE G 150 52.18 31.21 -16.26
C PHE G 150 53.38 30.29 -16.08
N HIS G 151 54.50 30.56 -16.75
CA HIS G 151 55.54 29.55 -16.81
C HIS G 151 56.28 29.39 -15.48
N GLY G 152 56.58 30.49 -14.78
CA GLY G 152 57.39 30.25 -13.60
C GLY G 152 58.77 29.70 -13.97
N THR G 153 59.32 28.83 -13.12
CA THR G 153 60.58 28.16 -13.45
C THR G 153 60.42 26.78 -14.08
N LYS G 154 59.46 25.93 -13.64
CA LYS G 154 59.28 24.57 -14.17
C LYS G 154 58.18 24.48 -15.23
N GLY G 155 57.60 25.60 -15.65
CA GLY G 155 56.47 25.54 -16.56
C GLY G 155 55.11 25.59 -15.86
N PRO G 156 54.02 25.63 -16.62
CA PRO G 156 52.68 25.70 -16.01
C PRO G 156 52.37 24.48 -15.14
N THR G 157 51.41 24.63 -14.25
CA THR G 157 50.82 23.47 -13.57
C THR G 157 49.59 23.04 -14.35
N PHE G 158 49.50 21.75 -14.67
CA PHE G 158 48.41 21.22 -15.50
C PHE G 158 47.98 19.88 -14.93
N GLY G 159 46.70 19.77 -14.59
CA GLY G 159 46.17 18.54 -14.04
C GLY G 159 44.73 18.35 -14.45
N THR G 160 44.21 17.16 -14.21
CA THR G 160 42.84 16.83 -14.59
C THR G 160 42.09 16.23 -13.41
N LYS G 161 40.95 16.81 -13.11
CA LYS G 161 40.04 16.29 -12.10
C LYS G 161 38.96 15.45 -12.77
N VAL G 162 38.94 14.17 -12.44
CA VAL G 162 37.99 13.22 -13.03
C VAL G 162 36.91 12.99 -11.98
N SER G 163 35.71 13.50 -12.22
CA SER G 163 34.64 13.40 -11.25
C SER G 163 33.40 12.77 -11.86
N ASN G 164 32.64 12.14 -10.97
CA ASN G 164 31.30 11.68 -11.26
C ASN G 164 30.41 12.17 -10.13
N TYR G 165 29.20 12.57 -10.48
CA TYR G 165 28.19 13.01 -9.51
C TYR G 165 27.06 12.00 -9.59
N PRO G 166 27.09 10.96 -8.75
CA PRO G 166 26.10 9.89 -8.85
C PRO G 166 24.71 10.38 -8.48
N PRO G 167 23.68 9.62 -8.85
CA PRO G 167 22.31 10.02 -8.50
C PRO G 167 22.14 10.22 -7.01
N CYS G 168 21.30 11.18 -6.64
CA CYS G 168 21.07 11.53 -5.25
C CYS G 168 19.57 11.42 -4.96
N PRO G 169 19.14 10.58 -4.01
CA PRO G 169 17.70 10.45 -3.72
C PRO G 169 17.01 11.76 -3.36
N LYS G 170 17.67 12.67 -2.65
CA LYS G 170 17.10 13.98 -2.30
C LYS G 170 18.05 15.09 -2.70
N PRO G 171 18.05 15.48 -3.98
CA PRO G 171 19.00 16.50 -4.45
C PRO G 171 18.83 17.85 -3.78
N GLU G 172 17.67 18.14 -3.18
CA GLU G 172 17.49 19.45 -2.55
C GLU G 172 18.19 19.55 -1.20
N MET G 173 18.81 18.47 -0.72
CA MET G 173 19.54 18.46 0.54
C MET G 173 21.05 18.63 0.38
N ILE G 174 21.64 18.32 -0.77
CA ILE G 174 23.09 18.30 -0.87
C ILE G 174 23.48 18.65 -2.30
N LYS G 175 24.59 19.37 -2.44
CA LYS G 175 25.09 19.74 -3.74
C LYS G 175 26.09 18.69 -4.22
N GLY G 176 26.17 18.53 -5.54
CA GLY G 176 27.26 17.75 -6.10
C GLY G 176 28.59 18.43 -5.85
N LEU G 177 28.62 19.75 -5.97
CA LEU G 177 29.80 20.53 -5.63
C LEU G 177 29.33 21.96 -5.34
N ARG G 178 29.69 22.45 -4.17
CA ARG G 178 29.22 23.74 -3.70
C ARG G 178 29.78 24.88 -4.53
N ALA G 179 29.09 26.02 -4.48
CA ALA G 179 29.46 27.18 -5.26
C ALA G 179 30.86 27.65 -4.89
N HIS G 180 31.64 27.97 -5.91
CA HIS G 180 33.03 28.41 -5.73
C HIS G 180 33.46 29.05 -7.03
N THR G 181 34.58 29.76 -6.98
CA THR G 181 35.32 30.13 -8.17
C THR G 181 36.59 29.30 -8.19
N ASP G 182 37.11 29.11 -9.39
CA ASP G 182 38.31 28.34 -9.57
C ASP G 182 39.52 29.22 -9.34
N ALA G 183 40.54 28.66 -8.70
CA ALA G 183 41.71 29.41 -8.28
C ALA G 183 42.65 29.75 -9.43
N GLY G 184 42.63 28.93 -10.49
CA GLY G 184 43.72 28.88 -11.45
C GLY G 184 43.57 29.79 -12.65
N GLY G 185 44.08 29.32 -13.78
CA GLY G 185 44.10 30.14 -14.98
C GLY G 185 42.90 29.91 -15.89
N ILE G 186 42.97 28.86 -16.70
CA ILE G 186 41.91 28.53 -17.64
C ILE G 186 41.55 27.06 -17.44
N ILE G 187 40.25 26.77 -17.44
CA ILE G 187 39.73 25.44 -17.12
C ILE G 187 39.01 24.92 -18.36
N LEU G 188 39.33 23.69 -18.75
CA LEU G 188 38.79 23.09 -19.97
C LEU G 188 38.06 21.82 -19.55
N LEU G 189 36.75 21.84 -19.69
CA LEU G 189 35.87 20.83 -19.13
C LEU G 189 35.23 20.03 -20.27
N PHE G 190 35.42 18.71 -20.23
CA PHE G 190 34.69 17.74 -21.04
C PHE G 190 33.66 17.13 -20.11
N GLN G 191 32.41 17.54 -20.26
CA GLN G 191 31.36 17.13 -19.33
C GLN G 191 30.40 16.17 -20.01
N ASP G 192 29.63 15.47 -19.18
CA ASP G 192 28.57 14.60 -19.65
C ASP G 192 27.75 15.30 -20.72
N ASP G 193 27.45 14.60 -21.80
CA ASP G 193 26.63 15.21 -22.84
C ASP G 193 25.14 14.90 -22.68
N LYS G 194 24.75 14.10 -21.68
CA LYS G 194 23.34 13.86 -21.41
C LYS G 194 22.88 14.48 -20.10
N VAL G 195 23.65 14.27 -19.02
CA VAL G 195 23.25 14.61 -17.67
C VAL G 195 23.71 16.02 -17.32
N SER G 196 22.78 16.92 -17.06
CA SER G 196 23.14 18.28 -16.72
C SER G 196 23.46 18.38 -15.22
N GLY G 197 23.88 19.56 -14.78
CA GLY G 197 24.22 19.73 -13.37
C GLY G 197 25.10 20.92 -13.09
N LEU G 198 26.04 21.23 -13.98
CA LEU G 198 26.92 22.39 -13.78
C LEU G 198 26.17 23.68 -14.07
N GLN G 199 26.23 24.63 -13.13
CA GLN G 199 25.55 25.90 -13.28
C GLN G 199 26.51 27.04 -12.95
N LEU G 200 26.35 28.16 -13.62
CA LEU G 200 27.11 29.36 -13.29
C LEU G 200 26.13 30.43 -12.83
N LEU G 201 26.64 31.38 -12.04
CA LEU G 201 25.84 32.46 -11.52
C LEU G 201 26.02 33.67 -12.42
N LYS G 202 24.93 34.16 -13.00
CA LYS G 202 24.98 35.32 -13.88
C LYS G 202 23.79 36.23 -13.62
N ASP G 203 24.07 37.51 -13.38
CA ASP G 203 23.03 38.53 -13.14
C ASP G 203 22.03 38.08 -12.07
N GLY G 204 22.52 37.42 -11.02
CA GLY G 204 21.68 37.00 -9.92
C GLY G 204 20.85 35.76 -10.16
N ASP G 205 21.19 34.94 -11.17
CA ASP G 205 20.47 33.71 -11.47
C ASP G 205 21.44 32.58 -11.74
N TRP G 206 21.06 31.37 -11.32
CA TRP G 206 21.80 30.17 -11.69
C TRP G 206 21.42 29.78 -13.10
N ILE G 207 22.41 29.66 -13.97
CA ILE G 207 22.19 29.31 -15.37
C ILE G 207 22.88 27.98 -15.65
N ASP G 208 22.15 27.04 -16.24
CA ASP G 208 22.74 25.76 -16.55
C ASP G 208 23.80 25.90 -17.66
N VAL G 209 24.89 25.17 -17.51
CA VAL G 209 25.88 25.05 -18.57
C VAL G 209 25.48 23.82 -19.41
N PRO G 210 24.86 24.02 -20.57
CA PRO G 210 24.12 22.92 -21.24
C PRO G 210 25.02 21.81 -21.74
N PRO G 211 24.68 20.56 -21.45
CA PRO G 211 25.43 19.44 -22.05
C PRO G 211 25.41 19.54 -23.58
N LEU G 212 26.58 19.38 -24.19
CA LEU G 212 26.66 19.47 -25.64
C LEU G 212 27.72 18.49 -26.15
N ASN G 213 27.31 17.56 -27.00
CA ASN G 213 28.18 16.46 -27.37
C ASN G 213 29.46 16.97 -28.04
N HIS G 214 30.58 16.31 -27.73
CA HIS G 214 31.90 16.66 -28.25
C HIS G 214 32.22 18.15 -28.14
N SER G 215 31.75 18.79 -27.08
CA SER G 215 32.11 20.17 -26.83
C SER G 215 33.06 20.23 -25.64
N ILE G 216 33.78 21.34 -25.52
CA ILE G 216 34.59 21.63 -24.34
C ILE G 216 34.03 22.89 -23.70
N VAL G 217 33.85 22.87 -22.38
CA VAL G 217 33.41 24.07 -21.65
C VAL G 217 34.65 24.77 -21.10
N ILE G 218 34.79 26.05 -21.40
CA ILE G 218 35.91 26.86 -20.95
C ILE G 218 35.43 27.80 -19.84
N ASN G 219 36.21 27.95 -18.77
CA ASN G 219 35.96 29.05 -17.85
C ASN G 219 37.29 29.59 -17.34
N LEU G 220 37.24 30.82 -16.83
CA LEU G 220 38.43 31.53 -16.38
C LEU G 220 38.51 31.50 -14.86
N GLY G 221 39.72 31.28 -14.33
CA GLY G 221 39.91 31.20 -12.89
C GLY G 221 40.40 32.52 -12.31
N ASP G 222 40.67 32.49 -11.00
CA ASP G 222 41.02 33.70 -10.26
C ASP G 222 42.29 34.36 -10.79
N GLN G 223 43.26 33.58 -11.27
CA GLN G 223 44.52 34.18 -11.70
C GLN G 223 44.31 35.09 -12.91
N LEU G 224 43.37 34.73 -13.80
CA LEU G 224 43.07 35.57 -14.96
C LEU G 224 42.30 36.83 -14.55
N GLU G 225 41.51 36.76 -13.47
CA GLU G 225 40.89 37.99 -12.99
C GLU G 225 41.97 38.98 -12.54
N VAL G 226 43.00 38.49 -11.84
CA VAL G 226 44.10 39.36 -11.41
C VAL G 226 44.84 39.93 -12.60
N ILE G 227 45.26 39.07 -13.53
CA ILE G 227 46.11 39.54 -14.63
C ILE G 227 45.37 40.57 -15.48
N THR G 228 44.06 40.39 -15.68
CA THR G 228 43.30 41.33 -16.50
C THR G 228 42.80 42.54 -15.71
N ASN G 229 43.20 42.69 -14.45
CA ASN G 229 42.77 43.83 -13.62
C ASN G 229 41.25 43.90 -13.54
N GLY G 230 40.60 42.74 -13.42
CA GLY G 230 39.16 42.66 -13.28
C GLY G 230 38.36 42.70 -14.56
N LYS G 231 39.01 42.85 -15.72
CA LYS G 231 38.25 42.93 -16.96
C LYS G 231 37.57 41.60 -17.29
N TYR G 232 38.22 40.49 -17.00
CA TYR G 232 37.62 39.15 -17.06
C TYR G 232 37.55 38.60 -15.65
N LYS G 233 36.34 38.47 -15.11
CA LYS G 233 36.19 37.97 -13.76
C LYS G 233 35.94 36.47 -13.71
N SER G 234 36.42 35.86 -12.64
CA SER G 234 36.20 34.46 -12.33
C SER G 234 34.80 34.34 -11.74
N VAL G 235 33.98 33.50 -12.33
CA VAL G 235 32.56 33.45 -12.05
C VAL G 235 32.24 32.28 -11.16
N LEU G 236 31.33 32.49 -10.20
CA LEU G 236 30.87 31.43 -9.32
C LEU G 236 30.09 30.37 -10.09
N HIS G 237 30.31 29.10 -9.73
CA HIS G 237 29.66 27.97 -10.38
C HIS G 237 29.48 26.86 -9.37
N ARG G 238 28.56 25.95 -9.67
CA ARG G 238 28.29 24.83 -8.77
C ARG G 238 27.85 23.64 -9.61
N VAL G 239 27.80 22.48 -8.96
CA VAL G 239 27.21 21.28 -9.56
C VAL G 239 26.06 20.84 -8.67
N VAL G 240 24.86 20.79 -9.23
CA VAL G 240 23.69 20.32 -8.51
C VAL G 240 23.50 18.83 -8.82
N THR G 241 23.01 18.07 -7.86
CA THR G 241 22.69 16.67 -8.07
C THR G 241 21.30 16.51 -8.68
N GLN G 242 21.02 15.28 -9.11
CA GLN G 242 19.69 14.89 -9.53
C GLN G 242 19.47 13.45 -9.12
N GLN G 243 18.19 13.04 -9.11
CA GLN G 243 17.87 11.71 -8.61
C GLN G 243 18.16 10.59 -9.60
N GLU G 244 18.14 10.85 -10.91
CA GLU G 244 18.53 9.82 -11.86
C GLU G 244 19.48 10.40 -12.88
N GLY G 245 20.60 9.72 -13.09
CA GLY G 245 21.69 10.24 -13.90
C GLY G 245 22.95 10.49 -13.09
N ASN G 246 24.07 10.03 -13.63
CA ASN G 246 25.38 10.14 -13.01
C ASN G 246 26.18 11.02 -13.97
N ARG G 247 26.36 12.29 -13.63
CA ARG G 247 27.04 13.20 -14.54
C ARG G 247 28.55 13.02 -14.44
N MET G 248 29.20 12.78 -15.57
CA MET G 248 30.65 12.66 -15.59
C MET G 248 31.26 14.04 -15.83
N SER G 249 32.47 14.25 -15.30
CA SER G 249 33.18 15.51 -15.45
C SER G 249 34.68 15.21 -15.57
N VAL G 250 35.28 15.59 -16.70
CA VAL G 250 36.73 15.46 -16.89
C VAL G 250 37.22 16.89 -17.11
N ALA G 251 37.77 17.51 -16.06
CA ALA G 251 38.05 18.94 -16.06
C ALA G 251 39.55 19.15 -15.90
N SER G 252 40.16 19.86 -16.85
CA SER G 252 41.60 20.07 -16.86
C SER G 252 41.93 21.51 -16.52
N PHE G 253 42.90 21.71 -15.63
CA PHE G 253 43.20 23.02 -15.06
C PHE G 253 44.59 23.44 -15.52
N TYR G 254 44.65 24.48 -16.36
CA TYR G 254 45.91 25.04 -16.83
C TYR G 254 46.22 26.24 -15.96
N ASN G 255 47.17 26.07 -15.05
CA ASN G 255 47.48 27.01 -13.97
C ASN G 255 48.93 27.51 -14.08
N PRO G 256 49.23 28.67 -13.50
CA PRO G 256 50.63 29.11 -13.46
C PRO G 256 51.48 28.10 -12.70
N GLY G 257 52.78 28.13 -12.98
CA GLY G 257 53.71 27.40 -12.14
C GLY G 257 53.66 27.91 -10.70
N SER G 258 54.08 27.05 -9.77
CA SER G 258 53.94 27.34 -8.35
C SER G 258 54.65 28.63 -7.95
N ASP G 259 55.80 28.91 -8.55
CA ASP G 259 56.56 30.10 -8.22
C ASP G 259 56.37 31.20 -9.25
N ALA G 260 55.33 31.11 -10.07
CA ALA G 260 55.03 32.19 -11.01
C ALA G 260 54.57 33.45 -10.27
N GLU G 261 55.03 34.60 -10.75
CA GLU G 261 54.62 35.90 -10.22
C GLU G 261 53.38 36.37 -10.98
N ILE G 262 52.30 36.58 -10.23
CA ILE G 262 51.00 36.96 -10.79
C ILE G 262 50.71 38.40 -10.38
N SER G 263 50.43 39.26 -11.36
CA SER G 263 50.11 40.65 -11.12
C SER G 263 49.25 41.16 -12.27
N PRO G 264 48.53 42.26 -12.07
CA PRO G 264 47.79 42.87 -13.19
C PRO G 264 48.75 43.36 -14.26
N ALA G 265 48.49 42.94 -15.50
CA ALA G 265 49.29 43.40 -16.63
C ALA G 265 49.22 44.92 -16.72
N THR G 266 50.39 45.55 -16.82
CA THR G 266 50.47 47.00 -16.66
C THR G 266 49.69 47.74 -17.73
N SER G 267 49.58 47.19 -18.94
CA SER G 267 48.84 47.85 -20.00
C SER G 267 47.33 47.82 -19.77
N LEU G 268 46.84 47.00 -18.84
CA LEU G 268 45.43 46.95 -18.48
C LEU G 268 45.12 47.74 -17.20
N VAL G 269 46.10 48.46 -16.67
CA VAL G 269 45.96 49.20 -15.43
C VAL G 269 46.20 50.67 -15.76
N GLU G 270 45.19 51.50 -15.53
CA GLU G 270 45.42 52.93 -15.57
C GLU G 270 45.33 53.47 -14.15
N LYS G 271 44.12 53.55 -13.61
CA LYS G 271 43.97 53.75 -12.18
C LYS G 271 44.62 52.59 -11.43
N ASP G 272 45.28 52.92 -10.31
CA ASP G 272 45.95 51.94 -9.48
C ASP G 272 45.06 50.71 -9.30
N SER G 273 45.64 49.54 -9.48
CA SER G 273 44.84 48.32 -9.44
C SER G 273 44.38 48.03 -8.01
N GLU G 274 43.17 47.49 -7.90
CA GLU G 274 42.67 46.96 -6.64
C GLU G 274 43.15 45.55 -6.39
N TYR G 275 43.76 44.86 -7.41
CA TYR G 275 44.18 43.48 -7.32
C TYR G 275 45.64 43.41 -6.86
N PRO G 276 46.00 42.37 -6.13
CA PRO G 276 47.37 42.24 -5.61
C PRO G 276 48.34 41.65 -6.64
N SER G 277 49.63 41.74 -6.29
CA SER G 277 50.72 41.04 -6.96
C SER G 277 51.30 40.03 -5.98
N PHE G 278 51.43 38.79 -6.39
CA PHE G 278 51.77 37.72 -5.46
C PHE G 278 52.41 36.57 -6.25
N VAL G 279 52.80 35.53 -5.53
CA VAL G 279 53.32 34.29 -6.11
C VAL G 279 52.19 33.26 -6.04
N PHE G 280 52.01 32.51 -7.14
CA PHE G 280 50.81 31.68 -7.31
C PHE G 280 50.65 30.67 -6.17
N ASP G 281 51.75 30.04 -5.74
CA ASP G 281 51.63 28.99 -4.74
C ASP G 281 51.16 29.52 -3.39
N ASP G 282 51.43 30.79 -3.09
CA ASP G 282 50.88 31.40 -1.88
C ASP G 282 49.37 31.55 -1.99
N TYR G 283 48.88 31.92 -3.16
CA TYR G 283 47.43 31.94 -3.38
C TYR G 283 46.83 30.55 -3.23
N MET G 284 47.52 29.53 -3.77
CA MET G 284 46.96 28.18 -3.73
C MET G 284 46.98 27.61 -2.33
N LYS G 285 48.03 27.92 -1.57
CA LYS G 285 48.06 27.42 -0.19
C LYS G 285 46.89 27.98 0.61
N LEU G 286 46.52 29.24 0.35
CA LEU G 286 45.36 29.82 1.01
C LEU G 286 44.06 29.24 0.48
N TYR G 287 43.94 29.15 -0.85
CA TYR G 287 42.70 28.73 -1.49
C TYR G 287 42.21 27.40 -0.95
N ALA G 288 43.14 26.46 -0.72
CA ALA G 288 42.76 25.11 -0.33
C ALA G 288 41.86 25.12 0.91
N GLY G 289 42.11 26.02 1.84
CA GLY G 289 41.32 26.04 3.07
C GLY G 289 40.01 26.81 3.00
N VAL G 290 39.84 27.68 2.01
CA VAL G 290 38.70 28.60 1.99
C VAL G 290 37.98 28.59 0.64
N LYS G 291 38.04 27.45 -0.05
CA LYS G 291 37.59 27.39 -1.44
C LYS G 291 36.10 27.74 -1.57
N PHE G 292 35.28 27.36 -0.59
CA PHE G 292 33.84 27.58 -0.66
C PHE G 292 33.38 28.80 0.13
N GLN G 293 34.33 29.62 0.62
CA GLN G 293 34.04 30.93 1.18
C GLN G 293 34.20 31.98 0.09
N PRO G 294 33.80 33.24 0.35
CA PRO G 294 33.85 34.25 -0.72
C PRO G 294 35.23 34.40 -1.33
N LYS G 295 35.22 34.77 -2.61
CA LYS G 295 36.47 34.95 -3.36
C LYS G 295 37.20 36.24 -2.94
N GLU G 296 36.46 37.33 -2.76
CA GLU G 296 37.10 38.63 -2.58
C GLU G 296 38.09 38.68 -1.41
N PRO G 297 37.85 38.05 -0.24
CA PRO G 297 38.90 38.06 0.79
C PRO G 297 40.21 37.40 0.37
N ARG G 298 40.21 36.49 -0.62
CA ARG G 298 41.48 35.86 -1.02
C ARG G 298 42.38 36.86 -1.74
N PHE G 299 41.81 37.77 -2.54
CA PHE G 299 42.60 38.82 -3.15
C PHE G 299 43.17 39.77 -2.09
N ALA G 300 42.36 40.17 -1.11
CA ALA G 300 42.85 41.08 -0.07
C ALA G 300 43.96 40.44 0.75
N ALA G 301 43.86 39.13 1.00
CA ALA G 301 44.86 38.43 1.79
C ALA G 301 46.23 38.39 1.11
N MET G 302 46.30 38.63 -0.20
CA MET G 302 47.58 38.59 -0.89
C MET G 302 48.33 39.91 -0.80
N LYS G 303 47.75 40.92 -0.16
CA LYS G 303 48.44 42.18 0.09
C LYS G 303 49.07 42.15 1.46
N LYS H 6 -30.18 7.45 31.03
CA LYS H 6 -29.38 7.05 29.87
C LYS H 6 -27.94 6.74 30.26
N PHE H 7 -27.68 5.53 30.73
CA PHE H 7 -26.34 5.18 31.17
C PHE H 7 -25.39 5.22 29.98
N PRO H 8 -24.24 5.88 30.10
CA PRO H 8 -23.36 6.04 28.92
C PRO H 8 -22.76 4.71 28.49
N VAL H 9 -22.96 4.39 27.21
CA VAL H 9 -22.30 3.26 26.56
C VAL H 9 -21.45 3.86 25.45
N VAL H 10 -20.16 3.61 25.51
CA VAL H 10 -19.18 4.18 24.58
C VAL H 10 -18.73 3.06 23.64
N ASP H 11 -18.82 3.31 22.35
CA ASP H 11 -18.40 2.38 21.32
C ASP H 11 -16.98 2.75 20.92
N LEU H 12 -15.99 1.97 21.38
CA LEU H 12 -14.60 2.34 21.15
C LEU H 12 -14.21 2.21 19.67
N SER H 13 -14.97 1.46 18.88
CA SER H 13 -14.71 1.39 17.44
C SER H 13 -15.02 2.71 16.74
N LYS H 14 -15.76 3.61 17.39
CA LYS H 14 -16.09 4.91 16.83
C LYS H 14 -15.03 5.97 17.06
N LEU H 15 -13.84 5.59 17.54
CA LEU H 15 -12.73 6.52 17.73
C LEU H 15 -11.84 6.74 16.51
N ASN H 16 -12.04 6.03 15.41
CA ASN H 16 -11.01 6.09 14.35
C ASN H 16 -11.30 7.13 13.28
N GLY H 17 -12.29 8.00 13.46
CA GLY H 17 -12.99 8.53 12.30
C GLY H 17 -13.53 9.94 12.40
N GLU H 18 -14.51 10.26 11.56
CA GLU H 18 -15.25 11.51 11.71
C GLU H 18 -15.99 11.52 13.04
N GLU H 19 -16.51 10.37 13.45
CA GLU H 19 -17.36 10.28 14.63
C GLU H 19 -16.58 10.27 15.93
N ARG H 20 -15.26 10.39 15.86
CA ARG H 20 -14.43 10.33 17.06
C ARG H 20 -14.65 11.53 17.97
N ASP H 21 -14.88 12.71 17.41
CA ASP H 21 -15.12 13.87 18.27
C ASP H 21 -16.34 13.63 19.15
N GLN H 22 -17.39 13.03 18.58
CA GLN H 22 -18.58 12.75 19.39
C GLN H 22 -18.32 11.64 20.39
N THR H 23 -17.52 10.63 20.04
CA THR H 23 -17.18 9.59 21.01
C THR H 23 -16.40 10.18 22.17
N MET H 24 -15.38 11.00 21.87
CA MET H 24 -14.59 11.62 22.94
C MET H 24 -15.45 12.49 23.83
N ALA H 25 -16.37 13.27 23.24
CA ALA H 25 -17.25 14.12 24.04
C ALA H 25 -18.12 13.29 24.99
N LEU H 26 -18.61 12.14 24.51
CA LEU H 26 -19.38 11.26 25.38
C LEU H 26 -18.51 10.70 26.50
N ILE H 27 -17.29 10.29 26.19
CA ILE H 27 -16.36 9.84 27.23
C ILE H 27 -16.13 10.95 28.25
N ASN H 28 -15.88 12.16 27.77
CA ASN H 28 -15.61 13.28 28.69
C ASN H 28 -16.81 13.56 29.57
N GLU H 29 -18.00 13.51 28.98
CA GLU H 29 -19.23 13.80 29.70
C GLU H 29 -19.52 12.75 30.76
N ALA H 30 -19.20 11.49 30.46
CA ALA H 30 -19.36 10.44 31.47
C ALA H 30 -18.39 10.64 32.63
N CYS H 31 -17.14 11.01 32.32
CA CYS H 31 -16.12 11.21 33.34
C CYS H 31 -16.48 12.33 34.29
N GLU H 32 -17.08 13.40 33.77
CA GLU H 32 -17.43 14.57 34.55
C GLU H 32 -18.67 14.34 35.39
N ASN H 33 -19.69 13.72 34.81
CA ASN H 33 -21.00 13.73 35.45
C ASN H 33 -21.52 12.36 35.86
N TRP H 34 -20.92 11.27 35.37
CA TRP H 34 -21.33 9.93 35.77
C TRP H 34 -20.29 9.21 36.62
N GLY H 35 -19.00 9.41 36.33
CA GLY H 35 -17.95 8.65 36.96
C GLY H 35 -17.86 7.20 36.52
N PHE H 36 -18.79 6.76 35.68
CA PHE H 36 -18.87 5.39 35.20
C PHE H 36 -19.23 5.44 33.72
N PHE H 37 -18.76 4.45 32.97
CA PHE H 37 -19.35 4.25 31.65
C PHE H 37 -18.99 2.84 31.19
N GLU H 38 -19.84 2.30 30.32
CA GLU H 38 -19.60 1.02 29.70
C GLU H 38 -18.94 1.23 28.34
N ILE H 39 -18.03 0.32 27.98
CA ILE H 39 -17.40 0.33 26.67
C ILE H 39 -17.74 -0.97 25.95
N VAL H 40 -18.02 -0.85 24.65
CA VAL H 40 -18.23 -1.99 23.75
C VAL H 40 -17.25 -1.85 22.60
N ASN H 41 -17.03 -2.98 21.90
CA ASN H 41 -16.06 -3.05 20.80
C ASN H 41 -14.68 -2.57 21.26
N HIS H 42 -14.25 -3.09 22.41
CA HIS H 42 -13.04 -2.65 23.10
C HIS H 42 -11.80 -3.44 22.72
N GLY H 43 -11.90 -4.39 21.80
CA GLY H 43 -10.74 -5.16 21.40
C GLY H 43 -10.45 -6.39 22.21
N LEU H 44 -11.22 -6.66 23.28
CA LEU H 44 -10.93 -7.89 24.01
C LEU H 44 -11.68 -9.07 23.39
N PRO H 45 -11.01 -10.19 23.09
CA PRO H 45 -11.71 -11.28 22.36
C PRO H 45 -12.90 -11.80 23.15
N HIS H 46 -14.05 -11.91 22.47
CA HIS H 46 -15.26 -12.34 23.17
C HIS H 46 -15.12 -13.76 23.68
N ASP H 47 -14.35 -14.60 22.99
CA ASP H 47 -14.04 -15.94 23.47
C ASP H 47 -13.14 -15.95 24.69
N LEU H 48 -12.28 -14.95 24.87
CA LEU H 48 -11.55 -14.91 26.13
C LEU H 48 -12.47 -14.48 27.26
N MET H 49 -13.32 -13.47 27.04
CA MET H 49 -14.32 -13.13 28.06
C MET H 49 -15.23 -14.31 28.40
N ASP H 50 -15.67 -15.08 27.39
CA ASP H 50 -16.57 -16.20 27.69
C ASP H 50 -15.88 -17.24 28.54
N LYS H 51 -14.61 -17.54 28.25
CA LYS H 51 -13.82 -18.44 29.09
C LYS H 51 -13.64 -17.88 30.49
N ILE H 52 -13.30 -16.59 30.61
CA ILE H 52 -13.11 -16.00 31.94
C ILE H 52 -14.39 -16.15 32.76
N GLU H 53 -15.53 -15.80 32.16
CA GLU H 53 -16.79 -15.92 32.88
C GLU H 53 -17.06 -17.36 33.26
N LYS H 54 -16.88 -18.28 32.30
CA LYS H 54 -17.17 -19.68 32.55
C LYS H 54 -16.33 -20.23 33.70
N MET H 55 -15.02 -20.02 33.65
CA MET H 55 -14.16 -20.54 34.70
C MET H 55 -14.35 -19.81 36.04
N THR H 56 -14.68 -18.51 36.01
CA THR H 56 -14.95 -17.81 37.26
C THR H 56 -16.16 -18.42 37.96
N LYS H 57 -17.25 -18.59 37.21
CA LYS H 57 -18.46 -19.13 37.80
C LYS H 57 -18.25 -20.57 38.27
N ASP H 58 -17.50 -21.37 37.51
CA ASP H 58 -17.27 -22.74 37.93
C ASP H 58 -16.28 -22.84 39.09
N HIS H 59 -15.33 -21.91 39.16
CA HIS H 59 -14.42 -21.89 40.31
C HIS H 59 -15.17 -21.50 41.58
N TYR H 60 -16.21 -20.67 41.47
CA TYR H 60 -17.05 -20.37 42.63
C TYR H 60 -17.71 -21.63 43.17
N LYS H 61 -18.32 -22.43 42.30
CA LYS H 61 -19.11 -23.55 42.79
C LYS H 61 -18.23 -24.65 43.40
N THR H 62 -17.00 -24.82 42.90
CA THR H 62 -16.14 -25.88 43.40
C THR H 62 -15.37 -25.47 44.66
N CYS H 63 -15.00 -24.19 44.80
CA CYS H 63 -14.08 -23.76 45.85
C CYS H 63 -14.65 -22.76 46.84
N GLN H 64 -15.57 -21.90 46.43
CA GLN H 64 -16.06 -20.84 47.30
C GLN H 64 -17.46 -21.07 47.86
N GLU H 65 -18.32 -21.79 47.14
CA GLU H 65 -19.74 -21.82 47.52
C GLU H 65 -19.96 -22.57 48.83
N GLN H 66 -19.30 -23.73 49.01
CA GLN H 66 -19.44 -24.45 50.27
C GLN H 66 -18.84 -23.66 51.43
N LYS H 67 -17.65 -23.09 51.23
CA LYS H 67 -17.04 -22.24 52.24
C LYS H 67 -17.91 -21.05 52.57
N PHE H 68 -18.56 -20.46 51.54
CA PHE H 68 -19.41 -19.30 51.77
C PHE H 68 -20.54 -19.63 52.72
N ASN H 69 -20.92 -20.90 52.81
CA ASN H 69 -21.98 -21.31 53.72
C ASN H 69 -21.39 -21.62 55.11
N GLU H 81 -31.08 -11.23 62.53
CA GLU H 81 -32.05 -11.11 61.43
C GLU H 81 -32.74 -9.73 61.43
N THR H 82 -31.92 -8.73 61.11
CA THR H 82 -32.14 -7.28 61.17
C THR H 82 -31.03 -6.64 60.33
N GLU H 83 -31.11 -5.31 60.15
CA GLU H 83 -30.22 -4.67 59.18
C GLU H 83 -28.77 -4.88 59.56
N VAL H 84 -28.00 -5.35 58.58
CA VAL H 84 -26.58 -5.61 58.72
C VAL H 84 -25.87 -4.59 57.85
N GLU H 85 -25.28 -3.57 58.48
CA GLU H 85 -24.64 -2.48 57.75
C GLU H 85 -23.13 -2.49 57.91
N ASP H 86 -22.56 -3.58 58.44
CA ASP H 86 -21.12 -3.70 58.65
C ASP H 86 -20.53 -4.95 58.03
N VAL H 87 -21.28 -5.66 57.19
CA VAL H 87 -20.80 -6.86 56.51
C VAL H 87 -21.23 -6.77 55.05
N ASP H 88 -20.38 -7.31 54.16
CA ASP H 88 -20.68 -7.42 52.75
C ASP H 88 -21.07 -8.87 52.42
N TRP H 89 -22.16 -9.04 51.68
CA TRP H 89 -22.63 -10.35 51.24
C TRP H 89 -21.88 -10.68 49.95
N GLU H 90 -20.65 -11.16 50.11
CA GLU H 90 -19.68 -11.19 49.02
C GLU H 90 -18.68 -12.31 49.22
N SER H 91 -18.32 -12.97 48.11
CA SER H 91 -17.28 -13.99 48.10
C SER H 91 -16.18 -13.52 47.14
N THR H 92 -14.94 -13.43 47.63
CA THR H 92 -13.87 -12.82 46.84
C THR H 92 -12.53 -13.52 47.05
N PHE H 93 -11.71 -13.45 46.01
CA PHE H 93 -10.27 -13.62 46.11
C PHE H 93 -9.62 -12.60 45.19
N TYR H 94 -8.34 -12.33 45.44
CA TYR H 94 -7.62 -11.27 44.74
C TYR H 94 -6.43 -11.83 43.97
N VAL H 95 -6.21 -11.30 42.78
CA VAL H 95 -5.08 -11.66 41.93
C VAL H 95 -4.24 -10.42 41.71
N ARG H 96 -2.94 -10.53 41.92
CA ARG H 96 -1.99 -9.45 41.66
C ARG H 96 -1.28 -9.71 40.34
N HIS H 97 -1.23 -8.69 39.49
CA HIS H 97 -0.49 -8.76 38.23
C HIS H 97 0.78 -7.92 38.26
N LEU H 98 0.66 -6.66 38.69
CA LEU H 98 1.80 -5.72 38.74
C LEU H 98 1.80 -5.02 40.11
N PRO H 99 2.98 -4.70 40.68
CA PRO H 99 4.25 -4.87 39.97
C PRO H 99 4.67 -6.29 39.89
N GLN H 100 4.21 -7.16 40.79
CA GLN H 100 4.75 -8.50 40.64
C GLN H 100 3.62 -9.51 40.83
N SER H 101 3.52 -10.47 39.90
CA SER H 101 2.37 -11.36 39.82
C SER H 101 2.44 -12.47 40.86
N ASN H 102 1.29 -12.73 41.47
CA ASN H 102 1.13 -13.89 42.34
C ASN H 102 0.20 -14.93 41.72
N LEU H 103 -0.03 -14.84 40.41
CA LEU H 103 -0.97 -15.73 39.74
C LEU H 103 -0.58 -17.19 39.94
N ASN H 104 0.72 -17.51 39.80
CA ASN H 104 1.16 -18.90 39.97
C ASN H 104 1.25 -19.32 41.43
N ASP H 105 0.74 -18.51 42.36
CA ASP H 105 0.77 -18.84 43.77
C ASP H 105 -0.61 -18.97 44.40
N ILE H 106 -1.68 -18.57 43.71
CA ILE H 106 -3.02 -18.80 44.21
C ILE H 106 -3.31 -20.29 44.09
N SER H 107 -3.55 -20.94 45.22
CA SER H 107 -3.47 -22.40 45.19
C SER H 107 -4.66 -23.00 44.45
N ASP H 108 -5.86 -22.48 44.66
CA ASP H 108 -7.08 -23.19 44.26
C ASP H 108 -7.56 -22.83 42.85
N VAL H 109 -6.68 -22.29 42.02
CA VAL H 109 -7.00 -21.92 40.64
C VAL H 109 -6.37 -22.95 39.70
N SER H 110 -7.12 -23.33 38.67
CA SER H 110 -6.66 -24.31 37.69
C SER H 110 -5.71 -23.68 36.67
N ASP H 111 -4.94 -24.54 35.99
CA ASP H 111 -4.07 -24.08 34.92
C ASP H 111 -4.79 -23.37 33.79
N GLU H 112 -5.91 -23.89 33.30
CA GLU H 112 -6.59 -23.15 32.24
C GLU H 112 -7.06 -21.78 32.74
N TYR H 113 -7.56 -21.70 33.98
CA TYR H 113 -8.02 -20.43 34.54
C TYR H 113 -6.85 -19.47 34.71
N ARG H 114 -5.70 -19.99 35.16
CA ARG H 114 -4.52 -19.15 35.35
C ARG H 114 -3.97 -18.61 34.04
N THR H 115 -3.96 -19.44 33.00
CA THR H 115 -3.49 -18.98 31.68
C THR H 115 -4.43 -17.96 31.07
N ALA H 116 -5.74 -18.16 31.21
CA ALA H 116 -6.69 -17.17 30.73
C ALA H 116 -6.60 -15.86 31.51
N MET H 117 -6.43 -15.93 32.83
CA MET H 117 -6.35 -14.69 33.62
C MET H 117 -5.10 -13.89 33.28
N LYS H 118 -3.99 -14.55 33.00
CA LYS H 118 -2.78 -13.84 32.59
C LYS H 118 -3.01 -13.10 31.27
N ASP H 119 -3.64 -13.76 30.30
CA ASP H 119 -3.87 -13.14 29.00
C ASP H 119 -4.90 -12.00 29.15
N PHE H 120 -5.99 -12.28 29.87
CA PHE H 120 -7.00 -11.27 30.12
C PHE H 120 -6.41 -10.06 30.86
N GLY H 121 -5.57 -10.32 31.87
CA GLY H 121 -4.98 -9.22 32.61
C GLY H 121 -4.06 -8.36 31.77
N LYS H 122 -3.27 -8.98 30.90
CA LYS H 122 -2.40 -8.19 30.02
C LYS H 122 -3.23 -7.31 29.10
N ARG H 123 -4.31 -7.85 28.53
CA ARG H 123 -5.14 -7.05 27.62
C ARG H 123 -5.84 -5.91 28.35
N LEU H 124 -6.29 -6.15 29.58
CA LEU H 124 -6.91 -5.07 30.33
C LEU H 124 -5.92 -4.00 30.73
N GLU H 125 -4.67 -4.38 30.98
CA GLU H 125 -3.65 -3.40 31.29
C GLU H 125 -3.38 -2.50 30.08
N ASN H 126 -3.31 -3.08 28.88
CA ASN H 126 -3.16 -2.26 27.68
C ASN H 126 -4.40 -1.40 27.44
N LEU H 127 -5.58 -1.93 27.73
CA LEU H 127 -6.79 -1.13 27.54
C LEU H 127 -6.88 -0.01 28.58
N ALA H 128 -6.45 -0.28 29.82
CA ALA H 128 -6.42 0.76 30.84
C ALA H 128 -5.55 1.94 30.40
N GLU H 129 -4.38 1.65 29.86
CA GLU H 129 -3.50 2.72 29.42
C GLU H 129 -4.06 3.43 28.19
N ASP H 130 -4.71 2.70 27.29
CA ASP H 130 -5.38 3.37 26.18
C ASP H 130 -6.47 4.31 26.69
N LEU H 131 -7.24 3.87 27.68
CA LEU H 131 -8.30 4.71 28.25
C LEU H 131 -7.70 5.93 28.96
N LEU H 132 -6.59 5.75 29.67
CA LEU H 132 -5.92 6.90 30.31
C LEU H 132 -5.46 7.92 29.30
N ASP H 133 -5.02 7.48 28.11
CA ASP H 133 -4.62 8.41 27.08
C ASP H 133 -5.82 9.14 26.48
N LEU H 134 -6.99 8.50 26.42
CA LEU H 134 -8.18 9.22 26.01
C LEU H 134 -8.55 10.28 27.04
N LEU H 135 -8.44 9.94 28.33
CA LEU H 135 -8.67 10.94 29.37
C LEU H 135 -7.72 12.13 29.21
N CYS H 136 -6.43 11.85 28.96
CA CYS H 136 -5.44 12.91 28.78
C CYS H 136 -5.86 13.87 27.67
N GLU H 137 -6.27 13.32 26.53
CA GLU H 137 -6.71 14.16 25.43
C GLU H 137 -7.90 15.02 25.83
N ASN H 138 -8.90 14.42 26.48
CA ASN H 138 -10.07 15.19 26.89
C ASN H 138 -9.69 16.26 27.93
N LEU H 139 -8.68 16.00 28.76
CA LEU H 139 -8.26 16.94 29.79
C LEU H 139 -7.30 18.00 29.30
N GLY H 140 -6.81 17.91 28.07
CA GLY H 140 -5.79 18.81 27.57
C GLY H 140 -4.38 18.52 28.06
N LEU H 141 -4.14 17.35 28.65
CA LEU H 141 -2.82 16.90 29.06
C LEU H 141 -2.12 16.13 27.94
N GLU H 142 -0.78 16.15 27.98
CA GLU H 142 0.02 15.46 26.98
C GLU H 142 -0.21 13.95 27.08
N LYS H 143 -0.06 13.26 25.95
CA LYS H 143 -0.27 11.81 25.98
C LYS H 143 0.79 11.15 26.87
N GLY H 144 0.38 10.10 27.57
CA GLY H 144 1.21 9.43 28.53
C GLY H 144 1.37 10.12 29.87
N TYR H 145 0.75 11.30 30.08
CA TYR H 145 0.91 12.02 31.34
C TYR H 145 0.43 11.19 32.53
N LEU H 146 -0.78 10.64 32.45
CA LEU H 146 -1.30 9.90 33.60
C LEU H 146 -0.53 8.61 33.81
N LYS H 147 -0.13 7.96 32.71
CA LYS H 147 0.70 6.77 32.83
C LYS H 147 2.02 7.08 33.52
N LYS H 148 2.64 8.21 33.17
CA LYS H 148 3.90 8.58 33.80
C LYS H 148 3.72 8.91 35.28
N VAL H 149 2.67 9.68 35.61
CA VAL H 149 2.36 9.98 37.01
C VAL H 149 2.18 8.69 37.80
N PHE H 150 1.49 7.70 37.22
CA PHE H 150 1.20 6.46 37.93
C PHE H 150 2.41 5.55 38.11
N HIS H 151 3.54 5.82 37.46
CA HIS H 151 4.59 4.80 37.42
C HIS H 151 5.34 4.66 38.74
N GLY H 152 5.68 5.77 39.41
CA GLY H 152 6.50 5.60 40.59
C GLY H 152 7.85 4.98 40.26
N THR H 153 8.38 4.17 41.17
CA THR H 153 9.64 3.47 40.92
C THR H 153 9.45 2.10 40.26
N LYS H 154 8.47 1.31 40.71
CA LYS H 154 8.30 -0.05 40.24
C LYS H 154 7.22 -0.22 39.17
N GLY H 155 6.62 0.86 38.67
CA GLY H 155 5.51 0.76 37.74
C GLY H 155 4.17 0.80 38.43
N PRO H 156 3.08 0.87 37.66
CA PRO H 156 1.75 0.93 38.27
C PRO H 156 1.46 -0.33 39.06
N THR H 157 0.51 -0.23 39.98
CA THR H 157 -0.03 -1.43 40.62
C THR H 157 -1.28 -1.87 39.86
N PHE H 158 -1.36 -3.15 39.53
CA PHE H 158 -2.46 -3.69 38.73
C PHE H 158 -2.86 -5.04 39.29
N GLY H 159 -4.12 -5.17 39.71
CA GLY H 159 -4.61 -6.44 40.24
C GLY H 159 -6.06 -6.63 39.90
N THR H 160 -6.55 -7.85 40.12
CA THR H 160 -7.94 -8.17 39.79
C THR H 160 -8.64 -8.79 40.99
N LYS H 161 -9.79 -8.22 41.33
CA LYS H 161 -10.65 -8.75 42.36
C LYS H 161 -11.75 -9.58 41.71
N VAL H 162 -11.80 -10.86 42.03
CA VAL H 162 -12.76 -11.80 41.46
C VAL H 162 -13.83 -12.04 42.52
N SER H 163 -15.05 -11.55 42.27
CA SER H 163 -16.11 -11.58 43.25
C SER H 163 -17.34 -12.30 42.71
N ASN H 164 -18.08 -12.92 43.63
CA ASN H 164 -19.43 -13.42 43.38
C ASN H 164 -20.34 -12.92 44.49
N TYR H 165 -21.56 -12.55 44.11
CA TYR H 165 -22.60 -12.11 45.05
C TYR H 165 -23.72 -13.12 45.00
N PRO H 166 -23.69 -14.12 45.87
CA PRO H 166 -24.68 -15.21 45.82
C PRO H 166 -26.05 -14.72 46.23
N PRO H 167 -27.10 -15.48 45.91
CA PRO H 167 -28.45 -15.07 46.30
C PRO H 167 -28.59 -14.85 47.80
N CYS H 168 -29.40 -13.86 48.16
CA CYS H 168 -29.64 -13.49 49.56
C CYS H 168 -31.14 -13.54 49.86
N PRO H 169 -31.59 -14.37 50.82
CA PRO H 169 -33.02 -14.40 51.14
C PRO H 169 -33.61 -13.05 51.51
N LYS H 170 -32.85 -12.19 52.17
CA LYS H 170 -33.35 -10.90 52.64
C LYS H 170 -32.44 -9.76 52.17
N PRO H 171 -32.57 -9.39 50.90
CA PRO H 171 -31.65 -8.36 50.36
C PRO H 171 -31.77 -7.01 51.03
N GLU H 172 -32.92 -6.67 51.61
CA GLU H 172 -33.06 -5.36 52.23
C GLU H 172 -32.37 -5.24 53.57
N MET H 173 -31.77 -6.33 54.09
CA MET H 173 -31.04 -6.32 55.35
C MET H 173 -29.54 -6.19 55.17
N ILE H 174 -29.00 -6.53 54.01
CA ILE H 174 -27.56 -6.54 53.83
C ILE H 174 -27.27 -6.21 52.37
N LYS H 175 -26.18 -5.48 52.16
CA LYS H 175 -25.72 -5.15 50.83
C LYS H 175 -24.74 -6.21 50.38
N GLY H 176 -24.66 -6.42 49.07
CA GLY H 176 -23.57 -7.22 48.54
C GLY H 176 -22.22 -6.57 48.81
N LEU H 177 -22.16 -5.25 48.71
CA LEU H 177 -20.97 -4.47 49.08
C LEU H 177 -21.40 -3.03 49.32
N ARG H 178 -21.04 -2.48 50.47
CA ARG H 178 -21.52 -1.17 50.90
C ARG H 178 -20.98 -0.04 50.03
N ALA H 179 -21.69 1.09 50.09
CA ALA H 179 -21.35 2.24 49.28
C ALA H 179 -19.94 2.75 49.59
N HIS H 180 -19.18 3.07 48.55
CA HIS H 180 -17.81 3.54 48.71
C HIS H 180 -17.38 4.19 47.40
N THR H 181 -16.28 4.92 47.46
CA THR H 181 -15.56 5.29 46.25
C THR H 181 -14.28 4.46 46.21
N ASP H 182 -13.77 4.22 45.01
CA ASP H 182 -12.56 3.42 44.88
C ASP H 182 -11.34 4.31 45.03
N ALA H 183 -10.32 3.77 45.69
CA ALA H 183 -9.16 4.57 46.04
C ALA H 183 -8.29 4.90 44.84
N GLY H 184 -8.25 4.04 43.83
CA GLY H 184 -7.16 4.02 42.87
C GLY H 184 -7.35 4.88 41.63
N GLY H 185 -6.82 4.40 40.51
CA GLY H 185 -6.83 5.21 39.31
C GLY H 185 -8.04 4.93 38.43
N ILE H 186 -7.95 3.88 37.63
CA ILE H 186 -9.03 3.50 36.72
C ILE H 186 -9.38 2.05 36.97
N ILE H 187 -10.68 1.75 36.97
CA ILE H 187 -11.20 0.42 37.33
C ILE H 187 -11.91 -0.14 36.10
N LEU H 188 -11.58 -1.37 35.74
CA LEU H 188 -12.18 -2.00 34.56
C LEU H 188 -12.91 -3.25 35.01
N LEU H 189 -14.23 -3.24 34.89
CA LEU H 189 -15.09 -4.26 35.47
C LEU H 189 -15.69 -5.10 34.36
N PHE H 190 -15.47 -6.42 34.44
CA PHE H 190 -16.18 -7.39 33.63
C PHE H 190 -17.23 -8.01 34.56
N GLN H 191 -18.49 -7.58 34.39
CA GLN H 191 -19.54 -8.02 35.29
C GLN H 191 -20.50 -8.97 34.59
N ASP H 192 -21.25 -9.69 35.41
CA ASP H 192 -22.34 -10.55 34.95
C ASP H 192 -23.21 -9.82 33.95
N ASP H 193 -23.55 -10.48 32.84
CA ASP H 193 -24.40 -9.87 31.82
C ASP H 193 -25.88 -10.22 31.97
N LYS H 194 -26.25 -11.05 32.94
CA LYS H 194 -27.66 -11.29 33.27
C LYS H 194 -28.06 -10.73 34.62
N VAL H 195 -27.25 -10.97 35.66
CA VAL H 195 -27.62 -10.64 37.04
C VAL H 195 -27.12 -9.24 37.37
N SER H 196 -28.04 -8.33 37.68
CA SER H 196 -27.71 -6.96 38.02
C SER H 196 -27.35 -6.85 39.51
N GLY H 197 -26.96 -5.65 39.93
CA GLY H 197 -26.60 -5.43 41.32
C GLY H 197 -25.76 -4.19 41.56
N LEU H 198 -24.84 -3.90 40.64
CA LEU H 198 -23.98 -2.73 40.81
C LEU H 198 -24.75 -1.44 40.55
N GLN H 199 -24.65 -0.48 41.47
CA GLN H 199 -25.34 0.79 41.33
C GLN H 199 -24.38 1.92 41.62
N LEU H 200 -24.57 3.06 40.95
CA LEU H 200 -23.82 4.26 41.27
C LEU H 200 -24.80 5.33 41.76
N LEU H 201 -24.28 6.27 42.53
CA LEU H 201 -25.08 7.37 43.05
C LEU H 201 -24.92 8.56 42.12
N LYS H 202 -26.02 9.03 41.55
CA LYS H 202 -25.97 10.19 40.66
C LYS H 202 -27.16 11.10 40.93
N ASP H 203 -26.87 12.37 41.21
CA ASP H 203 -27.90 13.39 41.43
C ASP H 203 -28.97 12.93 42.42
N GLY H 204 -28.52 12.28 43.50
CA GLY H 204 -29.43 11.90 44.57
C GLY H 204 -30.26 10.66 44.32
N ASP H 205 -29.89 9.83 43.34
CA ASP H 205 -30.58 8.58 43.02
C ASP H 205 -29.58 7.47 42.83
N TRP H 206 -29.94 6.27 43.27
CA TRP H 206 -29.19 5.08 42.92
C TRP H 206 -29.59 4.63 41.52
N ILE H 207 -28.59 4.48 40.64
CA ILE H 207 -28.80 4.13 39.24
C ILE H 207 -28.12 2.80 38.97
N ASP H 208 -28.85 1.87 38.36
CA ASP H 208 -28.25 0.59 38.04
C ASP H 208 -27.22 0.74 36.93
N VAL H 209 -26.11 0.02 37.07
CA VAL H 209 -25.10 -0.13 36.02
C VAL H 209 -25.51 -1.36 35.22
N PRO H 210 -26.14 -1.17 34.06
CA PRO H 210 -26.90 -2.27 33.42
C PRO H 210 -26.00 -3.38 32.92
N PRO H 211 -26.32 -4.63 33.25
CA PRO H 211 -25.58 -5.76 32.66
C PRO H 211 -25.65 -5.72 31.13
N LEU H 212 -24.49 -5.91 30.49
CA LEU H 212 -24.41 -5.88 29.03
C LEU H 212 -23.38 -6.87 28.52
N ASN H 213 -23.78 -7.74 27.59
CA ASN H 213 -22.89 -8.81 27.14
C ASN H 213 -21.59 -8.23 26.56
N HIS H 214 -20.48 -8.90 26.87
CA HIS H 214 -19.14 -8.57 26.33
C HIS H 214 -18.82 -7.09 26.44
N SER H 215 -19.26 -6.47 27.52
CA SER H 215 -18.90 -5.07 27.78
C SER H 215 -17.94 -4.99 28.96
N ILE H 216 -17.27 -3.85 29.08
CA ILE H 216 -16.45 -3.52 30.25
C ILE H 216 -17.03 -2.27 30.89
N VAL H 217 -17.18 -2.28 32.20
CA VAL H 217 -17.60 -1.10 32.94
C VAL H 217 -16.34 -0.38 33.45
N ILE H 218 -16.26 0.91 33.16
CA ILE H 218 -15.16 1.78 33.56
C ILE H 218 -15.67 2.70 34.65
N ASN H 219 -14.87 2.88 35.70
CA ASN H 219 -15.13 3.98 36.60
C ASN H 219 -13.79 4.55 37.09
N LEU H 220 -13.82 5.80 37.56
CA LEU H 220 -12.61 6.49 37.97
C LEU H 220 -12.51 6.51 39.48
N GLY H 221 -11.28 6.35 40.00
CA GLY H 221 -11.05 6.33 41.42
C GLY H 221 -10.60 7.69 41.97
N ASP H 222 -10.33 7.69 43.29
CA ASP H 222 -10.00 8.92 44.00
C ASP H 222 -8.74 9.61 43.43
N GLN H 223 -7.78 8.83 42.93
CA GLN H 223 -6.53 9.44 42.44
C GLN H 223 -6.78 10.32 41.23
N LEU H 224 -7.73 9.93 40.36
CA LEU H 224 -8.04 10.74 39.18
C LEU H 224 -8.82 12.00 39.56
N GLU H 225 -9.58 11.95 40.66
CA GLU H 225 -10.24 13.16 41.14
C GLU H 225 -9.20 14.19 41.54
N VAL H 226 -8.15 13.77 42.25
CA VAL H 226 -7.07 14.68 42.64
C VAL H 226 -6.34 15.24 41.42
N ILE H 227 -5.93 14.35 40.50
CA ILE H 227 -5.09 14.79 39.39
C ILE H 227 -5.84 15.77 38.50
N THR H 228 -7.16 15.57 38.34
CA THR H 228 -7.98 16.46 37.52
C THR H 228 -8.51 17.68 38.30
N ASN H 229 -8.11 17.85 39.55
CA ASN H 229 -8.51 19.01 40.37
C ASN H 229 -10.04 19.08 40.43
N GLY H 230 -10.67 17.91 40.62
CA GLY H 230 -12.10 17.81 40.76
C GLY H 230 -12.91 17.76 39.49
N LYS H 231 -12.27 17.92 38.31
CA LYS H 231 -13.04 17.90 37.07
C LYS H 231 -13.67 16.53 36.82
N TYR H 232 -12.97 15.45 37.18
CA TYR H 232 -13.53 14.10 37.17
C TYR H 232 -13.56 13.57 38.59
N LYS H 233 -14.76 13.41 39.16
CA LYS H 233 -14.84 12.93 40.53
C LYS H 233 -15.09 11.43 40.58
N SER H 234 -14.57 10.78 41.62
CA SER H 234 -14.88 9.38 41.86
C SER H 234 -16.23 9.28 42.55
N VAL H 235 -17.11 8.47 41.99
CA VAL H 235 -18.52 8.43 42.33
C VAL H 235 -18.78 7.25 43.26
N LEU H 236 -19.66 7.46 44.24
CA LEU H 236 -20.08 6.41 45.15
C LEU H 236 -20.84 5.32 44.40
N HIS H 237 -20.58 4.07 44.77
CA HIS H 237 -21.22 2.94 44.11
C HIS H 237 -21.37 1.83 45.13
N ARG H 238 -22.27 0.88 44.86
CA ARG H 238 -22.51 -0.22 45.79
C ARG H 238 -22.96 -1.44 44.99
N VAL H 239 -22.99 -2.60 45.65
CA VAL H 239 -23.61 -3.80 45.06
C VAL H 239 -24.73 -4.26 45.98
N VAL H 240 -25.94 -4.34 45.45
CA VAL H 240 -27.09 -4.83 46.19
C VAL H 240 -27.25 -6.31 45.88
N THR H 241 -27.74 -7.07 46.87
CA THR H 241 -28.02 -8.48 46.68
C THR H 241 -29.38 -8.67 46.02
N GLN H 242 -29.65 -9.92 45.63
CA GLN H 242 -30.96 -10.32 45.11
C GLN H 242 -31.28 -11.69 45.66
N GLN H 243 -32.58 -12.06 45.59
CA GLN H 243 -33.06 -13.33 46.14
C GLN H 243 -32.70 -14.52 45.26
N GLU H 244 -32.57 -14.31 43.96
CA GLU H 244 -32.20 -15.36 43.03
C GLU H 244 -31.11 -14.84 42.12
N GLY H 245 -30.08 -15.65 41.91
CA GLY H 245 -29.04 -15.18 41.01
C GLY H 245 -27.75 -14.84 41.75
N ASN H 246 -26.64 -15.27 41.17
CA ASN H 246 -25.31 -15.08 41.74
C ASN H 246 -24.55 -14.19 40.74
N ARG H 247 -24.40 -12.91 41.08
CA ARG H 247 -23.77 -11.96 40.17
C ARG H 247 -22.25 -12.12 40.24
N MET H 248 -21.63 -12.39 39.10
CA MET H 248 -20.18 -12.51 39.02
C MET H 248 -19.56 -11.13 38.78
N SER H 249 -18.33 -10.92 39.28
CA SER H 249 -17.62 -9.66 39.13
C SER H 249 -16.12 -9.92 39.02
N VAL H 250 -15.52 -9.51 37.90
CA VAL H 250 -14.07 -9.61 37.66
C VAL H 250 -13.60 -8.18 37.44
N ALA H 251 -13.02 -7.57 38.48
CA ALA H 251 -12.75 -6.13 38.52
C ALA H 251 -11.24 -5.89 38.62
N SER H 252 -10.69 -5.15 37.67
CA SER H 252 -9.24 -4.91 37.61
C SER H 252 -8.95 -3.46 37.97
N PHE H 253 -7.96 -3.26 38.82
CA PHE H 253 -7.67 -1.94 39.40
C PHE H 253 -6.28 -1.52 38.93
N TYR H 254 -6.24 -0.47 38.09
CA TYR H 254 -4.99 0.11 37.60
C TYR H 254 -4.70 1.33 38.48
N ASN H 255 -3.73 1.19 39.38
CA ASN H 255 -3.38 2.10 40.47
C ASN H 255 -1.97 2.65 40.28
N PRO H 256 -1.68 3.86 40.78
CA PRO H 256 -0.29 4.32 40.77
C PRO H 256 0.60 3.38 41.57
N GLY H 257 1.90 3.40 41.26
CA GLY H 257 2.87 2.74 42.11
C GLY H 257 2.87 3.32 43.52
N SER H 258 3.36 2.51 44.46
CA SER H 258 3.28 2.88 45.86
C SER H 258 3.93 4.23 46.15
N ASP H 259 5.05 4.55 45.47
CA ASP H 259 5.73 5.81 45.74
C ASP H 259 5.46 6.88 44.69
N ALA H 260 4.39 6.73 43.90
CA ALA H 260 4.01 7.78 42.97
C ALA H 260 3.54 9.02 43.74
N GLU H 261 3.96 10.17 43.25
CA GLU H 261 3.53 11.46 43.80
C GLU H 261 2.25 11.87 43.07
N ILE H 262 1.17 12.03 43.82
CA ILE H 262 -0.14 12.34 43.24
C ILE H 262 -0.46 13.79 43.59
N SER H 263 -0.75 14.59 42.58
CA SER H 263 -1.08 16.00 42.81
C SER H 263 -1.92 16.49 41.65
N PRO H 264 -2.68 17.56 41.84
CA PRO H 264 -3.45 18.12 40.72
C PRO H 264 -2.52 18.59 39.61
N ALA H 265 -2.82 18.16 38.39
CA ALA H 265 -2.06 18.61 37.23
C ALA H 265 -2.11 20.14 37.14
N THR H 266 -0.95 20.74 36.95
CA THR H 266 -0.83 22.19 37.05
C THR H 266 -1.68 22.91 36.02
N SER H 267 -1.83 22.32 34.83
CA SER H 267 -2.60 22.97 33.77
C SER H 267 -4.10 22.96 34.04
N LEU H 268 -4.57 22.17 35.00
CA LEU H 268 -5.97 22.13 35.39
C LEU H 268 -6.25 22.93 36.66
N VAL H 269 -5.25 23.67 37.15
CA VAL H 269 -5.34 24.45 38.37
C VAL H 269 -5.09 25.90 38.02
N GLU H 270 -6.05 26.78 38.33
CA GLU H 270 -5.74 28.20 38.30
C GLU H 270 -5.80 28.75 39.72
N LYS H 271 -7.01 28.94 40.24
CA LYS H 271 -7.16 29.19 41.66
C LYS H 271 -6.57 28.02 42.44
N ASP H 272 -6.01 28.32 43.62
CA ASP H 272 -5.35 27.31 44.43
C ASP H 272 -6.27 26.10 44.65
N SER H 273 -5.71 24.92 44.45
CA SER H 273 -6.51 23.70 44.51
C SER H 273 -6.94 23.38 45.94
N GLU H 274 -8.14 22.83 46.07
CA GLU H 274 -8.59 22.31 47.36
C GLU H 274 -8.09 20.91 47.63
N TYR H 275 -7.47 20.24 46.64
CA TYR H 275 -6.99 18.87 46.72
C TYR H 275 -5.53 18.81 47.16
N PRO H 276 -5.15 17.78 47.91
CA PRO H 276 -3.78 17.68 48.42
C PRO H 276 -2.83 17.10 47.38
N SER H 277 -1.53 17.22 47.70
CA SER H 277 -0.47 16.50 47.02
C SER H 277 0.15 15.55 48.03
N PHE H 278 0.29 14.29 47.64
CA PHE H 278 0.68 13.24 48.56
C PHE H 278 1.35 12.14 47.76
N VAL H 279 1.82 11.13 48.47
CA VAL H 279 2.38 9.92 47.87
C VAL H 279 1.32 8.84 47.97
N PHE H 280 1.15 8.06 46.89
CA PHE H 280 -0.03 7.20 46.78
C PHE H 280 -0.13 6.22 47.94
N ASP H 281 0.98 5.63 48.39
CA ASP H 281 0.88 4.60 49.42
C ASP H 281 0.43 5.15 50.78
N ASP H 282 0.65 6.45 51.04
CA ASP H 282 0.10 7.02 52.27
C ASP H 282 -1.42 7.11 52.19
N TYR H 283 -1.96 7.45 51.01
CA TYR H 283 -3.40 7.44 50.82
C TYR H 283 -3.98 6.02 50.98
N MET H 284 -3.28 5.01 50.45
CA MET H 284 -3.80 3.64 50.50
C MET H 284 -3.77 3.08 51.91
N LYS H 285 -2.68 3.30 52.65
CA LYS H 285 -2.67 2.89 54.05
C LYS H 285 -3.87 3.47 54.81
N LEU H 286 -4.18 4.74 54.58
CA LEU H 286 -5.33 5.36 55.22
C LEU H 286 -6.64 4.74 54.73
N TYR H 287 -6.78 4.60 53.41
CA TYR H 287 -8.03 4.14 52.79
C TYR H 287 -8.49 2.80 53.35
N ALA H 288 -7.57 1.86 53.58
CA ALA H 288 -7.97 0.52 53.99
C ALA H 288 -8.84 0.53 55.25
N GLY H 289 -8.54 1.44 56.20
CA GLY H 289 -9.31 1.45 57.44
C GLY H 289 -10.61 2.22 57.40
N VAL H 290 -10.79 3.10 56.40
CA VAL H 290 -11.94 4.01 56.41
C VAL H 290 -12.68 3.94 55.07
N LYS H 291 -12.66 2.78 54.42
CA LYS H 291 -13.15 2.66 53.06
C LYS H 291 -14.64 3.01 52.94
N PHE H 292 -15.42 2.69 53.97
CA PHE H 292 -16.86 2.91 53.94
C PHE H 292 -17.28 4.16 54.69
N GLN H 293 -16.34 4.99 55.12
CA GLN H 293 -16.63 6.32 55.65
C GLN H 293 -16.49 7.35 54.53
N PRO H 294 -16.89 8.60 54.77
CA PRO H 294 -16.88 9.58 53.68
C PRO H 294 -15.51 9.73 53.03
N LYS H 295 -15.56 10.06 51.74
CA LYS H 295 -14.34 10.27 50.95
C LYS H 295 -13.64 11.57 51.35
N GLU H 296 -14.40 12.65 51.53
CA GLU H 296 -13.78 13.97 51.67
C GLU H 296 -12.78 14.07 52.83
N PRO H 297 -13.00 13.45 53.99
CA PRO H 297 -11.94 13.47 55.03
C PRO H 297 -10.63 12.82 54.61
N ARG H 298 -10.63 11.91 53.63
CA ARG H 298 -9.37 11.28 53.22
C ARG H 298 -8.49 12.27 52.46
N PHE H 299 -9.08 13.14 51.63
CA PHE H 299 -8.31 14.19 50.98
C PHE H 299 -7.75 15.17 52.00
N ALA H 300 -8.57 15.58 52.98
CA ALA H 300 -8.12 16.52 54.01
C ALA H 300 -6.98 15.94 54.84
N ALA H 301 -7.04 14.63 55.11
CA ALA H 301 -6.03 13.95 55.91
C ALA H 301 -4.67 13.92 55.23
N MET H 302 -4.62 14.16 53.92
CA MET H 302 -3.36 14.16 53.19
C MET H 302 -2.67 15.52 53.20
N LYS H 303 -3.30 16.52 53.81
CA LYS H 303 -2.69 17.83 53.99
C LYS H 303 -2.01 17.92 55.35
ZN ZN I . -29.57 7.53 -25.82
C1 6PC J . -30.41 6.44 -28.32
C3 6PC J . -30.13 4.41 -27.15
C4 6PC J . -30.46 3.71 -28.31
C2 6PC J . -30.42 7.95 -28.35
C5 6PC J . -30.75 4.38 -29.45
C6 6PC J . -30.74 5.73 -29.48
O1 6PC J . -30.19 8.65 -27.30
O2 6PC J . -30.72 8.48 -29.47
N2 6PC J . -30.12 5.76 -27.18
ZN ZN K . 13.08 -20.48 8.17
C1 6PC L . 12.24 -21.41 5.56
C3 6PC L . 12.53 -23.41 6.78
C4 6PC L . 12.18 -24.14 5.64
C2 6PC L . 12.25 -19.89 5.54
C5 6PC L . 11.85 -23.48 4.49
C6 6PC L . 11.87 -22.13 4.42
O1 6PC L . 12.05 -19.33 4.43
O2 6PC L . 12.42 -19.22 6.62
N2 6PC L . 12.54 -22.06 6.70
ZN ZN M . -13.45 22.79 -9.99
C1 6PC N . -12.76 25.25 -8.55
C3 6PC N . -12.57 23.63 -6.85
C4 6PC N . -12.21 24.63 -5.95
C2 6PC N . -13.04 25.58 -10.01
C5 6PC N . -12.13 25.92 -6.37
C6 6PC N . -12.39 26.25 -7.66
O1 6PC N . -13.20 24.64 -10.85
O2 6PC N . -13.07 26.81 -10.31
N2 6PC N . -12.84 23.96 -8.13
ZN ZN O . 29.31 -5.92 24.61
C1 6PC P . 29.99 -3.64 26.10
C3 6PC P . 30.14 -5.23 27.84
C4 6PC P . 30.53 -4.22 28.72
C2 6PC P . 29.74 -3.29 24.65
C5 6PC P . 30.66 -2.95 28.27
C6 6PC P . 30.40 -2.63 26.98
O1 6PC P . 29.77 -2.06 24.36
O2 6PC P . 29.56 -4.20 23.77
N2 6PC P . 29.88 -4.91 26.54
ZN ZN Q . 15.90 -2.91 -41.82
C1 6PC R . 16.09 -1.93 -39.18
C3 6PC R . 16.13 0.09 -40.36
C4 6PC R . 16.28 0.77 -39.16
C2 6PC R . 15.96 -3.45 -39.15
C5 6PC R . 16.33 0.09 -37.99
C6 6PC R . 16.25 -1.26 -37.98
O1 6PC R . 16.15 -4.01 -38.03
O2 6PC R . 15.65 -4.11 -40.19
N2 6PC R . 16.03 -1.26 -40.35
ZN ZN S . -34.98 -27.45 12.30
C1 6PC T . -34.76 -26.51 14.97
C3 6PC T . -34.84 -24.48 13.80
C4 6PC T . -34.65 -23.80 15.00
C2 6PC T . -34.81 -28.00 14.97
C5 6PC T . -34.50 -24.49 16.16
C6 6PC T . -34.55 -25.84 16.18
O1 6PC T . -34.57 -28.57 16.07
O2 6PC T . -35.08 -28.66 13.90
N2 6PC T . -34.89 -25.83 13.81
ZN ZN U . 35.27 24.91 -10.29
C1 6PC V . 35.22 22.56 -11.88
C3 6PC V . 34.84 24.20 -13.52
C4 6PC V . 34.72 23.17 -14.47
C2 6PC V . 35.50 22.20 -10.43
C5 6PC V . 34.87 21.87 -14.09
C6 6PC V . 35.11 21.52 -12.81
O1 6PC V . 35.72 23.11 -9.56
O2 6PC V . 35.52 20.97 -10.16
N2 6PC V . 35.09 23.84 -12.25
ZN ZN W . -15.56 -0.03 44.18
C1 6PC X . -15.56 -2.39 42.68
C3 6PC X . -16.06 -0.82 41.00
C4 6PC X . -16.12 -1.86 40.08
C2 6PC X . -15.23 -2.70 44.12
C5 6PC X . -15.92 -3.14 40.48
C6 6PC X . -15.64 -3.44 41.77
O1 6PC X . -14.98 -1.75 44.94
O2 6PC X . -15.19 -3.93 44.43
N2 6PC X . -15.77 -1.12 42.29
#